data_3M6F
# 
_entry.id   3M6F 
# 
_audit_conform.dict_name       mmcif_pdbx.dic 
_audit_conform.dict_version    5.379 
_audit_conform.dict_location   http://mmcif.pdb.org/dictionaries/ascii/mmcif_pdbx.dic 
# 
loop_
_database_2.database_id 
_database_2.database_code 
_database_2.pdbx_database_accession 
_database_2.pdbx_DOI 
PDB   3M6F         pdb_00003m6f 10.2210/pdb3m6f/pdb 
RCSB  RCSB058166   ?            ?                   
WWPDB D_1000058166 ?            ?                   
# 
_pdbx_database_status.entry_id                        3M6F 
_pdbx_database_status.status_code                     REL 
_pdbx_database_status.deposit_site                    RCSB 
_pdbx_database_status.process_site                    RCSB 
_pdbx_database_status.recvd_initial_deposition_date   2010-03-15 
_pdbx_database_status.status_code_sf                  REL 
_pdbx_database_status.status_code_mr                  ? 
_pdbx_database_status.SG_entry                        ? 
_pdbx_database_status.pdb_format_compatible           Y 
_pdbx_database_status.status_code_cs                  ? 
_pdbx_database_status.methods_development_category    ? 
_pdbx_database_status.status_code_nmr_data            ? 
# 
_audit_author.name           'Sheriff, S.' 
_audit_author.pdbx_ordinal   1 
# 
loop_
_citation.id 
_citation.title 
_citation.journal_abbrev 
_citation.journal_volume 
_citation.page_first 
_citation.page_last 
_citation.year 
_citation.journal_id_ASTM 
_citation.country 
_citation.journal_id_ISSN 
_citation.journal_id_CSD 
_citation.book_publisher 
_citation.pdbx_database_id_PubMed 
_citation.pdbx_database_id_DOI 
primary 
;Small molecule antagonist of leukocyte function associated antigen-1 (LFA-1): structure-activity relationships leading to the identification of 6-((5S,9R)-9-(4-cyanophenyl)-3-(3,5-dichlorophenyl)-1-methyl-2,4-dioxo-1,3,7-triazaspiro[4.4]nonan-7-yl)nicotinic acid (BMS-688521).
;
J.Med.Chem. 53 3814 3830 2010 JMCMAR US 0022-2623 0151 ? 20405922 10.1021/jm100348u 
1       
;Discovery and Development of 5-[(5S,9R)-9-(4-Cyanophenyl)-3-(3,5-dichlorophenyl)-1-methyl-2,4-dioxo-1,3,7-triazaspiro [4.4]non-7-yl]methyl]-3-thiophenecarboxylicacid (BMS-587101) -- Small Molecule Antagonist of LFA-1
;
J.Med.Chem. 49 6946 6949 2006 JMCMAR US 0022-2623 0151 ? 17125246 ?                 
# 
loop_
_citation_author.citation_id 
_citation_author.name 
_citation_author.ordinal 
_citation_author.identifier_ORCID 
primary 'Watterson, S.H.'   1  ? 
primary 'Xiao, Z.'          2  ? 
primary 'Dodd, D.S.'        3  ? 
primary 'Tortolani, D.R.'   4  ? 
primary 'Vaccaro, W.'       5  ? 
primary 'Potin, D.'         6  ? 
primary 'Launay, M.'        7  ? 
primary 'Stetsko, D.K.'     8  ? 
primary 'Skala, S.'         9  ? 
primary 'Davis, P.M.'       10 ? 
primary 'Lee, D.'           11 ? 
primary 'Yang, X.'          12 ? 
primary 'McIntyre, K.W.'    13 ? 
primary 'Balimane, P.'      14 ? 
primary 'Patel, K.'         15 ? 
primary 'Yang, Z.'          16 ? 
primary 'Marathe, P.'       17 ? 
primary 'Kadiyala, P.'      18 ? 
primary 'Tebben, A.J.'      19 ? 
primary 'Sheriff, S.'       20 ? 
primary 'Chang, C.Y.'       21 ? 
primary 'Ziemba, T.'        22 ? 
primary 'Zhang, H.'         23 ? 
primary 'Chen, B.C.'        24 ? 
primary 'DelMonte, A.J.'    25 ? 
primary 'Aranibar, N.'      26 ? 
primary 'McKinnon, M.'      27 ? 
primary 'Barrish, J.C.'     28 ? 
primary 'Suchard, S.J.'     29 ? 
primary 'Murali Dhar, T.G.' 30 ? 
1       'Potin, D.'         31 ? 
1       'Launay, M.'        32 ? 
1       'Monatlik, F.'      33 ? 
1       'Malabre, P.'       34 ? 
1       'Fabreguettes, M.'  35 ? 
1       'Fouquet, A.'       36 ? 
1       'Maillet, M.'       37 ? 
1       'Nicolai, E.'       38 ? 
1       'Dorgeret, L.'      39 ? 
1       'Chevallier, F.'    40 ? 
1       'Besse, D.'         41 ? 
1       'Dufort, M.'        42 ? 
1       'Caussade, F.'      43 ? 
1       'Ahmad, S.Z.'       44 ? 
1       'Stetsko, D.K.'     45 ? 
1       'Skala, S.'         46 ? 
1       'Davis, P.M.'       47 ? 
1       'Balimane, P.'      48 ? 
1       'Patel, K.'         49 ? 
1       'Yang, Z.'          50 ? 
1       'Marathe, P.'       51 ? 
1       'Postelneck, J.'    52 ? 
1       'Townsend, R.M.'    53 ? 
1       'Sheriff, S.'       54 ? 
1       'Einspahr, H.'      55 ? 
1       'Kish, K.'          56 ? 
1       'Malley, M.F.'      57 ? 
1       'Gougoutas, J.Z.'   58 ? 
1       'Kadiyala, P.'      59 ? 
1       'Cheney, D.L.'      60 ? 
1       'Tejwani, R.W.'     61 ? 
1       'Murphy, D.K.'      62 ? 
1       'Mcintyre, K.W.'    63 ? 
1       'Yang, X.'          64 ? 
1       'Chao, S.'          65 ? 
1       'Leith, L.'         66 ? 
1       'Xiao, Z.'          67 ? 
1       'Mathur, A.'        68 ? 
1       'Chen, B.-C.'       69 ? 
1       'Wu, D.-R.'         70 ? 
1       'Traeger, S.C.'     71 ? 
1       'McKinnon, M.'      72 ? 
1       'Barrish, J.C.'     73 ? 
1       'Robl, J.A.'        74 ? 
1       'Iwanowicz, E.J.'   75 ? 
1       'Suchard, S.J.'     76 ? 
1       'Dhar, T.G.M.'      77 ? 
# 
_cell.entry_id           3M6F 
_cell.length_a           40.600 
_cell.length_b           63.600 
_cell.length_c           63.100 
_cell.angle_alpha        90.00 
_cell.angle_beta         90.00 
_cell.angle_gamma        90.00 
_cell.Z_PDB              4 
_cell.pdbx_unique_axis   ? 
_cell.length_a_esd       ? 
_cell.length_b_esd       ? 
_cell.length_c_esd       ? 
_cell.angle_alpha_esd    ? 
_cell.angle_beta_esd     ? 
_cell.angle_gamma_esd    ? 
# 
_symmetry.entry_id                         3M6F 
_symmetry.space_group_name_H-M             'P 21 21 21' 
_symmetry.pdbx_full_space_group_name_H-M   ? 
_symmetry.cell_setting                     ? 
_symmetry.Int_Tables_number                19 
_symmetry.space_group_name_Hall            ? 
# 
loop_
_entity.id 
_entity.type 
_entity.src_method 
_entity.pdbx_description 
_entity.formula_weight 
_entity.pdbx_number_of_molecules 
_entity.pdbx_ec 
_entity.pdbx_mutation 
_entity.pdbx_fragment 
_entity.details 
1 polymer     man 'Integrin alpha-L' 20935.980 1   ? ? 'UNP residues 154-332' ? 
2 non-polymer syn 
'6-[(5S,9R)-9-(4-cyanophenyl)-3-(3,5-dichlorophenyl)-1-methyl-2,4-dioxo-1,3,7-triazaspiro[4.4]non-7-yl]pyridine-3-carboxylic acid' 
536.366   1   ? ? ?                      ? 
3 non-polymer syn 'NITRATE ION' 62.005    1   ? ? ?                      ? 
4 water       nat water 18.015    101 ? ? ?                      ? 
# 
_entity_name_com.entity_id   1 
_entity_name_com.name        
;Leukocyte adhesion glycoprotein LFA-1 alpha chain, LFA-1A, Leukocyte function-associated molecule 1 alpha chain, CD11 antigen-like family member A
;
# 
_entity_poly.entity_id                      1 
_entity_poly.type                           'polypeptide(L)' 
_entity_poly.nstd_linkage                   no 
_entity_poly.nstd_monomer                   no 
_entity_poly.pdbx_seq_one_letter_code       
;GSHMNVDLVFLFDGSMSLQPDEFQKILDFMKDVMKKLSNTSYQFAAVQFSTSYKTEFDFSDYVKRKDPDALLKHVKHMLL
LTNTFGAINYVATEVFREELGARPDATKVLIIITDGEATDSGNIDAAKDIIRYIIGIGKHFQTKESQETLHKFASKPASE
FVKILDTFEKLKDLFTELQKKIY
;
_entity_poly.pdbx_seq_one_letter_code_can   
;GSHMNVDLVFLFDGSMSLQPDEFQKILDFMKDVMKKLSNTSYQFAAVQFSTSYKTEFDFSDYVKRKDPDALLKHVKHMLL
LTNTFGAINYVATEVFREELGARPDATKVLIIITDGEATDSGNIDAAKDIIRYIIGIGKHFQTKESQETLHKFASKPASE
FVKILDTFEKLKDLFTELQKKIY
;
_entity_poly.pdbx_strand_id                 A 
_entity_poly.pdbx_target_identifier         ? 
# 
loop_
_entity_poly_seq.entity_id 
_entity_poly_seq.num 
_entity_poly_seq.mon_id 
_entity_poly_seq.hetero 
1 1   GLY n 
1 2   SER n 
1 3   HIS n 
1 4   MET n 
1 5   ASN n 
1 6   VAL n 
1 7   ASP n 
1 8   LEU n 
1 9   VAL n 
1 10  PHE n 
1 11  LEU n 
1 12  PHE n 
1 13  ASP n 
1 14  GLY n 
1 15  SER n 
1 16  MET n 
1 17  SER n 
1 18  LEU n 
1 19  GLN n 
1 20  PRO n 
1 21  ASP n 
1 22  GLU n 
1 23  PHE n 
1 24  GLN n 
1 25  LYS n 
1 26  ILE n 
1 27  LEU n 
1 28  ASP n 
1 29  PHE n 
1 30  MET n 
1 31  LYS n 
1 32  ASP n 
1 33  VAL n 
1 34  MET n 
1 35  LYS n 
1 36  LYS n 
1 37  LEU n 
1 38  SER n 
1 39  ASN n 
1 40  THR n 
1 41  SER n 
1 42  TYR n 
1 43  GLN n 
1 44  PHE n 
1 45  ALA n 
1 46  ALA n 
1 47  VAL n 
1 48  GLN n 
1 49  PHE n 
1 50  SER n 
1 51  THR n 
1 52  SER n 
1 53  TYR n 
1 54  LYS n 
1 55  THR n 
1 56  GLU n 
1 57  PHE n 
1 58  ASP n 
1 59  PHE n 
1 60  SER n 
1 61  ASP n 
1 62  TYR n 
1 63  VAL n 
1 64  LYS n 
1 65  ARG n 
1 66  LYS n 
1 67  ASP n 
1 68  PRO n 
1 69  ASP n 
1 70  ALA n 
1 71  LEU n 
1 72  LEU n 
1 73  LYS n 
1 74  HIS n 
1 75  VAL n 
1 76  LYS n 
1 77  HIS n 
1 78  MET n 
1 79  LEU n 
1 80  LEU n 
1 81  LEU n 
1 82  THR n 
1 83  ASN n 
1 84  THR n 
1 85  PHE n 
1 86  GLY n 
1 87  ALA n 
1 88  ILE n 
1 89  ASN n 
1 90  TYR n 
1 91  VAL n 
1 92  ALA n 
1 93  THR n 
1 94  GLU n 
1 95  VAL n 
1 96  PHE n 
1 97  ARG n 
1 98  GLU n 
1 99  GLU n 
1 100 LEU n 
1 101 GLY n 
1 102 ALA n 
1 103 ARG n 
1 104 PRO n 
1 105 ASP n 
1 106 ALA n 
1 107 THR n 
1 108 LYS n 
1 109 VAL n 
1 110 LEU n 
1 111 ILE n 
1 112 ILE n 
1 113 ILE n 
1 114 THR n 
1 115 ASP n 
1 116 GLY n 
1 117 GLU n 
1 118 ALA n 
1 119 THR n 
1 120 ASP n 
1 121 SER n 
1 122 GLY n 
1 123 ASN n 
1 124 ILE n 
1 125 ASP n 
1 126 ALA n 
1 127 ALA n 
1 128 LYS n 
1 129 ASP n 
1 130 ILE n 
1 131 ILE n 
1 132 ARG n 
1 133 TYR n 
1 134 ILE n 
1 135 ILE n 
1 136 GLY n 
1 137 ILE n 
1 138 GLY n 
1 139 LYS n 
1 140 HIS n 
1 141 PHE n 
1 142 GLN n 
1 143 THR n 
1 144 LYS n 
1 145 GLU n 
1 146 SER n 
1 147 GLN n 
1 148 GLU n 
1 149 THR n 
1 150 LEU n 
1 151 HIS n 
1 152 LYS n 
1 153 PHE n 
1 154 ALA n 
1 155 SER n 
1 156 LYS n 
1 157 PRO n 
1 158 ALA n 
1 159 SER n 
1 160 GLU n 
1 161 PHE n 
1 162 VAL n 
1 163 LYS n 
1 164 ILE n 
1 165 LEU n 
1 166 ASP n 
1 167 THR n 
1 168 PHE n 
1 169 GLU n 
1 170 LYS n 
1 171 LEU n 
1 172 LYS n 
1 173 ASP n 
1 174 LEU n 
1 175 PHE n 
1 176 THR n 
1 177 GLU n 
1 178 LEU n 
1 179 GLN n 
1 180 LYS n 
1 181 LYS n 
1 182 ILE n 
1 183 TYR n 
# 
_entity_src_gen.entity_id                          1 
_entity_src_gen.pdbx_src_id                        1 
_entity_src_gen.pdbx_alt_source_flag               sample 
_entity_src_gen.pdbx_seq_type                      ? 
_entity_src_gen.pdbx_beg_seq_num                   ? 
_entity_src_gen.pdbx_end_seq_num                   ? 
_entity_src_gen.gene_src_common_name               human 
_entity_src_gen.gene_src_genus                     ? 
_entity_src_gen.pdbx_gene_src_gene                 'ITGAL, CD11A' 
_entity_src_gen.gene_src_species                   ? 
_entity_src_gen.gene_src_strain                    ? 
_entity_src_gen.gene_src_tissue                    ? 
_entity_src_gen.gene_src_tissue_fraction           ? 
_entity_src_gen.gene_src_details                   'REFOLDED FROM UREA MOL_ID: 2' 
_entity_src_gen.pdbx_gene_src_fragment             ? 
_entity_src_gen.pdbx_gene_src_scientific_name      'Homo sapiens' 
_entity_src_gen.pdbx_gene_src_ncbi_taxonomy_id     9606 
_entity_src_gen.pdbx_gene_src_variant              ? 
_entity_src_gen.pdbx_gene_src_cell_line            ? 
_entity_src_gen.pdbx_gene_src_atcc                 ? 
_entity_src_gen.pdbx_gene_src_organ                ? 
_entity_src_gen.pdbx_gene_src_organelle            ? 
_entity_src_gen.pdbx_gene_src_cell                 ? 
_entity_src_gen.pdbx_gene_src_cellular_location    ? 
_entity_src_gen.host_org_common_name               ? 
_entity_src_gen.pdbx_host_org_scientific_name      'Escherichia coli' 
_entity_src_gen.pdbx_host_org_ncbi_taxonomy_id     562 
_entity_src_gen.host_org_genus                     ? 
_entity_src_gen.pdbx_host_org_gene                 ? 
_entity_src_gen.pdbx_host_org_organ                ? 
_entity_src_gen.host_org_species                   ? 
_entity_src_gen.pdbx_host_org_tissue               ? 
_entity_src_gen.pdbx_host_org_tissue_fraction      ? 
_entity_src_gen.pdbx_host_org_strain               ? 
_entity_src_gen.pdbx_host_org_variant              ? 
_entity_src_gen.pdbx_host_org_cell_line            ? 
_entity_src_gen.pdbx_host_org_atcc                 ? 
_entity_src_gen.pdbx_host_org_culture_collection   ? 
_entity_src_gen.pdbx_host_org_cell                 ? 
_entity_src_gen.pdbx_host_org_organelle            ? 
_entity_src_gen.pdbx_host_org_cellular_location    ? 
_entity_src_gen.pdbx_host_org_vector_type          plasmid 
_entity_src_gen.pdbx_host_org_vector               ? 
_entity_src_gen.host_org_details                   ? 
_entity_src_gen.expression_system_id               ? 
_entity_src_gen.plasmid_name                       PET11C 
_entity_src_gen.plasmid_details                    ? 
_entity_src_gen.pdbx_description                   ? 
# 
_struct_ref.id                         1 
_struct_ref.db_name                    UNP 
_struct_ref.db_code                    ITAL_HUMAN 
_struct_ref.pdbx_db_accession          P20701 
_struct_ref.entity_id                  1 
_struct_ref.pdbx_seq_one_letter_code   
;NVDLVFLFDGSMSLQPDEFQKILDFMKDVMKKLSNTSYQFAAVQFSTSYKTEFDFSDYVKRKDPDALLKHVKHMLLLTNT
FGAINYVATEVFREELGARPDATKVLIIITDGEATDSGNIDAAKDIIRYIIGIGKHFQTKESQETLHKFASKPASEFVKI
LDTFEKLKDLFTELQKKIY
;
_struct_ref.pdbx_align_begin           154 
_struct_ref.pdbx_db_isoform            ? 
# 
_struct_ref_seq.align_id                      1 
_struct_ref_seq.ref_id                        1 
_struct_ref_seq.pdbx_PDB_id_code              3M6F 
_struct_ref_seq.pdbx_strand_id                A 
_struct_ref_seq.seq_align_beg                 5 
_struct_ref_seq.pdbx_seq_align_beg_ins_code   ? 
_struct_ref_seq.seq_align_end                 183 
_struct_ref_seq.pdbx_seq_align_end_ins_code   ? 
_struct_ref_seq.pdbx_db_accession             P20701 
_struct_ref_seq.db_align_beg                  154 
_struct_ref_seq.pdbx_db_align_beg_ins_code    ? 
_struct_ref_seq.db_align_end                  332 
_struct_ref_seq.pdbx_db_align_end_ins_code    ? 
_struct_ref_seq.pdbx_auth_seq_align_beg       129 
_struct_ref_seq.pdbx_auth_seq_align_end       307 
# 
loop_
_struct_ref_seq_dif.align_id 
_struct_ref_seq_dif.pdbx_pdb_id_code 
_struct_ref_seq_dif.mon_id 
_struct_ref_seq_dif.pdbx_pdb_strand_id 
_struct_ref_seq_dif.seq_num 
_struct_ref_seq_dif.pdbx_pdb_ins_code 
_struct_ref_seq_dif.pdbx_seq_db_name 
_struct_ref_seq_dif.pdbx_seq_db_accession_code 
_struct_ref_seq_dif.db_mon_id 
_struct_ref_seq_dif.pdbx_seq_db_seq_num 
_struct_ref_seq_dif.details 
_struct_ref_seq_dif.pdbx_auth_seq_num 
_struct_ref_seq_dif.pdbx_ordinal 
1 3M6F GLY A 1 ? UNP P20701 ? ? 'expression tag' 125 1 
1 3M6F SER A 2 ? UNP P20701 ? ? 'expression tag' 126 2 
1 3M6F HIS A 3 ? UNP P20701 ? ? 'expression tag' 127 3 
1 3M6F MET A 4 ? UNP P20701 ? ? 'expression tag' 128 4 
# 
loop_
_chem_comp.id 
_chem_comp.type 
_chem_comp.mon_nstd_flag 
_chem_comp.name 
_chem_comp.pdbx_synonyms 
_chem_comp.formula 
_chem_comp.formula_weight 
ALA 'L-peptide linking' y ALANINE ? 'C3 H7 N O2'        89.093  
ARG 'L-peptide linking' y ARGININE ? 'C6 H15 N4 O2 1'    175.209 
ASN 'L-peptide linking' y ASPARAGINE ? 'C4 H8 N2 O3'       132.118 
ASP 'L-peptide linking' y 'ASPARTIC ACID' ? 'C4 H7 N O4'        133.103 
BJZ non-polymer         . 
'6-[(5S,9R)-9-(4-cyanophenyl)-3-(3,5-dichlorophenyl)-1-methyl-2,4-dioxo-1,3,7-triazaspiro[4.4]non-7-yl]pyridine-3-carboxylic acid' 
? 'C26 H19 Cl2 N5 O4' 536.366 
GLN 'L-peptide linking' y GLUTAMINE ? 'C5 H10 N2 O3'      146.144 
GLU 'L-peptide linking' y 'GLUTAMIC ACID' ? 'C5 H9 N O4'        147.129 
GLY 'peptide linking'   y GLYCINE ? 'C2 H5 N O2'        75.067  
HIS 'L-peptide linking' y HISTIDINE ? 'C6 H10 N3 O2 1'    156.162 
HOH non-polymer         . WATER ? 'H2 O'              18.015  
ILE 'L-peptide linking' y ISOLEUCINE ? 'C6 H13 N O2'       131.173 
LEU 'L-peptide linking' y LEUCINE ? 'C6 H13 N O2'       131.173 
LYS 'L-peptide linking' y LYSINE ? 'C6 H15 N2 O2 1'    147.195 
MET 'L-peptide linking' y METHIONINE ? 'C5 H11 N O2 S'     149.211 
NO3 non-polymer         . 'NITRATE ION' ? 'N O3 -1'           62.005  
PHE 'L-peptide linking' y PHENYLALANINE ? 'C9 H11 N O2'       165.189 
PRO 'L-peptide linking' y PROLINE ? 'C5 H9 N O2'        115.130 
SER 'L-peptide linking' y SERINE ? 'C3 H7 N O3'        105.093 
THR 'L-peptide linking' y THREONINE ? 'C4 H9 N O3'        119.119 
TYR 'L-peptide linking' y TYROSINE ? 'C9 H11 N O3'       181.189 
VAL 'L-peptide linking' y VALINE ? 'C5 H11 N O2'       117.146 
# 
_exptl.crystals_number   1 
_exptl.entry_id          3M6F 
_exptl.method            'X-RAY DIFFRACTION' 
# 
_exptl_crystal.id                    1 
_exptl_crystal.density_Matthews      1.95 
_exptl_crystal.density_meas          ? 
_exptl_crystal.density_percent_sol   36.78 
_exptl_crystal.description           ? 
_exptl_crystal.F_000                 ? 
_exptl_crystal.preparation           ? 
# 
_diffrn.id                     1 
_diffrn.ambient_temp           100.000000 
_diffrn.ambient_temp_details   ? 
_diffrn.crystal_id             1 
# 
_diffrn_detector.diffrn_id              1 
_diffrn_detector.detector               CCD 
_diffrn_detector.type                   'RIGAKU SATURN 92' 
_diffrn_detector.pdbx_collection_date   2003-11-12 
_diffrn_detector.details                'MICROMAX CONFOCAL' 
# 
_diffrn_radiation.diffrn_id                        1 
_diffrn_radiation.pdbx_diffrn_protocol             'SINGLE WAVELENGTH' 
_diffrn_radiation.monochromator                    ? 
_diffrn_radiation.wavelength_id                    1 
_diffrn_radiation.pdbx_monochromatic_or_laue_m_l   M 
_diffrn_radiation.pdbx_scattering_type             x-ray 
# 
_diffrn_radiation_wavelength.id           1 
_diffrn_radiation_wavelength.wavelength   1.54178 
_diffrn_radiation_wavelength.wt           1.0 
# 
_diffrn_source.diffrn_id                   1 
_diffrn_source.source                      'ROTATING ANODE' 
_diffrn_source.type                        'RIGAKU FR-E' 
_diffrn_source.pdbx_wavelength_list        1.54178 
_diffrn_source.pdbx_synchrotron_beamline   ? 
_diffrn_source.pdbx_wavelength             ? 
_diffrn_source.pdbx_synchrotron_site       ? 
# 
_reflns.entry_id                     3M6F 
_reflns.d_resolution_high            1.850 
_reflns.d_resolution_low             50.000 
_reflns.number_obs                   13552 
_reflns.pdbx_Rmerge_I_obs            0.086 
_reflns.pdbx_netI_over_sigmaI        23.000 
_reflns.pdbx_redundancy              6.800 
_reflns.percent_possible_obs         93.300 
_reflns.B_iso_Wilson_estimate        15.600 
_reflns.observed_criterion_sigma_I   0.00 
_reflns.observed_criterion_sigma_F   ? 
_reflns.number_all                   ? 
_reflns.pdbx_Rsym_value              ? 
_reflns.R_free_details               ? 
_reflns.limit_h_max                  ? 
_reflns.limit_h_min                  ? 
_reflns.limit_k_max                  ? 
_reflns.limit_k_min                  ? 
_reflns.limit_l_max                  ? 
_reflns.limit_l_min                  ? 
_reflns.observed_criterion_F_max     ? 
_reflns.observed_criterion_F_min     ? 
_reflns.pdbx_chi_squared             ? 
_reflns.pdbx_scaling_rejects         ? 
_reflns.pdbx_diffrn_id               1 
_reflns.pdbx_ordinal                 1 
# 
_reflns_shell.d_res_high             1.85 
_reflns_shell.d_res_low              1.92 
_reflns_shell.number_measured_obs    ? 
_reflns_shell.number_measured_all    ? 
_reflns_shell.number_unique_obs      ? 
_reflns_shell.Rmerge_I_obs           0.310 
_reflns_shell.meanI_over_sigI_obs    5.8 
_reflns_shell.pdbx_Rsym_value        ? 
_reflns_shell.pdbx_chi_squared       ? 
_reflns_shell.pdbx_redundancy        6.60 
_reflns_shell.percent_possible_obs   ? 
_reflns_shell.number_unique_all      ? 
_reflns_shell.percent_possible_all   76.80 
_reflns_shell.pdbx_diffrn_id         ? 
_reflns_shell.pdbx_ordinal           1 
# 
_refine.entry_id                                 3M6F 
_refine.ls_d_res_high                            1.850 
_refine.ls_d_res_low                             28.400 
_refine.pdbx_ls_sigma_F                          0.00 
_refine.pdbx_data_cutoff_high_absF               1179626.000 
_refine.pdbx_data_cutoff_low_absF                0.000 
_refine.ls_percent_reflns_obs                    93.100 
_refine.ls_number_reflns_obs                     13520 
_refine.ls_number_reflns_all                     13520 
_refine.pdbx_ls_cross_valid_method               THROUGHOUT 
_refine.pdbx_R_Free_selection_details            RANDOM 
_refine.details                                  ? 
_refine.ls_R_factor_all                          ? 
_refine.ls_R_factor_obs                          0.193 
_refine.ls_R_factor_R_work                       0.192 
_refine.ls_wR_factor_R_work                      ? 
_refine.ls_R_factor_R_free                       0.227 
_refine.ls_wR_factor_R_free                      ? 
_refine.ls_percent_reflns_R_free                 5.100 
_refine.ls_number_reflns_R_free                  685 
_refine.ls_R_factor_R_free_error                 0.009 
_refine.B_iso_mean                               17.851 
_refine.solvent_model_param_bsol                 48.915 
_refine.solvent_model_param_ksol                 0.406 
_refine.pdbx_isotropic_thermal_model             RESTRAINED 
_refine.aniso_B[1][1]                            -0.960 
_refine.aniso_B[2][2]                            2.020 
_refine.aniso_B[3][3]                            -1.060 
_refine.aniso_B[1][2]                            0.000 
_refine.aniso_B[1][3]                            0.000 
_refine.aniso_B[2][3]                            0.000 
_refine.correlation_coeff_Fo_to_Fc               ? 
_refine.correlation_coeff_Fo_to_Fc_free          ? 
_refine.overall_SU_R_Cruickshank_DPI             ? 
_refine.overall_SU_R_free                        ? 
_refine.pdbx_overall_ESU_R_Free                  ? 
_refine.overall_SU_ML                            ? 
_refine.overall_SU_B                             ? 
_refine.solvent_model_details                    'FLAT MODEL' 
_refine.pdbx_solvent_vdw_probe_radii             ? 
_refine.pdbx_solvent_ion_probe_radii             ? 
_refine.pdbx_solvent_shrinkage_radii             ? 
_refine.ls_number_parameters                     ? 
_refine.ls_number_restraints                     ? 
_refine.pdbx_starting_model                      'PDB ENTRY 1LFA' 
_refine.pdbx_method_to_determine_struct          'MOLECULAR REPLACEMENT' 
_refine.pdbx_stereochemistry_target_values       ? 
_refine.pdbx_stereochem_target_val_spec_case     ? 
_refine.overall_FOM_work_R_set                   ? 
_refine.B_iso_max                                46.07 
_refine.B_iso_min                                7.48 
_refine.occupancy_max                            1.00 
_refine.occupancy_min                            0.00 
_refine.pdbx_ls_sigma_I                          ? 
_refine.ls_redundancy_reflns_obs                 ? 
_refine.ls_R_factor_R_free_error_details         ? 
_refine.pdbx_data_cutoff_high_rms_absF           ? 
_refine.overall_FOM_free_R_set                   ? 
_refine.pdbx_overall_phase_error                 ? 
_refine.pdbx_refine_id                           'X-RAY DIFFRACTION' 
_refine.pdbx_overall_ESU_R                       ? 
_refine.pdbx_diffrn_id                           1 
_refine.pdbx_TLS_residual_ADP_flag               ? 
_refine.pdbx_overall_SU_R_free_Cruickshank_DPI   ? 
_refine.pdbx_overall_SU_R_Blow_DPI               ? 
_refine.pdbx_overall_SU_R_free_Blow_DPI          ? 
# 
_refine_analyze.entry_id                        3M6F 
_refine_analyze.Luzzati_coordinate_error_obs    0.190 
_refine_analyze.Luzzati_sigma_a_obs             0.100 
_refine_analyze.Luzzati_d_res_low_obs           5.000 
_refine_analyze.Luzzati_coordinate_error_free   0.240 
_refine_analyze.Luzzati_sigma_a_free            0.180 
_refine_analyze.Luzzati_d_res_low_free          ? 
_refine_analyze.number_disordered_residues      ? 
_refine_analyze.occupancy_sum_non_hydrogen      ? 
_refine_analyze.occupancy_sum_hydrogen          ? 
_refine_analyze.pdbx_Luzzati_d_res_high_obs     ? 
_refine_analyze.pdbx_refine_id                  'X-RAY DIFFRACTION' 
# 
_refine_hist.pdbx_refine_id                   'X-RAY DIFFRACTION' 
_refine_hist.cycle_id                         LAST 
_refine_hist.pdbx_number_atoms_protein        1451 
_refine_hist.pdbx_number_atoms_nucleic_acid   0 
_refine_hist.pdbx_number_atoms_ligand         41 
_refine_hist.number_atoms_solvent             101 
_refine_hist.number_atoms_total               1593 
_refine_hist.d_res_high                       1.850 
_refine_hist.d_res_low                        28.400 
# 
loop_
_refine_ls_restr.type 
_refine_ls_restr.number 
_refine_ls_restr.dev_ideal 
_refine_ls_restr.dev_ideal_target 
_refine_ls_restr.weight 
_refine_ls_restr.pdbx_refine_id 
_refine_ls_restr.pdbx_restraint_function 
c_bond_d           ? 0.006  ?     ? 'X-RAY DIFFRACTION' ? 
c_angle_deg        ? 1.100  ?     ? 'X-RAY DIFFRACTION' ? 
c_dihedral_angle_d ? 21.800 ?     ? 'X-RAY DIFFRACTION' ? 
c_improper_angle_d ? 0.680  ?     ? 'X-RAY DIFFRACTION' ? 
c_mcbond_it        ? 1.200  1.500 ? 'X-RAY DIFFRACTION' ? 
c_mcangle_it       ? 1.710  2.000 ? 'X-RAY DIFFRACTION' ? 
c_scbond_it        ? 1.980  2.000 ? 'X-RAY DIFFRACTION' ? 
c_scangle_it       ? 2.710  2.500 ? 'X-RAY DIFFRACTION' ? 
# 
_refine_ls_shell.d_res_high                       1.850 
_refine_ls_shell.d_res_low                        1.930 
_refine_ls_shell.pdbx_total_number_of_bins_used   8 
_refine_ls_shell.percent_reflns_obs               78.700 
_refine_ls_shell.number_reflns_R_work             1339 
_refine_ls_shell.R_factor_all                     ? 
_refine_ls_shell.R_factor_R_work                  0.214 
_refine_ls_shell.R_factor_R_free                  0.270 
_refine_ls_shell.percent_reflns_R_free            4.900 
_refine_ls_shell.number_reflns_R_free             69 
_refine_ls_shell.R_factor_R_free_error            0.033 
_refine_ls_shell.number_reflns_all                1408 
_refine_ls_shell.number_reflns_obs                ? 
_refine_ls_shell.redundancy_reflns_obs            ? 
_refine_ls_shell.pdbx_refine_id                   'X-RAY DIFFRACTION' 
# 
_pdbx_refine.R_factor_all_no_cutoff                      0.193 
_pdbx_refine.R_factor_obs_no_cutoff                      0.192 
_pdbx_refine.free_R_factor_no_cutoff                     0.227 
_pdbx_refine.free_R_val_test_set_ct_no_cutoff            685 
_pdbx_refine.free_R_val_test_set_size_perc_no_cutoff     5.100 
_pdbx_refine.free_R_error_no_cutoff                      0.0090 
_pdbx_refine.pdbx_refine_id                              'X-RAY DIFFRACTION' 
_pdbx_refine.entry_id                                    3M6F 
_pdbx_refine.R_factor_all_4sig_cutoff                    ? 
_pdbx_refine.R_factor_obs_4sig_cutoff                    ? 
_pdbx_refine.free_R_factor_4sig_cutoff                   ? 
_pdbx_refine.free_R_val_test_set_size_perc_4sig_cutoff   ? 
_pdbx_refine.free_R_val_test_set_ct_4sig_cutoff          ? 
_pdbx_refine.number_reflns_obs_4sig_cutoff               ? 
# 
loop_
_pdbx_xplor_file.serial_no 
_pdbx_xplor_file.param_file 
_pdbx_xplor_file.topol_file 
_pdbx_xplor_file.pdbx_refine_id 
1 PROTEIN_REP.PARAM PROTEIN.TOP  'X-RAY DIFFRACTION' 
2 DNA-RNA_REP.PARAM WATER.TOP    'X-RAY DIFFRACTION' 
3 WATER_REP.PARAM   ION.TOP      'X-RAY DIFFRACTION' 
4 ION.PARAM         COMBINED.TOP 'X-RAY DIFFRACTION' 
5 BJZ.PAR           BJZ.TOP      'X-RAY DIFFRACTION' 
# 
_struct.entry_id                  3M6F 
_struct.title                     
;CD11A I-domain complexed with 6-((5S,9R)-9-(4-CYANOPHENYL)-3-(3,5-DICHLOROPHENYL)-1-METHYL-2,4-DIOXO-1,3,7- TRIAZASPIRO[4.4]NON-7-YL)NICOTINIC ACID
;
_struct.pdbx_model_details        ? 
_struct.pdbx_CASP_flag            ? 
_struct.pdbx_model_type_details   ? 
# 
_struct_keywords.entry_id        3M6F 
_struct_keywords.text            
;LFA1, INHIBITOR, Alternative splicing, Calcium, Cell adhesion, Disulfide bond, Glycoprotein, Integrin, Magnesium, Membrane, Polymorphism, Receptor, Transmembrane
;
_struct_keywords.pdbx_keywords   'CELL ADHESION' 
# 
loop_
_struct_asym.id 
_struct_asym.pdbx_blank_PDB_chainid_flag 
_struct_asym.pdbx_modified 
_struct_asym.entity_id 
_struct_asym.details 
A N N 1 ? 
B N N 2 ? 
C N N 3 ? 
D N N 4 ? 
# 
_struct_biol.id        1 
_struct_biol.details   ? 
# 
loop_
_struct_conf.conf_type_id 
_struct_conf.id 
_struct_conf.pdbx_PDB_helix_id 
_struct_conf.beg_label_comp_id 
_struct_conf.beg_label_asym_id 
_struct_conf.beg_label_seq_id 
_struct_conf.pdbx_beg_PDB_ins_code 
_struct_conf.end_label_comp_id 
_struct_conf.end_label_asym_id 
_struct_conf.end_label_seq_id 
_struct_conf.pdbx_end_PDB_ins_code 
_struct_conf.beg_auth_comp_id 
_struct_conf.beg_auth_asym_id 
_struct_conf.beg_auth_seq_id 
_struct_conf.end_auth_comp_id 
_struct_conf.end_auth_asym_id 
_struct_conf.end_auth_seq_id 
_struct_conf.pdbx_PDB_helix_class 
_struct_conf.details 
_struct_conf.pdbx_PDB_helix_length 
HELX_P HELX_P1  1  GLN A 19  ? LEU A 37  ? GLN A 143 LEU A 161 1 ? 19 
HELX_P HELX_P2  2  ASP A 58  ? LYS A 66  ? ASP A 182 LYS A 190 1 ? 9  
HELX_P HELX_P3  3  ASP A 67  ? LEU A 72  ? ASP A 191 LEU A 196 1 ? 6  
HELX_P HELX_P4  4  ASN A 83  ? VAL A 95  ? ASN A 207 VAL A 219 1 ? 13 
HELX_P HELX_P5  5  ARG A 97  ? GLY A 101 ? ARG A 221 GLY A 225 5 ? 5  
HELX_P HELX_P6  6  ILE A 124 ? LYS A 128 ? ILE A 248 LYS A 252 5 ? 5  
HELX_P HELX_P7  7  LYS A 139 ? GLN A 142 ? LYS A 263 GLN A 266 5 ? 4  
HELX_P HELX_P8  8  THR A 143 ? GLU A 148 ? THR A 267 GLU A 272 1 ? 6  
HELX_P HELX_P9  9  THR A 149 ? ALA A 154 ? THR A 273 ALA A 278 5 ? 6  
HELX_P HELX_P10 10 PRO A 157 ? PHE A 161 ? PRO A 281 PHE A 285 1 ? 5  
HELX_P HELX_P11 11 GLU A 169 ? LYS A 181 ? GLU A 293 LYS A 305 1 ? 13 
# 
_struct_conf_type.id          HELX_P 
_struct_conf_type.criteria    ? 
_struct_conf_type.reference   ? 
# 
_struct_mon_prot_cis.pdbx_id                1 
_struct_mon_prot_cis.label_comp_id          LYS 
_struct_mon_prot_cis.label_seq_id           156 
_struct_mon_prot_cis.label_asym_id          A 
_struct_mon_prot_cis.label_alt_id           . 
_struct_mon_prot_cis.pdbx_PDB_ins_code      ? 
_struct_mon_prot_cis.auth_comp_id           LYS 
_struct_mon_prot_cis.auth_seq_id            280 
_struct_mon_prot_cis.auth_asym_id           A 
_struct_mon_prot_cis.pdbx_label_comp_id_2   PRO 
_struct_mon_prot_cis.pdbx_label_seq_id_2    157 
_struct_mon_prot_cis.pdbx_label_asym_id_2   A 
_struct_mon_prot_cis.pdbx_PDB_ins_code_2    ? 
_struct_mon_prot_cis.pdbx_auth_comp_id_2    PRO 
_struct_mon_prot_cis.pdbx_auth_seq_id_2     281 
_struct_mon_prot_cis.pdbx_auth_asym_id_2    A 
_struct_mon_prot_cis.pdbx_PDB_model_num     1 
_struct_mon_prot_cis.pdbx_omega_angle       -2.39 
# 
_struct_sheet.id               A 
_struct_sheet.type             ? 
_struct_sheet.number_strands   6 
_struct_sheet.details          ? 
# 
loop_
_struct_sheet_order.sheet_id 
_struct_sheet_order.range_id_1 
_struct_sheet_order.range_id_2 
_struct_sheet_order.offset 
_struct_sheet_order.sense 
A 1 2 ? anti-parallel 
A 2 3 ? parallel      
A 3 4 ? parallel      
A 4 5 ? parallel      
A 5 6 ? parallel      
# 
loop_
_struct_sheet_range.sheet_id 
_struct_sheet_range.id 
_struct_sheet_range.beg_label_comp_id 
_struct_sheet_range.beg_label_asym_id 
_struct_sheet_range.beg_label_seq_id 
_struct_sheet_range.pdbx_beg_PDB_ins_code 
_struct_sheet_range.end_label_comp_id 
_struct_sheet_range.end_label_asym_id 
_struct_sheet_range.end_label_seq_id 
_struct_sheet_range.pdbx_end_PDB_ins_code 
_struct_sheet_range.beg_auth_comp_id 
_struct_sheet_range.beg_auth_asym_id 
_struct_sheet_range.beg_auth_seq_id 
_struct_sheet_range.end_auth_comp_id 
_struct_sheet_range.end_auth_asym_id 
_struct_sheet_range.end_auth_seq_id 
A 1 TYR A 53  ? PHE A 57  ? TYR A 177 PHE A 181 
A 2 TYR A 42  ? PHE A 49  ? TYR A 166 PHE A 173 
A 3 VAL A 6   ? ASP A 13  ? VAL A 130 ASP A 137 
A 4 THR A 107 ? THR A 114 ? THR A 231 THR A 238 
A 5 ILE A 131 ? ILE A 137 ? ILE A 255 ILE A 261 
A 6 VAL A 162 ? LEU A 165 ? VAL A 286 LEU A 289 
# 
loop_
_pdbx_struct_sheet_hbond.sheet_id 
_pdbx_struct_sheet_hbond.range_id_1 
_pdbx_struct_sheet_hbond.range_id_2 
_pdbx_struct_sheet_hbond.range_1_label_atom_id 
_pdbx_struct_sheet_hbond.range_1_label_comp_id 
_pdbx_struct_sheet_hbond.range_1_label_asym_id 
_pdbx_struct_sheet_hbond.range_1_label_seq_id 
_pdbx_struct_sheet_hbond.range_1_PDB_ins_code 
_pdbx_struct_sheet_hbond.range_1_auth_atom_id 
_pdbx_struct_sheet_hbond.range_1_auth_comp_id 
_pdbx_struct_sheet_hbond.range_1_auth_asym_id 
_pdbx_struct_sheet_hbond.range_1_auth_seq_id 
_pdbx_struct_sheet_hbond.range_2_label_atom_id 
_pdbx_struct_sheet_hbond.range_2_label_comp_id 
_pdbx_struct_sheet_hbond.range_2_label_asym_id 
_pdbx_struct_sheet_hbond.range_2_label_seq_id 
_pdbx_struct_sheet_hbond.range_2_PDB_ins_code 
_pdbx_struct_sheet_hbond.range_2_auth_atom_id 
_pdbx_struct_sheet_hbond.range_2_auth_comp_id 
_pdbx_struct_sheet_hbond.range_2_auth_asym_id 
_pdbx_struct_sheet_hbond.range_2_auth_seq_id 
A 1 2 O LYS A 54  ? O LYS A 178 N GLN A 48  ? N GLN A 172 
A 2 3 O GLN A 43  ? O GLN A 167 N LEU A 8   ? N LEU A 132 
A 3 4 N VAL A 9   ? N VAL A 133 O ILE A 111 ? O ILE A 235 
A 4 5 N ILE A 112 ? N ILE A 236 O ILE A 135 ? O ILE A 259 
A 5 6 N GLY A 136 ? N GLY A 260 O LYS A 163 ? O LYS A 287 
# 
loop_
_struct_site.id 
_struct_site.pdbx_evidence_code 
_struct_site.pdbx_auth_asym_id 
_struct_site.pdbx_auth_comp_id 
_struct_site.pdbx_auth_seq_id 
_struct_site.pdbx_auth_ins_code 
_struct_site.pdbx_num_residues 
_struct_site.details 
AC1 Software A BJZ 1   ? 10 'BINDING SITE FOR RESIDUE BJZ A 1'   
AC2 Software A NO3 401 ? 5  'BINDING SITE FOR RESIDUE NO3 A 401' 
# 
loop_
_struct_site_gen.id 
_struct_site_gen.site_id 
_struct_site_gen.pdbx_num_res 
_struct_site_gen.label_comp_id 
_struct_site_gen.label_asym_id 
_struct_site_gen.label_seq_id 
_struct_site_gen.pdbx_auth_ins_code 
_struct_site_gen.auth_comp_id 
_struct_site_gen.auth_asym_id 
_struct_site_gen.auth_seq_id 
_struct_site_gen.label_atom_id 
_struct_site_gen.label_alt_id 
_struct_site_gen.symmetry 
_struct_site_gen.details 
1  AC1 10 TYR A 42  ? TYR A 166 . ? 1_555 ? 
2  AC1 10 THR A 107 ? THR A 231 . ? 1_555 ? 
3  AC1 10 ILE A 111 ? ILE A 235 . ? 1_555 ? 
4  AC1 10 ILE A 131 ? ILE A 255 . ? 1_555 ? 
5  AC1 10 TYR A 133 ? TYR A 257 . ? 1_555 ? 
6  AC1 10 ILE A 135 ? ILE A 259 . ? 1_555 ? 
7  AC1 10 LYS A 163 ? LYS A 287 . ? 1_555 ? 
8  AC1 10 LEU A 178 ? LEU A 302 . ? 1_555 ? 
9  AC1 10 HOH D .   ? HOH A 408 . ? 1_555 ? 
10 AC1 10 HOH D .   ? HOH A 447 . ? 1_555 ? 
11 AC2 5  LYS A 152 ? LYS A 276 . ? 1_555 ? 
12 AC2 5  LYS A 156 ? LYS A 280 . ? 1_555 ? 
13 AC2 5  HOH D .   ? HOH A 444 . ? 4_456 ? 
14 AC2 5  HOH D .   ? HOH A 460 . ? 1_555 ? 
15 AC2 5  HOH D .   ? HOH A 491 . ? 1_555 ? 
# 
_atom_sites.entry_id                    3M6F 
_atom_sites.fract_transf_matrix[1][1]   0.00254658 
_atom_sites.fract_transf_matrix[1][2]   -0.00240462 
_atom_sites.fract_transf_matrix[1][3]   -0.02438071 
_atom_sites.fract_transf_matrix[2][1]   -0.01562782 
_atom_sites.fract_transf_matrix[2][2]   -0.00074408 
_atom_sites.fract_transf_matrix[2][3]   -0.00155895 
_atom_sites.fract_transf_matrix[3][1]   -0.00058897 
_atom_sites.fract_transf_matrix[3][2]   0.01575446 
_atom_sites.fract_transf_matrix[3][3]   -0.00161535 
_atom_sites.fract_transf_vector[1]      0.036897 
_atom_sites.fract_transf_vector[2]      0.035924 
_atom_sites.fract_transf_vector[3]      0.436458 
# 
loop_
_atom_type.symbol 
C  
CL 
N  
O  
S  
# 
loop_
_atom_site.group_PDB 
_atom_site.id 
_atom_site.type_symbol 
_atom_site.label_atom_id 
_atom_site.label_alt_id 
_atom_site.label_comp_id 
_atom_site.label_asym_id 
_atom_site.label_entity_id 
_atom_site.label_seq_id 
_atom_site.pdbx_PDB_ins_code 
_atom_site.Cartn_x 
_atom_site.Cartn_y 
_atom_site.Cartn_z 
_atom_site.occupancy 
_atom_site.B_iso_or_equiv 
_atom_site.pdbx_formal_charge 
_atom_site.auth_seq_id 
_atom_site.auth_comp_id 
_atom_site.auth_asym_id 
_atom_site.auth_atom_id 
_atom_site.pdbx_PDB_model_num 
ATOM   1    N  N    . MET A 1 4   ? -0.861  -7.157  16.919  1.00 32.92 ? 128 MET A N    1 
ATOM   2    C  CA   . MET A 1 4   ? -1.714  -8.377  16.983  1.00 30.97 ? 128 MET A CA   1 
ATOM   3    C  C    . MET A 1 4   ? -1.643  -9.194  15.708  1.00 30.03 ? 128 MET A C    1 
ATOM   4    O  O    . MET A 1 4   ? -0.672  -9.098  14.953  1.00 31.49 ? 128 MET A O    1 
ATOM   5    N  N    . ASN A 1 5   ? -2.670  -10.006 15.474  1.00 28.37 ? 129 ASN A N    1 
ATOM   6    C  CA   . ASN A 1 5   ? -2.779  -10.799 14.253  1.00 25.59 ? 129 ASN A CA   1 
ATOM   7    C  C    . ASN A 1 5   ? -3.267  -9.900  13.117  1.00 23.08 ? 129 ASN A C    1 
ATOM   8    O  O    . ASN A 1 5   ? -4.472  -9.690  12.958  1.00 21.94 ? 129 ASN A O    1 
ATOM   9    C  CB   . ASN A 1 5   ? -3.778  -11.938 14.462  1.00 27.93 ? 129 ASN A CB   1 
ATOM   10   C  CG   . ASN A 1 5   ? -3.186  -13.301 14.160  1.00 31.43 ? 129 ASN A CG   1 
ATOM   11   O  OD1  . ASN A 1 5   ? -2.073  -13.622 14.588  1.00 32.44 ? 129 ASN A OD1  1 
ATOM   12   N  ND2  . ASN A 1 5   ? -3.934  -14.119 13.423  1.00 34.71 ? 129 ASN A ND2  1 
ATOM   13   N  N    . VAL A 1 6   ? -2.330  -9.365  12.340  1.00 19.33 ? 130 VAL A N    1 
ATOM   14   C  CA   . VAL A 1 6   ? -2.664  -8.457  11.248  1.00 16.06 ? 130 VAL A CA   1 
ATOM   15   C  C    . VAL A 1 6   ? -2.205  -8.990  9.900   1.00 15.09 ? 130 VAL A C    1 
ATOM   16   O  O    . VAL A 1 6   ? -1.042  -9.358  9.732   1.00 15.48 ? 130 VAL A O    1 
ATOM   17   C  CB   . VAL A 1 6   ? -2.024  -7.072  11.457  1.00 15.81 ? 130 VAL A CB   1 
ATOM   18   C  CG1  . VAL A 1 6   ? -2.301  -6.182  10.253  1.00 16.15 ? 130 VAL A CG1  1 
ATOM   19   C  CG2  . VAL A 1 6   ? -2.576  -6.430  12.723  1.00 17.35 ? 130 VAL A CG2  1 
ATOM   20   N  N    . ASP A 1 7   ? -3.132  -9.034  8.948   1.00 14.84 ? 131 ASP A N    1 
ATOM   21   C  CA   . ASP A 1 7   ? -2.813  -9.323  7.555   1.00 12.45 ? 131 ASP A CA   1 
ATOM   22   C  C    . ASP A 1 7   ? -2.767  -7.982  6.828   1.00 12.85 ? 131 ASP A C    1 
ATOM   23   O  O    . ASP A 1 7   ? -3.808  -7.376  6.567   1.00 12.67 ? 131 ASP A O    1 
ATOM   24   C  CB   . ASP A 1 7   ? -3.901  -10.196 6.925   1.00 15.01 ? 131 ASP A CB   1 
ATOM   25   C  CG   . ASP A 1 7   ? -3.811  -11.660 7.344   1.00 14.59 ? 131 ASP A CG   1 
ATOM   26   O  OD1  . ASP A 1 7   ? -2.821  -12.057 7.998   1.00 14.53 ? 131 ASP A OD1  1 
ATOM   27   O  OD2  . ASP A 1 7   ? -4.743  -12.416 7.006   1.00 14.93 ? 131 ASP A OD2  1 
ATOM   28   N  N    . LEU A 1 8   ? -1.567  -7.517  6.503   1.00 10.50 ? 132 LEU A N    1 
ATOM   29   C  CA   . LEU A 1 8   ? -1.423  -6.182  5.927   1.00 11.48 ? 132 LEU A CA   1 
ATOM   30   C  C    . LEU A 1 8   ? -0.973  -6.258  4.476   1.00 11.05 ? 132 LEU A C    1 
ATOM   31   O  O    . LEU A 1 8   ? -0.030  -6.976  4.146   1.00 11.26 ? 132 LEU A O    1 
ATOM   32   C  CB   . LEU A 1 8   ? -0.422  -5.359  6.750   1.00 11.59 ? 132 LEU A CB   1 
ATOM   33   C  CG   . LEU A 1 8   ? -0.181  -3.901  6.339   1.00 12.02 ? 132 LEU A CG   1 
ATOM   34   C  CD1  . LEU A 1 8   ? 0.245   -3.098  7.555   1.00 13.05 ? 132 LEU A CD1  1 
ATOM   35   C  CD2  . LEU A 1 8   ? 0.880   -3.826  5.253   1.00 9.76  ? 132 LEU A CD2  1 
ATOM   36   N  N    . VAL A 1 9   ? -1.658  -5.516  3.609   1.00 11.38 ? 133 VAL A N    1 
ATOM   37   C  CA   . VAL A 1 9   ? -1.314  -5.478  2.192   1.00 10.85 ? 133 VAL A CA   1 
ATOM   38   C  C    . VAL A 1 9   ? -0.799  -4.095  1.801   1.00 10.38 ? 133 VAL A C    1 
ATOM   39   O  O    . VAL A 1 9   ? -1.417  -3.085  2.131   1.00 10.94 ? 133 VAL A O    1 
ATOM   40   C  CB   . VAL A 1 9   ? -2.546  -5.805  1.312   1.00 11.10 ? 133 VAL A CB   1 
ATOM   41   C  CG1  . VAL A 1 9   ? -2.188  -5.662  -0.159  1.00 12.38 ? 133 VAL A CG1  1 
ATOM   42   C  CG2  . VAL A 1 9   ? -3.049  -7.219  1.612   1.00 10.08 ? 133 VAL A CG2  1 
ATOM   43   N  N    . PHE A 1 10  ? 0.334   -4.050  1.105   1.00 9.36  ? 134 PHE A N    1 
ATOM   44   C  CA   . PHE A 1 10  ? 0.793   -2.812  0.482   1.00 9.28  ? 134 PHE A CA   1 
ATOM   45   C  C    . PHE A 1 10  ? 0.250   -2.782  -0.936  1.00 9.85  ? 134 PHE A C    1 
ATOM   46   O  O    . PHE A 1 10  ? 0.414   -3.742  -1.686  1.00 9.83  ? 134 PHE A O    1 
ATOM   47   C  CB   . PHE A 1 10  ? 2.322   -2.755  0.418   1.00 9.16  ? 134 PHE A CB   1 
ATOM   48   C  CG   . PHE A 1 10  ? 2.993   -2.785  1.760   1.00 12.57 ? 134 PHE A CG   1 
ATOM   49   C  CD1  . PHE A 1 10  ? 3.060   -1.646  2.545   1.00 11.00 ? 134 PHE A CD1  1 
ATOM   50   C  CD2  . PHE A 1 10  ? 3.588   -3.949  2.222   1.00 13.15 ? 134 PHE A CD2  1 
ATOM   51   C  CE1  . PHE A 1 10  ? 3.714   -1.667  3.770   1.00 13.26 ? 134 PHE A CE1  1 
ATOM   52   C  CE2  . PHE A 1 10  ? 4.241   -3.974  3.442   1.00 15.54 ? 134 PHE A CE2  1 
ATOM   53   C  CZ   . PHE A 1 10  ? 4.303   -2.829  4.215   1.00 12.79 ? 134 PHE A CZ   1 
ATOM   54   N  N    . LEU A 1 11  ? -0.399  -1.681  -1.297  1.00 8.57  ? 135 LEU A N    1 
ATOM   55   C  CA   . LEU A 1 11  ? -0.865  -1.479  -2.662  1.00 9.93  ? 135 LEU A CA   1 
ATOM   56   C  C    . LEU A 1 11  ? -0.154  -0.238  -3.185  1.00 9.61  ? 135 LEU A C    1 
ATOM   57   O  O    . LEU A 1 11  ? -0.505  0.882   -2.807  1.00 12.18 ? 135 LEU A O    1 
ATOM   58   C  CB   . LEU A 1 11  ? -2.386  -1.263  -2.678  1.00 8.73  ? 135 LEU A CB   1 
ATOM   59   C  CG   . LEU A 1 11  ? -3.040  -0.968  -4.031  1.00 10.55 ? 135 LEU A CG   1 
ATOM   60   C  CD1  . LEU A 1 11  ? -2.768  -2.119  -4.998  1.00 9.46  ? 135 LEU A CD1  1 
ATOM   61   C  CD2  . LEU A 1 11  ? -4.544  -0.766  -3.840  1.00 11.65 ? 135 LEU A CD2  1 
ATOM   62   N  N    . PHE A 1 12  ? 0.850   -0.435  -4.038  1.00 10.26 ? 136 PHE A N    1 
ATOM   63   C  CA   . PHE A 1 12  ? 1.713   0.671   -4.439  1.00 9.85  ? 136 PHE A CA   1 
ATOM   64   C  C    . PHE A 1 12  ? 1.674   1.040   -5.918  1.00 9.15  ? 136 PHE A C    1 
ATOM   65   O  O    . PHE A 1 12  ? 1.645   0.178   -6.800  1.00 9.46  ? 136 PHE A O    1 
ATOM   66   C  CB   . PHE A 1 12  ? 3.163   0.412   -4.003  1.00 10.68 ? 136 PHE A CB   1 
ATOM   67   C  CG   . PHE A 1 12  ? 3.800   -0.802  -4.632  1.00 11.30 ? 136 PHE A CG   1 
ATOM   68   C  CD1  . PHE A 1 12  ? 3.537   -2.074  -4.147  1.00 11.72 ? 136 PHE A CD1  1 
ATOM   69   C  CD2  . PHE A 1 12  ? 4.706   -0.663  -5.671  1.00 13.17 ? 136 PHE A CD2  1 
ATOM   70   C  CE1  . PHE A 1 12  ? 4.167   -3.182  -4.683  1.00 12.14 ? 136 PHE A CE1  1 
ATOM   71   C  CE2  . PHE A 1 12  ? 5.343   -1.771  -6.217  1.00 12.30 ? 136 PHE A CE2  1 
ATOM   72   C  CZ   . PHE A 1 12  ? 5.071   -3.034  -5.719  1.00 12.65 ? 136 PHE A CZ   1 
ATOM   73   N  N    . ASP A 1 13  ? 1.694   2.351   -6.150  1.00 9.10  ? 137 ASP A N    1 
ATOM   74   C  CA   . ASP A 1 13  ? 1.548   2.982   -7.461  1.00 11.92 ? 137 ASP A CA   1 
ATOM   75   C  C    . ASP A 1 13  ? 2.788   2.734   -8.325  1.00 11.51 ? 137 ASP A C    1 
ATOM   76   O  O    . ASP A 1 13  ? 3.900   3.057   -7.920  1.00 11.57 ? 137 ASP A O    1 
ATOM   77   C  CB   . ASP A 1 13  ? 1.359   4.489   -7.240  1.00 11.93 ? 137 ASP A CB   1 
ATOM   78   C  CG   . ASP A 1 13  ? 0.885   5.224   -8.478  1.00 14.71 ? 137 ASP A CG   1 
ATOM   79   O  OD1  . ASP A 1 13  ? 1.053   4.709   -9.602  1.00 13.10 ? 137 ASP A OD1  1 
ATOM   80   O  OD2  . ASP A 1 13  ? 0.340   6.341   -8.310  1.00 12.84 ? 137 ASP A OD2  1 
ATOM   81   N  N    . GLY A 1 14  ? 2.586   2.169   -9.513  1.00 11.40 ? 138 GLY A N    1 
ATOM   82   C  CA   . GLY A 1 14  ? 3.681   1.991   -10.453 1.00 11.45 ? 138 GLY A CA   1 
ATOM   83   C  C    . GLY A 1 14  ? 3.423   2.702   -11.771 1.00 12.03 ? 138 GLY A C    1 
ATOM   84   O  O    . GLY A 1 14  ? 3.854   2.240   -12.827 1.00 11.95 ? 138 GLY A O    1 
ATOM   85   N  N    . SER A 1 15  ? 2.711   3.827   -11.709 1.00 10.89 ? 139 SER A N    1 
ATOM   86   C  CA   . SER A 1 15  ? 2.317   4.559   -12.913 1.00 13.30 ? 139 SER A CA   1 
ATOM   87   C  C    . SER A 1 15  ? 3.500   5.287   -13.538 1.00 13.11 ? 139 SER A C    1 
ATOM   88   O  O    . SER A 1 15  ? 4.569   5.381   -12.945 1.00 10.05 ? 139 SER A O    1 
ATOM   89   C  CB   . SER A 1 15  ? 1.239   5.591   -12.591 1.00 14.06 ? 139 SER A CB   1 
ATOM   90   O  OG   . SER A 1 15  ? 1.835   6.836   -12.269 1.00 16.59 ? 139 SER A OG   1 
ATOM   91   N  N    . MET A 1 16  ? 3.288   5.822   -14.735 1.00 14.39 ? 140 MET A N    1 
ATOM   92   C  CA   . MET A 1 16  ? 4.358   6.469   -15.478 1.00 13.98 ? 140 MET A CA   1 
ATOM   93   C  C    . MET A 1 16  ? 4.774   7.813   -14.884 1.00 14.73 ? 140 MET A C    1 
ATOM   94   O  O    . MET A 1 16  ? 5.811   8.361   -15.262 1.00 14.41 ? 140 MET A O    1 
ATOM   95   C  CB   . MET A 1 16  ? 3.938   6.671   -16.935 1.00 14.94 ? 140 MET A CB   1 
ATOM   96   C  CG   . MET A 1 16  ? 2.806   7.666   -17.126 1.00 17.21 ? 140 MET A CG   1 
ATOM   97   S  SD   . MET A 1 16  ? 2.463   7.962   -18.875 1.00 19.67 ? 140 MET A SD   1 
ATOM   98   C  CE   . MET A 1 16  ? 1.779   6.373   -19.353 1.00 18.02 ? 140 MET A CE   1 
ATOM   99   N  N    . SER A 1 17  ? 3.975   8.353   -13.966 1.00 14.13 ? 141 SER A N    1 
ATOM   100  C  CA   . SER A 1 17  ? 4.313   9.645   -13.375 1.00 14.61 ? 141 SER A CA   1 
ATOM   101  C  C    . SER A 1 17  ? 5.329   9.540   -12.239 1.00 15.78 ? 141 SER A C    1 
ATOM   102  O  O    . SER A 1 17  ? 5.876   10.552  -11.800 1.00 14.48 ? 141 SER A O    1 
ATOM   103  C  CB   . SER A 1 17  ? 3.050   10.371  -12.879 1.00 16.84 ? 141 SER A CB   1 
ATOM   104  O  OG   . SER A 1 17  ? 2.381   9.653   -11.858 1.00 14.61 ? 141 SER A OG   1 
ATOM   105  N  N    . LEU A 1 18  ? 5.590   8.325   -11.763 1.00 14.64 ? 142 LEU A N    1 
ATOM   106  C  CA   . LEU A 1 18  ? 6.638   8.134   -10.768 1.00 14.45 ? 142 LEU A CA   1 
ATOM   107  C  C    . LEU A 1 18  ? 8.006   8.035   -11.420 1.00 13.92 ? 142 LEU A C    1 
ATOM   108  O  O    . LEU A 1 18  ? 8.186   7.303   -12.389 1.00 13.98 ? 142 LEU A O    1 
ATOM   109  C  CB   . LEU A 1 18  ? 6.382   6.874   -9.938  1.00 14.23 ? 142 LEU A CB   1 
ATOM   110  C  CG   . LEU A 1 18  ? 5.334   7.033   -8.834  1.00 17.26 ? 142 LEU A CG   1 
ATOM   111  C  CD1  . LEU A 1 18  ? 3.939   6.875   -9.429  1.00 15.20 ? 142 LEU A CD1  1 
ATOM   112  C  CD2  . LEU A 1 18  ? 5.575   6.000   -7.744  1.00 19.23 ? 142 LEU A CD2  1 
ATOM   113  N  N    . GLN A 1 19  ? 8.971   8.779   -10.885 1.00 14.98 ? 143 GLN A N    1 
ATOM   114  C  CA   . GLN A 1 19  ? 10.354  8.674   -11.333 1.00 15.70 ? 143 GLN A CA   1 
ATOM   115  C  C    . GLN A 1 19  ? 10.916  7.362   -10.796 1.00 15.84 ? 143 GLN A C    1 
ATOM   116  O  O    . GLN A 1 19  ? 10.422  6.833   -9.802  1.00 16.32 ? 143 GLN A O    1 
ATOM   117  C  CB   . GLN A 1 19  ? 11.183  9.843   -10.795 1.00 17.02 ? 143 GLN A CB   1 
ATOM   118  C  CG   . GLN A 1 19  ? 10.636  11.221  -11.129 1.00 19.01 ? 143 GLN A CG   1 
ATOM   119  C  CD   . GLN A 1 19  ? 11.562  12.331  -10.672 1.00 19.49 ? 143 GLN A CD   1 
ATOM   120  O  OE1  . GLN A 1 19  ? 12.750  12.334  -10.996 1.00 20.98 ? 143 GLN A OE1  1 
ATOM   121  N  NE2  . GLN A 1 19  ? 11.025  13.282  -9.912  1.00 18.50 ? 143 GLN A NE2  1 
ATOM   122  N  N    . PRO A 1 20  ? 11.960  6.821   -11.442 1.00 15.17 ? 144 PRO A N    1 
ATOM   123  C  CA   . PRO A 1 20  ? 12.535  5.557   -10.972 1.00 15.64 ? 144 PRO A CA   1 
ATOM   124  C  C    . PRO A 1 20  ? 12.967  5.605   -9.505  1.00 15.26 ? 144 PRO A C    1 
ATOM   125  O  O    . PRO A 1 20  ? 12.711  4.666   -8.750  1.00 14.84 ? 144 PRO A O    1 
ATOM   126  C  CB   . PRO A 1 20  ? 13.715  5.327   -11.915 1.00 16.69 ? 144 PRO A CB   1 
ATOM   127  C  CG   . PRO A 1 20  ? 13.350  6.092   -13.156 1.00 17.68 ? 144 PRO A CG   1 
ATOM   128  C  CD   . PRO A 1 20  ? 12.621  7.307   -12.666 1.00 17.17 ? 144 PRO A CD   1 
ATOM   129  N  N    . ASP A 1 21  ? 13.611  6.698   -9.102  1.00 14.40 ? 145 ASP A N    1 
ATOM   130  C  CA   . ASP A 1 21  ? 14.070  6.838   -7.723  1.00 15.43 ? 145 ASP A CA   1 
ATOM   131  C  C    . ASP A 1 21  ? 12.890  6.840   -6.758  1.00 16.01 ? 145 ASP A C    1 
ATOM   132  O  O    . ASP A 1 21  ? 12.978  6.296   -5.655  1.00 16.98 ? 145 ASP A O    1 
ATOM   133  C  CB   . ASP A 1 21  ? 14.876  8.130   -7.548  1.00 16.37 ? 145 ASP A CB   1 
ATOM   134  C  CG   . ASP A 1 21  ? 15.373  8.322   -6.127  0.00 16.07 ? 145 ASP A CG   1 
ATOM   135  O  OD1  . ASP A 1 21  ? 16.211  7.514   -5.672  0.00 16.18 ? 145 ASP A OD1  1 
ATOM   136  O  OD2  . ASP A 1 21  ? 14.925  9.280   -5.463  0.00 16.17 ? 145 ASP A OD2  1 
ATOM   137  N  N    . GLU A 1 22  ? 11.789  7.453   -7.182  1.00 16.56 ? 146 GLU A N    1 
ATOM   138  C  CA   . GLU A 1 22  ? 10.582  7.515   -6.368  1.00 15.33 ? 146 GLU A CA   1 
ATOM   139  C  C    . GLU A 1 22  ? 9.966   6.132   -6.166  1.00 15.09 ? 146 GLU A C    1 
ATOM   140  O  O    . GLU A 1 22  ? 9.584   5.771   -5.053  1.00 16.18 ? 146 GLU A O    1 
ATOM   141  C  CB   . GLU A 1 22  ? 9.562   8.453   -7.023  1.00 15.42 ? 146 GLU A CB   1 
ATOM   142  C  CG   . GLU A 1 22  ? 10.056  9.886   -7.160  1.00 16.85 ? 146 GLU A CG   1 
ATOM   143  C  CD   . GLU A 1 22  ? 9.027   10.807  -7.788  1.00 18.37 ? 146 GLU A CD   1 
ATOM   144  O  OE1  . GLU A 1 22  ? 8.325   10.364  -8.718  1.00 17.47 ? 146 GLU A OE1  1 
ATOM   145  O  OE2  . GLU A 1 22  ? 8.920   11.974  -7.351  1.00 18.64 ? 146 GLU A OE2  1 
ATOM   146  N  N    . PHE A 1 23  ? 9.879   5.360   -7.243  1.00 14.67 ? 147 PHE A N    1 
ATOM   147  C  CA   . PHE A 1 23  ? 9.367   3.996   -7.172  1.00 14.31 ? 147 PHE A CA   1 
ATOM   148  C  C    . PHE A 1 23  ? 10.245  3.163   -6.238  1.00 15.73 ? 147 PHE A C    1 
ATOM   149  O  O    . PHE A 1 23  ? 9.752   2.316   -5.488  1.00 14.02 ? 147 PHE A O    1 
ATOM   150  C  CB   . PHE A 1 23  ? 9.359   3.379   -8.573  1.00 15.24 ? 147 PHE A CB   1 
ATOM   151  C  CG   . PHE A 1 23  ? 8.743   2.009   -8.636  1.00 14.74 ? 147 PHE A CG   1 
ATOM   152  C  CD1  . PHE A 1 23  ? 7.365   1.853   -8.651  1.00 14.64 ? 147 PHE A CD1  1 
ATOM   153  C  CD2  . PHE A 1 23  ? 9.541   0.879   -8.714  1.00 15.67 ? 147 PHE A CD2  1 
ATOM   154  C  CE1  . PHE A 1 23  ? 6.790   0.588   -8.747  1.00 13.60 ? 147 PHE A CE1  1 
ATOM   155  C  CE2  . PHE A 1 23  ? 8.977   -0.387  -8.809  1.00 14.66 ? 147 PHE A CE2  1 
ATOM   156  C  CZ   . PHE A 1 23  ? 7.600   -0.531  -8.826  1.00 14.90 ? 147 PHE A CZ   1 
ATOM   157  N  N    . GLN A 1 24  ? 11.550  3.409   -6.283  1.00 15.18 ? 148 GLN A N    1 
ATOM   158  C  CA   . GLN A 1 24  ? 12.482  2.673   -5.439  1.00 15.63 ? 148 GLN A CA   1 
ATOM   159  C  C    . GLN A 1 24  ? 12.289  3.005   -3.963  1.00 15.13 ? 148 GLN A C    1 
ATOM   160  O  O    . GLN A 1 24  ? 12.374  2.121   -3.109  1.00 14.54 ? 148 GLN A O    1 
ATOM   161  C  CB   . GLN A 1 24  ? 13.925  2.978   -5.841  1.00 17.43 ? 148 GLN A CB   1 
ATOM   162  C  CG   . GLN A 1 24  ? 14.952  2.145   -5.093  1.00 18.83 ? 148 GLN A CG   1 
ATOM   163  C  CD   . GLN A 1 24  ? 14.745  0.655   -5.294  1.00 21.88 ? 148 GLN A CD   1 
ATOM   164  O  OE1  . GLN A 1 24  ? 14.591  0.184   -6.423  1.00 21.19 ? 148 GLN A OE1  1 
ATOM   165  N  NE2  . GLN A 1 24  ? 14.737  -0.097  -4.198  1.00 20.96 ? 148 GLN A NE2  1 
ATOM   166  N  N    . LYS A 1 25  ? 12.035  4.277   -3.663  1.00 14.92 ? 149 LYS A N    1 
ATOM   167  C  CA   . LYS A 1 25  ? 11.790  4.696   -2.286  1.00 15.07 ? 149 LYS A CA   1 
ATOM   168  C  C    . LYS A 1 25  ? 10.564  3.983   -1.712  1.00 14.47 ? 149 LYS A C    1 
ATOM   169  O  O    . LYS A 1 25  ? 10.510  3.685   -0.519  1.00 11.41 ? 149 LYS A O    1 
ATOM   170  C  CB   . LYS A 1 25  ? 11.584  6.212   -2.214  1.00 17.88 ? 149 LYS A CB   1 
ATOM   171  C  CG   . LYS A 1 25  ? 12.788  7.038   -2.661  1.00 22.01 ? 149 LYS A CG   1 
ATOM   172  C  CD   . LYS A 1 25  ? 13.971  6.847   -1.734  1.00 23.90 ? 149 LYS A CD   1 
ATOM   173  C  CE   . LYS A 1 25  ? 15.227  7.527   -2.285  1.00 26.81 ? 149 LYS A CE   1 
ATOM   174  N  NZ   . LYS A 1 25  ? 14.972  8.930   -2.710  1.00 25.99 ? 149 LYS A NZ   1 
ATOM   175  N  N    . ILE A 1 26  ? 9.583   3.702   -2.564  1.00 13.26 ? 150 ILE A N    1 
ATOM   176  C  CA   . ILE A 1 26  ? 8.425   2.929   -2.132  1.00 13.20 ? 150 ILE A CA   1 
ATOM   177  C  C    . ILE A 1 26  ? 8.817   1.510   -1.727  1.00 12.98 ? 150 ILE A C    1 
ATOM   178  O  O    . ILE A 1 26  ? 8.403   1.017   -0.677  1.00 12.54 ? 150 ILE A O    1 
ATOM   179  C  CB   . ILE A 1 26  ? 7.356   2.853   -3.242  1.00 14.77 ? 150 ILE A CB   1 
ATOM   180  C  CG1  . ILE A 1 26  ? 6.776   4.243   -3.501  1.00 14.99 ? 150 ILE A CG1  1 
ATOM   181  C  CG2  . ILE A 1 26  ? 6.254   1.898   -2.840  1.00 13.24 ? 150 ILE A CG2  1 
ATOM   182  C  CD1  . ILE A 1 26  ? 5.716   4.264   -4.593  1.00 17.52 ? 150 ILE A CD1  1 
ATOM   183  N  N    . LEU A 1 27  ? 9.621   0.855   -2.556  1.00 12.87 ? 151 LEU A N    1 
ATOM   184  C  CA   . LEU A 1 27  ? 10.056  -0.503  -2.264  1.00 14.68 ? 151 LEU A CA   1 
ATOM   185  C  C    . LEU A 1 27  ? 10.831  -0.551  -0.953  1.00 14.35 ? 151 LEU A C    1 
ATOM   186  O  O    . LEU A 1 27  ? 10.666  -1.477  -0.160  1.00 15.39 ? 151 LEU A O    1 
ATOM   187  C  CB   . LEU A 1 27  ? 10.936  -1.033  -3.399  1.00 15.93 ? 151 LEU A CB   1 
ATOM   188  C  CG   . LEU A 1 27  ? 10.268  -1.070  -4.776  1.00 16.11 ? 151 LEU A CG   1 
ATOM   189  C  CD1  . LEU A 1 27  ? 11.223  -1.666  -5.796  1.00 18.45 ? 151 LEU A CD1  1 
ATOM   190  C  CD2  . LEU A 1 27  ? 8.993   -1.882  -4.699  1.00 17.30 ? 151 LEU A CD2  1 
ATOM   191  N  N    . ASP A 1 28  ? 11.676  0.453   -0.733  1.00 15.68 ? 152 ASP A N    1 
ATOM   192  C  CA   . ASP A 1 28  ? 12.497  0.511   0.471   1.00 15.64 ? 152 ASP A CA   1 
ATOM   193  C  C    . ASP A 1 28  ? 11.629  0.739   1.704   1.00 15.92 ? 152 ASP A C    1 
ATOM   194  O  O    . ASP A 1 28  ? 11.892  0.180   2.769   1.00 15.56 ? 152 ASP A O    1 
ATOM   195  C  CB   . ASP A 1 28  ? 13.535  1.631   0.349   1.00 18.81 ? 152 ASP A CB   1 
ATOM   196  C  CG   . ASP A 1 28  ? 14.612  1.319   -0.678  1.00 22.01 ? 152 ASP A CG   1 
ATOM   197  O  OD1  . ASP A 1 28  ? 14.779  0.133   -1.025  1.00 22.79 ? 152 ASP A OD1  1 
ATOM   198  O  OD2  . ASP A 1 28  ? 15.295  2.259   -1.137  1.00 25.84 ? 152 ASP A OD2  1 
ATOM   199  N  N    . PHE A 1 29  ? 10.588  1.555   1.553   1.00 15.50 ? 153 PHE A N    1 
ATOM   200  C  CA   . PHE A 1 29  ? 9.660   1.805   2.648   1.00 13.90 ? 153 PHE A CA   1 
ATOM   201  C  C    . PHE A 1 29  ? 8.994   0.505   3.070   1.00 13.50 ? 153 PHE A C    1 
ATOM   202  O  O    . PHE A 1 29  ? 8.911   0.200   4.259   1.00 14.37 ? 153 PHE A O    1 
ATOM   203  C  CB   . PHE A 1 29  ? 8.590   2.818   2.226   1.00 13.97 ? 153 PHE A CB   1 
ATOM   204  C  CG   . PHE A 1 29  ? 7.532   3.054   3.272   1.00 13.84 ? 153 PHE A CG   1 
ATOM   205  C  CD1  . PHE A 1 29  ? 7.803   3.836   4.389   1.00 15.02 ? 153 PHE A CD1  1 
ATOM   206  C  CD2  . PHE A 1 29  ? 6.272   2.489   3.142   1.00 14.37 ? 153 PHE A CD2  1 
ATOM   207  C  CE1  . PHE A 1 29  ? 6.837   4.048   5.360   1.00 14.21 ? 153 PHE A CE1  1 
ATOM   208  C  CE2  . PHE A 1 29  ? 5.298   2.699   4.113   1.00 16.51 ? 153 PHE A CE2  1 
ATOM   209  C  CZ   . PHE A 1 29  ? 5.584   3.479   5.223   1.00 13.98 ? 153 PHE A CZ   1 
ATOM   210  N  N    . MET A 1 30  ? 8.531   -0.268  2.091   1.00 12.86 ? 154 MET A N    1 
ATOM   211  C  CA   . MET A 1 30  ? 7.872   -1.538  2.379   1.00 14.17 ? 154 MET A CA   1 
ATOM   212  C  C    . MET A 1 30  ? 8.814   -2.530  3.054   1.00 14.53 ? 154 MET A C    1 
ATOM   213  O  O    . MET A 1 30  ? 8.407   -3.277  3.945   1.00 14.65 ? 154 MET A O    1 
ATOM   214  C  CB   . MET A 1 30  ? 7.313   -2.146  1.090   1.00 14.14 ? 154 MET A CB   1 
ATOM   215  C  CG   . MET A 1 30  ? 6.226   -1.306  0.451   1.00 15.85 ? 154 MET A CG   1 
ATOM   216  S  SD   . MET A 1 30  ? 5.459   -2.091  -0.974  1.00 18.88 ? 154 MET A SD   1 
ATOM   217  C  CE   . MET A 1 30  ? 6.754   -1.965  -2.186  1.00 19.54 ? 154 MET A CE   1 
ATOM   218  N  N    . LYS A 1 31  ? 10.074  -2.533  2.635   1.00 13.90 ? 155 LYS A N    1 
ATOM   219  C  CA   . LYS A 1 31  ? 11.064  -3.417  3.240   1.00 13.68 ? 155 LYS A CA   1 
ATOM   220  C  C    . LYS A 1 31  ? 11.350  -3.001  4.680   1.00 14.11 ? 155 LYS A C    1 
ATOM   221  O  O    . LYS A 1 31  ? 11.478  -3.848  5.559   1.00 12.41 ? 155 LYS A O    1 
ATOM   222  C  CB   . LYS A 1 31  ? 12.369  -3.392  2.444   1.00 15.11 ? 155 LYS A CB   1 
ATOM   223  C  CG   . LYS A 1 31  ? 12.243  -3.940  1.032   1.00 17.99 ? 155 LYS A CG   1 
ATOM   224  C  CD   . LYS A 1 31  ? 13.589  -3.928  0.316   1.00 19.94 ? 155 LYS A CD   1 
ATOM   225  C  CE   . LYS A 1 31  ? 13.509  -4.656  -1.019  1.00 19.64 ? 155 LYS A CE   1 
ATOM   226  N  NZ   . LYS A 1 31  ? 14.849  -4.725  -1.674  1.00 22.07 ? 155 LYS A NZ   1 
ATOM   227  N  N    . ASP A 1 32  ? 11.457  -1.695  4.915   1.00 15.41 ? 156 ASP A N    1 
ATOM   228  C  CA   . ASP A 1 32  ? 11.694  -1.186  6.261   1.00 16.47 ? 156 ASP A CA   1 
ATOM   229  C  C    . ASP A 1 32  ? 10.590  -1.637  7.209   1.00 15.99 ? 156 ASP A C    1 
ATOM   230  O  O    . ASP A 1 32  ? 10.865  -2.140  8.296   1.00 14.22 ? 156 ASP A O    1 
ATOM   231  C  CB   . ASP A 1 32  ? 11.761  0.344   6.260   1.00 18.89 ? 156 ASP A CB   1 
ATOM   232  C  CG   . ASP A 1 32  ? 13.072  0.870   5.711   1.00 21.64 ? 156 ASP A CG   1 
ATOM   233  O  OD1  . ASP A 1 32  ? 14.045  0.092   5.645   1.00 21.47 ? 156 ASP A OD1  1 
ATOM   234  O  OD2  . ASP A 1 32  ? 13.124  2.063   5.347   1.00 21.72 ? 156 ASP A OD2  1 
ATOM   235  N  N    . VAL A 1 33  ? 9.339   -1.446  6.795   1.00 15.80 ? 157 VAL A N    1 
ATOM   236  C  CA   . VAL A 1 33  ? 8.198   -1.833  7.617   1.00 14.81 ? 157 VAL A CA   1 
ATOM   237  C  C    . VAL A 1 33  ? 8.204   -3.327  7.923   1.00 14.59 ? 157 VAL A C    1 
ATOM   238  O  O    . VAL A 1 33  ? 8.015   -3.734  9.072   1.00 12.77 ? 157 VAL A O    1 
ATOM   239  C  CB   . VAL A 1 33  ? 6.856   -1.481  6.925   1.00 14.51 ? 157 VAL A CB   1 
ATOM   240  C  CG1  . VAL A 1 33  ? 5.702   -2.100  7.690   1.00 13.59 ? 157 VAL A CG1  1 
ATOM   241  C  CG2  . VAL A 1 33  ? 6.680   0.034   6.864   1.00 12.41 ? 157 VAL A CG2  1 
ATOM   242  N  N    . MET A 1 34  ? 8.420   -4.143  6.892   1.00 14.00 ? 158 MET A N    1 
ATOM   243  C  CA   . MET A 1 34  ? 8.382   -5.589  7.059   1.00 14.23 ? 158 MET A CA   1 
ATOM   244  C  C    . MET A 1 34  ? 9.536   -6.061  7.931   1.00 14.20 ? 158 MET A C    1 
ATOM   245  O  O    . MET A 1 34  ? 9.358   -6.927  8.783   1.00 14.71 ? 158 MET A O    1 
ATOM   246  C  CB   . MET A 1 34  ? 8.443   -6.291  5.700   1.00 15.03 ? 158 MET A CB   1 
ATOM   247  C  CG   . MET A 1 34  ? 7.196   -6.114  4.855   1.00 16.46 ? 158 MET A CG   1 
ATOM   248  S  SD   . MET A 1 34  ? 7.368   -6.887  3.232   1.00 21.96 ? 158 MET A SD   1 
ATOM   249  C  CE   . MET A 1 34  ? 7.064   -8.564  3.620   1.00 21.04 ? 158 MET A CE   1 
ATOM   250  N  N    . LYS A 1 35  ? 10.714  -5.484  7.727   1.00 15.72 ? 159 LYS A N    1 
ATOM   251  C  CA   . LYS A 1 35  ? 11.876  -5.837  8.543   1.00 17.82 ? 159 LYS A CA   1 
ATOM   252  C  C    . LYS A 1 35  ? 11.598  -5.552  10.016  1.00 18.20 ? 159 LYS A C    1 
ATOM   253  O  O    . LYS A 1 35  ? 11.964  -6.331  10.896  1.00 17.29 ? 159 LYS A O    1 
ATOM   254  C  CB   . LYS A 1 35  ? 13.107  -5.041  8.093   1.00 17.99 ? 159 LYS A CB   1 
ATOM   255  C  CG   . LYS A 1 35  ? 13.658  -5.473  6.742   1.00 22.96 ? 159 LYS A CG   1 
ATOM   256  C  CD   . LYS A 1 35  ? 14.858  -4.636  6.333   1.00 23.71 ? 159 LYS A CD   1 
ATOM   257  C  CE   . LYS A 1 35  ? 15.551  -5.233  5.119   1.00 28.28 ? 159 LYS A CE   1 
ATOM   258  N  NZ   . LYS A 1 35  ? 16.671  -4.370  4.645   1.00 29.54 ? 159 LYS A NZ   1 
ATOM   259  N  N    . LYS A 1 36  ? 10.946  -4.429  10.281  1.00 17.50 ? 160 LYS A N    1 
ATOM   260  C  CA   . LYS A 1 36  ? 10.659  -4.030  11.646  1.00 17.94 ? 160 LYS A CA   1 
ATOM   261  C  C    . LYS A 1 36  ? 9.680   -5.003  12.288  1.00 19.00 ? 160 LYS A C    1 
ATOM   262  O  O    . LYS A 1 36  ? 9.777   -5.293  13.480  1.00 18.09 ? 160 LYS A O    1 
ATOM   263  C  CB   . LYS A 1 36  ? 10.072  -2.617  11.661  1.00 20.53 ? 160 LYS A CB   1 
ATOM   264  C  CG   . LYS A 1 36  ? 9.687   -2.113  13.042  1.00 22.80 ? 160 LYS A CG   1 
ATOM   265  C  CD   . LYS A 1 36  ? 10.913  -1.882  13.913  1.00 24.70 ? 160 LYS A CD   1 
ATOM   266  C  CE   . LYS A 1 36  ? 10.512  -1.527  15.335  1.00 27.88 ? 160 LYS A CE   1 
ATOM   267  N  NZ   . LYS A 1 36  ? 11.671  -1.047  16.138  1.00 31.10 ? 160 LYS A NZ   1 
ATOM   268  N  N    . LEU A 1 37  ? 8.738   -5.510  11.494  1.00 17.18 ? 161 LEU A N    1 
ATOM   269  C  CA   . LEU A 1 37  ? 7.692   -6.386  12.016  1.00 17.98 ? 161 LEU A CA   1 
ATOM   270  C  C    . LEU A 1 37  ? 7.977   -7.868  11.784  1.00 19.16 ? 161 LEU A C    1 
ATOM   271  O  O    . LEU A 1 37  ? 7.077   -8.706  11.874  1.00 16.88 ? 161 LEU A O    1 
ATOM   272  C  CB   . LEU A 1 37  ? 6.341   -6.011  11.401  1.00 16.43 ? 161 LEU A CB   1 
ATOM   273  C  CG   . LEU A 1 37  ? 5.808   -4.651  11.857  1.00 18.60 ? 161 LEU A CG   1 
ATOM   274  C  CD1  . LEU A 1 37  ? 4.610   -4.257  11.019  1.00 17.82 ? 161 LEU A CD1  1 
ATOM   275  C  CD2  . LEU A 1 37  ? 5.432   -4.728  13.333  1.00 19.28 ? 161 LEU A CD2  1 
ATOM   276  N  N    . SER A 1 38  ? 9.231   -8.194  11.488  1.00 20.62 ? 162 SER A N    1 
ATOM   277  C  CA   . SER A 1 38  ? 9.643   -9.592  11.440  1.00 23.10 ? 162 SER A CA   1 
ATOM   278  C  C    . SER A 1 38  ? 9.418   -10.220 12.815  1.00 24.16 ? 162 SER A C    1 
ATOM   279  O  O    . SER A 1 38  ? 9.547   -9.552  13.840  1.00 23.99 ? 162 SER A O    1 
ATOM   280  C  CB   . SER A 1 38  ? 11.122  -9.698  11.052  1.00 23.33 ? 162 SER A CB   1 
ATOM   281  O  OG   A SER A 1 38  ? 11.506  -11.049 10.868  0.50 25.15 ? 162 SER A OG   1 
ATOM   282  O  OG   B SER A 1 38  ? 11.944  -9.024  11.988  0.50 21.99 ? 162 SER A OG   1 
ATOM   283  N  N    . ASN A 1 39  ? 9.062   -11.499 12.835  1.00 26.88 ? 163 ASN A N    1 
ATOM   284  C  CA   . ASN A 1 39  ? 8.881   -12.217 14.095  1.00 28.40 ? 163 ASN A CA   1 
ATOM   285  C  C    . ASN A 1 39  ? 7.713   -11.677 14.918  1.00 27.12 ? 163 ASN A C    1 
ATOM   286  O  O    . ASN A 1 39  ? 7.768   -11.686 16.146  1.00 27.30 ? 163 ASN A O    1 
ATOM   287  C  CB   . ASN A 1 39  ? 10.155  -12.136 14.942  1.00 33.08 ? 163 ASN A CB   1 
ATOM   288  C  CG   . ASN A 1 39  ? 11.287  -12.961 14.374  1.00 37.70 ? 163 ASN A CG   1 
ATOM   289  O  OD1  . ASN A 1 39  ? 11.223  -14.192 14.356  1.00 40.52 ? 163 ASN A OD1  1 
ATOM   290  N  ND2  . ASN A 1 39  ? 12.338  -12.289 13.910  1.00 38.33 ? 163 ASN A ND2  1 
ATOM   291  N  N    . THR A 1 40  ? 6.670   -11.197 14.248  1.00 24.45 ? 164 THR A N    1 
ATOM   292  C  CA   . THR A 1 40  ? 5.454   -10.775 14.933  1.00 22.12 ? 164 THR A CA   1 
ATOM   293  C  C    . THR A 1 40  ? 4.286   -11.581 14.387  1.00 22.34 ? 164 THR A C    1 
ATOM   294  O  O    . THR A 1 40  ? 4.483   -12.550 13.658  1.00 23.04 ? 164 THR A O    1 
ATOM   295  C  CB   . THR A 1 40  ? 5.161   -9.278  14.704  1.00 22.83 ? 164 THR A CB   1 
ATOM   296  O  OG1  . THR A 1 40  ? 4.872   -9.051  13.317  1.00 19.11 ? 164 THR A OG1  1 
ATOM   297  C  CG2  . THR A 1 40  ? 6.362   -8.435  15.115  1.00 23.15 ? 164 THR A CG2  1 
ATOM   298  N  N    . SER A 1 41  ? 3.070   -11.182 14.733  1.00 22.61 ? 165 SER A N    1 
ATOM   299  C  CA   . SER A 1 41  ? 1.893   -11.866 14.219  1.00 23.36 ? 165 SER A CA   1 
ATOM   300  C  C    . SER A 1 41  ? 1.414   -11.238 12.912  1.00 21.53 ? 165 SER A C    1 
ATOM   301  O  O    . SER A 1 41  ? 0.342   -11.570 12.415  1.00 22.75 ? 165 SER A O    1 
ATOM   302  C  CB   . SER A 1 41  ? 0.773   -11.838 15.259  1.00 27.80 ? 165 SER A CB   1 
ATOM   303  O  OG   . SER A 1 41  ? 1.121   -12.626 16.386  1.00 31.96 ? 165 SER A OG   1 
ATOM   304  N  N    . TYR A 1 42  ? 2.222   -10.336 12.361  1.00 19.35 ? 166 TYR A N    1 
ATOM   305  C  CA   . TYR A 1 42  ? 1.929   -9.721  11.069  1.00 18.31 ? 166 TYR A CA   1 
ATOM   306  C  C    . TYR A 1 42  ? 2.220   -10.660 9.899   1.00 17.78 ? 166 TYR A C    1 
ATOM   307  O  O    . TYR A 1 42  ? 3.211   -11.393 9.903   1.00 18.27 ? 166 TYR A O    1 
ATOM   308  C  CB   . TYR A 1 42  ? 2.748   -8.436  10.896  1.00 16.16 ? 166 TYR A CB   1 
ATOM   309  C  CG   . TYR A 1 42  ? 2.079   -7.214  11.469  1.00 17.17 ? 166 TYR A CG   1 
ATOM   310  C  CD1  . TYR A 1 42  ? 1.962   -7.041  12.840  1.00 18.60 ? 166 TYR A CD1  1 
ATOM   311  C  CD2  . TYR A 1 42  ? 1.547   -6.237  10.637  1.00 16.59 ? 166 TYR A CD2  1 
ATOM   312  C  CE1  . TYR A 1 42  ? 1.332   -5.931  13.370  1.00 20.85 ? 166 TYR A CE1  1 
ATOM   313  C  CE2  . TYR A 1 42  ? 0.918   -5.125  11.155  1.00 17.99 ? 166 TYR A CE2  1 
ATOM   314  C  CZ   . TYR A 1 42  ? 0.813   -4.977  12.523  1.00 19.69 ? 166 TYR A CZ   1 
ATOM   315  O  OH   . TYR A 1 42  ? 0.188   -3.871  13.046  1.00 19.56 ? 166 TYR A OH   1 
ATOM   316  N  N    . GLN A 1 43  ? 1.343   -10.624 8.902   1.00 15.00 ? 167 GLN A N    1 
ATOM   317  C  CA   . GLN A 1 43  ? 1.561   -11.293 7.627   1.00 16.00 ? 167 GLN A CA   1 
ATOM   318  C  C    . GLN A 1 43  ? 1.461   -10.218 6.545   1.00 14.30 ? 167 GLN A C    1 
ATOM   319  O  O    . GLN A 1 43  ? 0.661   -9.294  6.675   1.00 14.39 ? 167 GLN A O    1 
ATOM   320  C  CB   . GLN A 1 43  ? 0.470   -12.333 7.401   1.00 17.39 ? 167 GLN A CB   1 
ATOM   321  C  CG   . GLN A 1 43  ? 0.956   -13.728 7.154   1.00 21.95 ? 167 GLN A CG   1 
ATOM   322  C  CD   . GLN A 1 43  ? -0.164  -14.734 7.251   1.00 20.05 ? 167 GLN A CD   1 
ATOM   323  O  OE1  . GLN A 1 43  ? -0.016  -15.775 7.890   1.00 23.65 ? 167 GLN A OE1  1 
ATOM   324  N  NE2  . GLN A 1 43  ? -1.299  -14.431 6.624   1.00 19.23 ? 167 GLN A NE2  1 
ATOM   325  N  N    . PHE A 1 44  ? 2.260   -10.330 5.485   1.00 13.47 ? 168 PHE A N    1 
ATOM   326  C  CA   . PHE A 1 44  ? 2.274   -9.290  4.456   1.00 13.08 ? 168 PHE A CA   1 
ATOM   327  C  C    . PHE A 1 44  ? 1.990   -9.793  3.044   1.00 12.56 ? 168 PHE A C    1 
ATOM   328  O  O    . PHE A 1 44  ? 2.318   -10.926 2.691   1.00 13.54 ? 168 PHE A O    1 
ATOM   329  C  CB   . PHE A 1 44  ? 3.618   -8.559  4.451   1.00 11.18 ? 168 PHE A CB   1 
ATOM   330  C  CG   . PHE A 1 44  ? 3.905   -7.797  5.713   1.00 12.27 ? 168 PHE A CG   1 
ATOM   331  C  CD1  . PHE A 1 44  ? 3.473   -6.490  5.862   1.00 15.34 ? 168 PHE A CD1  1 
ATOM   332  C  CD2  . PHE A 1 44  ? 4.632   -8.379  6.740   1.00 14.87 ? 168 PHE A CD2  1 
ATOM   333  C  CE1  . PHE A 1 44  ? 3.765   -5.773  7.010   1.00 14.26 ? 168 PHE A CE1  1 
ATOM   334  C  CE2  . PHE A 1 44  ? 4.927   -7.667  7.891   1.00 13.42 ? 168 PHE A CE2  1 
ATOM   335  C  CZ   . PHE A 1 44  ? 4.491   -6.362  8.025   1.00 15.63 ? 168 PHE A CZ   1 
ATOM   336  N  N    . ALA A 1 45  ? 1.376   -8.926  2.243   1.00 12.19 ? 169 ALA A N    1 
ATOM   337  C  CA   . ALA A 1 45  ? 1.240   -9.132  0.802   1.00 12.89 ? 169 ALA A CA   1 
ATOM   338  C  C    . ALA A 1 45  ? 1.475   -7.788  0.126   1.00 12.63 ? 169 ALA A C    1 
ATOM   339  O  O    . ALA A 1 45  ? 1.307   -6.738  0.752   1.00 12.70 ? 169 ALA A O    1 
ATOM   340  C  CB   . ALA A 1 45  ? -0.157  -9.656  0.467   1.00 13.44 ? 169 ALA A CB   1 
ATOM   341  N  N    . ALA A 1 46  ? 1.889   -7.808  -1.137  1.00 11.66 ? 170 ALA A N    1 
ATOM   342  C  CA   . ALA A 1 46  ? 2.093   -6.561  -1.862  1.00 11.89 ? 170 ALA A CA   1 
ATOM   343  C  C    . ALA A 1 46  ? 1.592   -6.654  -3.291  1.00 11.99 ? 170 ALA A C    1 
ATOM   344  O  O    . ALA A 1 46  ? 1.785   -7.663  -3.970  1.00 12.51 ? 170 ALA A O    1 
ATOM   345  C  CB   . ALA A 1 46  ? 3.568   -6.170  -1.849  1.00 12.46 ? 170 ALA A CB   1 
ATOM   346  N  N    . VAL A 1 47  ? 0.943   -5.585  -3.737  1.00 10.16 ? 171 VAL A N    1 
ATOM   347  C  CA   . VAL A 1 47  ? 0.402   -5.506  -5.081  1.00 10.39 ? 171 VAL A CA   1 
ATOM   348  C  C    . VAL A 1 47  ? 0.833   -4.182  -5.703  1.00 8.17  ? 171 VAL A C    1 
ATOM   349  O  O    . VAL A 1 47  ? 0.682   -3.129  -5.092  1.00 8.79  ? 171 VAL A O    1 
ATOM   350  C  CB   . VAL A 1 47  ? -1.148  -5.560  -5.055  1.00 11.62 ? 171 VAL A CB   1 
ATOM   351  C  CG1  . VAL A 1 47  ? -1.703  -5.394  -6.467  1.00 11.77 ? 171 VAL A CG1  1 
ATOM   352  C  CG2  . VAL A 1 47  ? -1.611  -6.873  -4.448  1.00 11.47 ? 171 VAL A CG2  1 
ATOM   353  N  N    . GLN A 1 48  ? 1.366   -4.239  -6.917  1.00 10.13 ? 172 GLN A N    1 
ATOM   354  C  CA   . GLN A 1 48  ? 1.658   -3.024  -7.671  1.00 8.33  ? 172 GLN A CA   1 
ATOM   355  C  C    . GLN A 1 48  ? 0.466   -2.770  -8.579  1.00 9.27  ? 172 GLN A C    1 
ATOM   356  O  O    . GLN A 1 48  ? -0.056  -3.704  -9.183  1.00 11.31 ? 172 GLN A O    1 
ATOM   357  C  CB   . GLN A 1 48  ? 2.914   -3.207  -8.528  1.00 9.41  ? 172 GLN A CB   1 
ATOM   358  C  CG   . GLN A 1 48  ? 3.362   -1.922  -9.215  1.00 10.60 ? 172 GLN A CG   1 
ATOM   359  C  CD   . GLN A 1 48  ? 4.425   -2.142  -10.282 1.00 11.02 ? 172 GLN A CD   1 
ATOM   360  O  OE1  . GLN A 1 48  ? 4.632   -1.293  -11.150 1.00 11.69 ? 172 GLN A OE1  1 
ATOM   361  N  NE2  . GLN A 1 48  ? 5.106   -3.284  -10.219 1.00 12.62 ? 172 GLN A NE2  1 
ATOM   362  N  N    . PHE A 1 49  ? 0.026   -1.517  -8.666  1.00 10.60 ? 173 PHE A N    1 
ATOM   363  C  CA   . PHE A 1 49  ? -1.036  -1.171  -9.601  1.00 9.88  ? 173 PHE A CA   1 
ATOM   364  C  C    . PHE A 1 49  ? -0.616  -0.053  -10.542 1.00 10.83 ? 173 PHE A C    1 
ATOM   365  O  O    . PHE A 1 49  ? 0.136   0.841   -10.172 1.00 10.05 ? 173 PHE A O    1 
ATOM   366  C  CB   . PHE A 1 49  ? -2.326  -0.785  -8.857  1.00 10.50 ? 173 PHE A CB   1 
ATOM   367  C  CG   . PHE A 1 49  ? -2.297  0.586   -8.222  1.00 11.26 ? 173 PHE A CG   1 
ATOM   368  C  CD1  . PHE A 1 49  ? -1.660  0.794   -7.009  1.00 10.77 ? 173 PHE A CD1  1 
ATOM   369  C  CD2  . PHE A 1 49  ? -2.935  1.657   -8.832  1.00 11.45 ? 173 PHE A CD2  1 
ATOM   370  C  CE1  . PHE A 1 49  ? -1.659  2.044   -6.413  1.00 11.69 ? 173 PHE A CE1  1 
ATOM   371  C  CE2  . PHE A 1 49  ? -2.939  2.912   -8.246  1.00 12.13 ? 173 PHE A CE2  1 
ATOM   372  C  CZ   . PHE A 1 49  ? -2.302  3.108   -7.035  1.00 11.06 ? 173 PHE A CZ   1 
ATOM   373  N  N    . SER A 1 50  ? -1.093  -0.130  -11.777 1.00 10.09 ? 174 SER A N    1 
ATOM   374  C  CA   . SER A 1 50  ? -0.912  0.950   -12.732 1.00 10.75 ? 174 SER A CA   1 
ATOM   375  C  C    . SER A 1 50  ? -2.155  0.918   -13.615 1.00 10.73 ? 174 SER A C    1 
ATOM   376  O  O    . SER A 1 50  ? -3.238  1.299   -13.175 1.00 11.31 ? 174 SER A O    1 
ATOM   377  C  CB   . SER A 1 50  ? 0.354   0.716   -13.564 1.00 10.65 ? 174 SER A CB   1 
ATOM   378  O  OG   . SER A 1 50  ? 0.740   1.896   -14.250 1.00 11.40 ? 174 SER A OG   1 
ATOM   379  N  N    . THR A 1 51  ? -2.012  0.434   -14.843 1.00 12.69 ? 175 THR A N    1 
ATOM   380  C  CA   . THR A 1 51  ? -3.186  0.120   -15.651 1.00 12.93 ? 175 THR A CA   1 
ATOM   381  C  C    . THR A 1 51  ? -3.763  -1.206  -15.166 1.00 13.29 ? 175 THR A C    1 
ATOM   382  O  O    . THR A 1 51  ? -4.982  -1.369  -15.051 1.00 11.97 ? 175 THR A O    1 
ATOM   383  C  CB   . THR A 1 51  ? -2.825  -0.002  -17.141 1.00 15.13 ? 175 THR A CB   1 
ATOM   384  O  OG1  . THR A 1 51  ? -2.472  1.289   -17.650 1.00 13.24 ? 175 THR A OG1  1 
ATOM   385  C  CG2  . THR A 1 51  ? -4.003  -0.560  -17.938 1.00 14.45 ? 175 THR A CG2  1 
ATOM   386  N  N    . SER A 1 52  ? -2.869  -2.141  -14.863 1.00 11.78 ? 176 SER A N    1 
ATOM   387  C  CA   . SER A 1 52  ? -3.258  -3.466  -14.404 1.00 13.33 ? 176 SER A CA   1 
ATOM   388  C  C    . SER A 1 52  ? -2.849  -3.662  -12.951 1.00 13.56 ? 176 SER A C    1 
ATOM   389  O  O    . SER A 1 52  ? -2.278  -2.763  -12.335 1.00 12.23 ? 176 SER A O    1 
ATOM   390  C  CB   . SER A 1 52  ? -2.598  -4.541  -15.277 1.00 15.81 ? 176 SER A CB   1 
ATOM   391  O  OG   A SER A 1 52  ? -3.030  -4.432  -16.620 0.50 15.64 ? 176 SER A OG   1 
ATOM   392  O  OG   B SER A 1 52  ? -3.237  -5.791  -15.089 0.50 17.68 ? 176 SER A OG   1 
ATOM   393  N  N    . TYR A 1 53  ? -3.151  -4.837  -12.407 1.00 12.41 ? 177 TYR A N    1 
ATOM   394  C  CA   . TYR A 1 53  ? -2.875  -5.126  -11.007 1.00 12.89 ? 177 TYR A CA   1 
ATOM   395  C  C    . TYR A 1 53  ? -2.017  -6.378  -10.911 1.00 14.14 ? 177 TYR A C    1 
ATOM   396  O  O    . TYR A 1 53  ? -2.432  -7.465  -11.306 1.00 15.67 ? 177 TYR A O    1 
ATOM   397  C  CB   . TYR A 1 53  ? -4.198  -5.311  -10.254 1.00 13.36 ? 177 TYR A CB   1 
ATOM   398  C  CG   . TYR A 1 53  ? -5.248  -4.342  -10.740 1.00 13.91 ? 177 TYR A CG   1 
ATOM   399  C  CD1  . TYR A 1 53  ? -5.040  -2.969  -10.644 1.00 15.12 ? 177 TYR A CD1  1 
ATOM   400  C  CD2  . TYR A 1 53  ? -6.393  -4.789  -11.393 1.00 13.97 ? 177 TYR A CD2  1 
ATOM   401  C  CE1  . TYR A 1 53  ? -5.932  -2.069  -11.197 1.00 13.75 ? 177 TYR A CE1  1 
ATOM   402  C  CE2  . TYR A 1 53  ? -7.295  -3.890  -11.950 1.00 14.28 ? 177 TYR A CE2  1 
ATOM   403  C  CZ   . TYR A 1 53  ? -7.051  -2.533  -11.852 1.00 14.74 ? 177 TYR A CZ   1 
ATOM   404  O  OH   . TYR A 1 53  ? -7.901  -1.631  -12.444 1.00 17.58 ? 177 TYR A OH   1 
ATOM   405  N  N    . LYS A 1 54  ? -0.806  -6.218  -10.396 1.00 13.86 ? 178 LYS A N    1 
ATOM   406  C  CA   . LYS A 1 54  ? 0.125   -7.331  -10.293 1.00 13.86 ? 178 LYS A CA   1 
ATOM   407  C  C    . LYS A 1 54  ? 0.405   -7.640  -8.832  1.00 13.73 ? 178 LYS A C    1 
ATOM   408  O  O    . LYS A 1 54  ? 0.995   -6.820  -8.123  1.00 11.65 ? 178 LYS A O    1 
ATOM   409  C  CB   . LYS A 1 54  ? 1.435   -6.976  -11.000 1.00 15.28 ? 178 LYS A CB   1 
ATOM   410  C  CG   . LYS A 1 54  ? 2.595   -7.918  -10.700 1.00 18.81 ? 178 LYS A CG   1 
ATOM   411  C  CD   . LYS A 1 54  ? 2.470   -9.227  -11.448 1.00 20.62 ? 178 LYS A CD   1 
ATOM   412  C  CE   . LYS A 1 54  ? 3.805   -9.967  -11.485 1.00 20.67 ? 178 LYS A CE   1 
ATOM   413  N  NZ   . LYS A 1 54  ? 4.269   -10.346 -10.122 1.00 22.37 ? 178 LYS A NZ   1 
ATOM   414  N  N    . THR A 1 55  ? -0.018  -8.817  -8.377  1.00 13.69 ? 179 THR A N    1 
ATOM   415  C  CA   . THR A 1 55  ? 0.362   -9.261  -7.047  1.00 13.08 ? 179 THR A CA   1 
ATOM   416  C  C    . THR A 1 55  ? 1.839   -9.609  -7.121  1.00 13.48 ? 179 THR A C    1 
ATOM   417  O  O    . THR A 1 55  ? 2.237   -10.480 -7.893  1.00 13.65 ? 179 THR A O    1 
ATOM   418  C  CB   . THR A 1 55  ? -0.433  -10.510 -6.600  1.00 12.86 ? 179 THR A CB   1 
ATOM   419  O  OG1  . THR A 1 55  ? -1.833  -10.194 -6.526  1.00 13.86 ? 179 THR A OG1  1 
ATOM   420  C  CG2  . THR A 1 55  ? 0.045   -10.981 -5.231  1.00 11.91 ? 179 THR A CG2  1 
ATOM   421  N  N    . GLU A 1 56  ? 2.653   -8.911  -6.337  1.00 12.84 ? 180 GLU A N    1 
ATOM   422  C  CA   . GLU A 1 56  ? 4.080   -9.179  -6.318  1.00 12.16 ? 180 GLU A CA   1 
ATOM   423  C  C    . GLU A 1 56  ? 4.390   -10.322 -5.356  1.00 11.86 ? 180 GLU A C    1 
ATOM   424  O  O    . GLU A 1 56  ? 5.249   -11.155 -5.635  1.00 11.16 ? 180 GLU A O    1 
ATOM   425  C  CB   . GLU A 1 56  ? 4.847   -7.917  -5.917  1.00 12.39 ? 180 GLU A CB   1 
ATOM   426  C  CG   . GLU A 1 56  ? 4.598   -6.725  -6.839  1.00 11.84 ? 180 GLU A CG   1 
ATOM   427  C  CD   . GLU A 1 56  ? 5.183   -6.917  -8.230  1.00 14.81 ? 180 GLU A CD   1 
ATOM   428  O  OE1  . GLU A 1 56  ? 5.637   -8.038  -8.544  1.00 12.96 ? 180 GLU A OE1  1 
ATOM   429  O  OE2  . GLU A 1 56  ? 5.190   -5.942  -9.012  1.00 15.41 ? 180 GLU A OE2  1 
ATOM   430  N  N    . PHE A 1 57  ? 3.693   -10.361 -4.223  1.00 11.66 ? 181 PHE A N    1 
ATOM   431  C  CA   . PHE A 1 57  ? 3.681   -11.564 -3.392  1.00 11.85 ? 181 PHE A CA   1 
ATOM   432  C  C    . PHE A 1 57  ? 2.424   -11.676 -2.529  1.00 13.07 ? 181 PHE A C    1 
ATOM   433  O  O    . PHE A 1 57  ? 1.890   -10.671 -2.056  1.00 12.44 ? 181 PHE A O    1 
ATOM   434  C  CB   . PHE A 1 57  ? 4.951   -11.639 -2.516  1.00 11.20 ? 181 PHE A CB   1 
ATOM   435  C  CG   . PHE A 1 57  ? 5.080   -10.534 -1.497  1.00 13.20 ? 181 PHE A CG   1 
ATOM   436  C  CD1  . PHE A 1 57  ? 4.512   -10.664 -0.239  1.00 13.50 ? 181 PHE A CD1  1 
ATOM   437  C  CD2  . PHE A 1 57  ? 5.805   -9.385  -1.782  1.00 13.32 ? 181 PHE A CD2  1 
ATOM   438  C  CE1  . PHE A 1 57  ? 4.665   -9.671  0.715   1.00 12.69 ? 181 PHE A CE1  1 
ATOM   439  C  CE2  . PHE A 1 57  ? 5.962   -8.386  -0.831  1.00 14.30 ? 181 PHE A CE2  1 
ATOM   440  C  CZ   . PHE A 1 57  ? 5.393   -8.529  0.417   1.00 13.75 ? 181 PHE A CZ   1 
ATOM   441  N  N    . ASP A 1 58  ? 1.946   -12.906 -2.350  1.00 12.03 ? 182 ASP A N    1 
ATOM   442  C  CA   . ASP A 1 58  ? 0.775   -13.176 -1.520  1.00 12.65 ? 182 ASP A CA   1 
ATOM   443  C  C    . ASP A 1 58  ? 1.219   -13.518 -0.101  1.00 12.74 ? 182 ASP A C    1 
ATOM   444  O  O    . ASP A 1 58  ? 2.408   -13.700 0.156   1.00 13.75 ? 182 ASP A O    1 
ATOM   445  C  CB   . ASP A 1 58  ? -0.032  -14.344 -2.099  1.00 15.18 ? 182 ASP A CB   1 
ATOM   446  C  CG   . ASP A 1 58  ? -0.804  -13.963 -3.350  1.00 18.24 ? 182 ASP A CG   1 
ATOM   447  O  OD1  . ASP A 1 58  ? -0.437  -14.437 -4.452  1.00 17.62 ? 182 ASP A OD1  1 
ATOM   448  O  OD2  . ASP A 1 58  ? -1.784  -13.195 -3.229  1.00 17.20 ? 182 ASP A OD2  1 
ATOM   449  N  N    . PHE A 1 59  ? 0.265   -13.600 0.819   1.00 13.47 ? 183 PHE A N    1 
ATOM   450  C  CA   . PHE A 1 59  ? 0.587   -13.930 2.202   1.00 13.26 ? 183 PHE A CA   1 
ATOM   451  C  C    . PHE A 1 59  ? 1.369   -15.237 2.278   1.00 14.44 ? 183 PHE A C    1 
ATOM   452  O  O    . PHE A 1 59  ? 2.348   -15.340 3.020   1.00 13.79 ? 183 PHE A O    1 
ATOM   453  C  CB   . PHE A 1 59  ? -0.693  -14.036 3.027   1.00 13.27 ? 183 PHE A CB   1 
ATOM   454  C  CG   . PHE A 1 59  ? -1.441  -12.740 3.147   1.00 13.24 ? 183 PHE A CG   1 
ATOM   455  C  CD1  . PHE A 1 59  ? -0.894  -11.672 3.842   1.00 13.42 ? 183 PHE A CD1  1 
ATOM   456  C  CD2  . PHE A 1 59  ? -2.690  -12.587 2.568   1.00 13.72 ? 183 PHE A CD2  1 
ATOM   457  C  CE1  . PHE A 1 59  ? -1.580  -10.474 3.955   1.00 12.86 ? 183 PHE A CE1  1 
ATOM   458  C  CE2  . PHE A 1 59  ? -3.385  -11.383 2.680   1.00 12.99 ? 183 PHE A CE2  1 
ATOM   459  C  CZ   . PHE A 1 59  ? -2.828  -10.331 3.372   1.00 12.15 ? 183 PHE A CZ   1 
ATOM   460  N  N    . SER A 1 60  ? 0.946   -16.227 1.496   1.00 13.83 ? 184 SER A N    1 
ATOM   461  C  CA   . SER A 1 60  ? 1.610   -17.525 1.502   1.00 16.33 ? 184 SER A CA   1 
ATOM   462  C  C    . SER A 1 60  ? 3.058   -17.429 1.020   1.00 16.13 ? 184 SER A C    1 
ATOM   463  O  O    . SER A 1 60  ? 3.919   -18.187 1.468   1.00 15.37 ? 184 SER A O    1 
ATOM   464  C  CB   . SER A 1 60  ? 0.830   -18.519 0.633   1.00 16.77 ? 184 SER A CB   1 
ATOM   465  O  OG   . SER A 1 60  ? 0.701   -18.054 -0.699  1.00 18.79 ? 184 SER A OG   1 
ATOM   466  N  N    . ASP A 1 61  ? 3.329   -16.502 0.103   1.00 14.31 ? 185 ASP A N    1 
ATOM   467  C  CA   . ASP A 1 61  ? 4.700   -16.254 -0.328  1.00 15.16 ? 185 ASP A CA   1 
ATOM   468  C  C    . ASP A 1 61  ? 5.499   -15.724 0.858   1.00 15.89 ? 185 ASP A C    1 
ATOM   469  O  O    . ASP A 1 61  ? 6.652   -16.099 1.069   1.00 15.67 ? 185 ASP A O    1 
ATOM   470  C  CB   . ASP A 1 61  ? 4.738   -15.220 -1.457  1.00 16.04 ? 185 ASP A CB   1 
ATOM   471  C  CG   . ASP A 1 61  ? 4.230   -15.768 -2.777  1.00 18.51 ? 185 ASP A CG   1 
ATOM   472  O  OD1  . ASP A 1 61  ? 4.682   -16.861 -3.188  1.00 18.41 ? 185 ASP A OD1  1 
ATOM   473  O  OD2  . ASP A 1 61  ? 3.380   -15.105 -3.409  1.00 17.87 ? 185 ASP A OD2  1 
ATOM   474  N  N    . TYR A 1 62  ? 4.870   -14.845 1.630   1.00 15.52 ? 186 TYR A N    1 
ATOM   475  C  CA   . TYR A 1 62  ? 5.526   -14.240 2.776   1.00 16.28 ? 186 TYR A CA   1 
ATOM   476  C  C    . TYR A 1 62  ? 5.818   -15.273 3.859   1.00 15.63 ? 186 TYR A C    1 
ATOM   477  O  O    . TYR A 1 62  ? 6.923   -15.324 4.403   1.00 16.35 ? 186 TYR A O    1 
ATOM   478  C  CB   . TYR A 1 62  ? 4.660   -13.128 3.366   1.00 15.99 ? 186 TYR A CB   1 
ATOM   479  C  CG   . TYR A 1 62  ? 5.267   -12.550 4.617   1.00 16.54 ? 186 TYR A CG   1 
ATOM   480  C  CD1  . TYR A 1 62  ? 6.356   -11.697 4.545   1.00 16.60 ? 186 TYR A CD1  1 
ATOM   481  C  CD2  . TYR A 1 62  ? 4.791   -12.906 5.872   1.00 18.92 ? 186 TYR A CD2  1 
ATOM   482  C  CE1  . TYR A 1 62  ? 6.961   -11.214 5.688   1.00 19.62 ? 186 TYR A CE1  1 
ATOM   483  C  CE2  . TYR A 1 62  ? 5.389   -12.431 7.022   1.00 18.38 ? 186 TYR A CE2  1 
ATOM   484  C  CZ   . TYR A 1 62  ? 6.474   -11.586 6.924   1.00 19.15 ? 186 TYR A CZ   1 
ATOM   485  O  OH   . TYR A 1 62  ? 7.086   -11.122 8.062   1.00 20.01 ? 186 TYR A OH   1 
ATOM   486  N  N    . VAL A 1 63  ? 4.826   -16.095 4.174   1.00 14.18 ? 187 VAL A N    1 
ATOM   487  C  CA   . VAL A 1 63  ? 5.010   -17.129 5.181   1.00 16.38 ? 187 VAL A CA   1 
ATOM   488  C  C    . VAL A 1 63  ? 6.163   -18.045 4.781   1.00 17.21 ? 187 VAL A C    1 
ATOM   489  O  O    . VAL A 1 63  ? 6.949   -18.476 5.627   1.00 17.65 ? 187 VAL A O    1 
ATOM   490  C  CB   . VAL A 1 63  ? 3.726   -17.971 5.360   1.00 14.64 ? 187 VAL A CB   1 
ATOM   491  C  CG1  . VAL A 1 63  ? 3.984   -19.124 6.320   1.00 18.00 ? 187 VAL A CG1  1 
ATOM   492  C  CG2  . VAL A 1 63  ? 2.608   -17.092 5.895   1.00 15.58 ? 187 VAL A CG2  1 
ATOM   493  N  N    . LYS A 1 64  ? 6.279   -18.322 3.489   1.00 17.85 ? 188 LYS A N    1 
ATOM   494  C  CA   . LYS A 1 64  ? 7.295   -19.257 3.029   1.00 20.08 ? 188 LYS A CA   1 
ATOM   495  C  C    . LYS A 1 64  ? 8.713   -18.705 3.182   1.00 22.48 ? 188 LYS A C    1 
ATOM   496  O  O    . LYS A 1 64  ? 9.624   -19.443 3.559   1.00 23.98 ? 188 LYS A O    1 
ATOM   497  C  CB   . LYS A 1 64  ? 7.053   -19.646 1.568   1.00 17.99 ? 188 LYS A CB   1 
ATOM   498  C  CG   . LYS A 1 64  ? 7.886   -20.848 1.126   1.00 17.65 ? 188 LYS A CG   1 
ATOM   499  C  CD   . LYS A 1 64  ? 8.044   -20.917 -0.382  1.00 15.70 ? 188 LYS A CD   1 
ATOM   500  C  CE   . LYS A 1 64  ? 6.750   -21.282 -1.080  1.00 17.20 ? 188 LYS A CE   1 
ATOM   501  N  NZ   . LYS A 1 64  ? 6.969   -21.383 -2.553  1.00 14.97 ? 188 LYS A NZ   1 
ATOM   502  N  N    . ARG A 1 65  ? 8.905   -17.417 2.905   1.00 23.44 ? 189 ARG A N    1 
ATOM   503  C  CA   . ARG A 1 65  ? 10.252  -16.852 2.897   1.00 26.78 ? 189 ARG A CA   1 
ATOM   504  C  C    . ARG A 1 65  ? 10.563  -15.815 3.973   1.00 27.66 ? 189 ARG A C    1 
ATOM   505  O  O    . ARG A 1 65  ? 11.647  -15.841 4.563   1.00 30.43 ? 189 ARG A O    1 
ATOM   506  C  CB   . ARG A 1 65  ? 10.564  -16.259 1.525   1.00 28.83 ? 189 ARG A CB   1 
ATOM   507  C  CG   . ARG A 1 65  ? 11.080  -17.278 0.527   1.00 30.20 ? 189 ARG A CG   1 
ATOM   508  C  CD   . ARG A 1 65  ? 11.503  -16.589 -0.759  1.00 32.10 ? 189 ARG A CD   1 
ATOM   509  N  NE   . ARG A 1 65  ? 12.344  -17.437 -1.597  1.00 30.79 ? 189 ARG A NE   1 
ATOM   510  C  CZ   . ARG A 1 65  ? 11.875  -18.354 -2.434  1.00 31.72 ? 189 ARG A CZ   1 
ATOM   511  N  NH1  . ARG A 1 65  ? 10.567  -18.545 -2.544  1.00 30.66 ? 189 ARG A NH1  1 
ATOM   512  N  NH2  . ARG A 1 65  ? 12.713  -19.078 -3.165  1.00 30.44 ? 189 ARG A NH2  1 
ATOM   513  N  N    . LYS A 1 66  ? 9.635   -14.899 4.221   1.00 27.33 ? 190 LYS A N    1 
ATOM   514  C  CA   . LYS A 1 66  ? 9.809   -13.890 5.266   1.00 28.14 ? 190 LYS A CA   1 
ATOM   515  C  C    . LYS A 1 66  ? 11.042  -13.026 5.023   1.00 27.36 ? 190 LYS A C    1 
ATOM   516  O  O    . LYS A 1 66  ? 11.622  -12.480 5.964   1.00 29.36 ? 190 LYS A O    1 
ATOM   517  C  CB   . LYS A 1 66  ? 9.929   -14.557 6.638   1.00 29.97 ? 190 LYS A CB   1 
ATOM   518  C  CG   . LYS A 1 66  ? 8.768   -15.468 6.987   1.00 33.28 ? 190 LYS A CG   1 
ATOM   519  C  CD   . LYS A 1 66  ? 8.036   -14.958 8.217   1.00 35.75 ? 190 LYS A CD   1 
ATOM   520  C  CE   . LYS A 1 66  ? 6.845   -15.842 8.546   1.00 35.71 ? 190 LYS A CE   1 
ATOM   521  N  NZ   . LYS A 1 66  ? 6.618   -15.959 10.017  1.00 38.30 ? 190 LYS A NZ   1 
ATOM   522  N  N    . ASP A 1 67  ? 11.440  -12.911 3.761   1.00 25.41 ? 191 ASP A N    1 
ATOM   523  C  CA   . ASP A 1 67  ? 12.611  -12.130 3.383   1.00 23.43 ? 191 ASP A CA   1 
ATOM   524  C  C    . ASP A 1 67  ? 12.175  -11.028 2.411   1.00 22.07 ? 191 ASP A C    1 
ATOM   525  O  O    . ASP A 1 67  ? 11.948  -11.288 1.233   1.00 20.84 ? 191 ASP A O    1 
ATOM   526  C  CB   . ASP A 1 67  ? 13.634  -13.060 2.721   1.00 25.78 ? 191 ASP A CB   1 
ATOM   527  C  CG   . ASP A 1 67  ? 14.903  -12.346 2.296   1.00 27.73 ? 191 ASP A CG   1 
ATOM   528  O  OD1  . ASP A 1 67  ? 14.970  -11.102 2.391   1.00 27.97 ? 191 ASP A OD1  1 
ATOM   529  O  OD2  . ASP A 1 67  ? 15.842  -13.047 1.859   1.00 30.18 ? 191 ASP A OD2  1 
ATOM   530  N  N    . PRO A 1 68  ? 12.048  -9.783  2.899   1.00 21.55 ? 192 PRO A N    1 
ATOM   531  C  CA   . PRO A 1 68  ? 11.567  -8.680  2.060   1.00 20.19 ? 192 PRO A CA   1 
ATOM   532  C  C    . PRO A 1 68  ? 12.374  -8.488  0.778   1.00 20.67 ? 192 PRO A C    1 
ATOM   533  O  O    . PRO A 1 68  ? 11.812  -8.173  -0.268  1.00 19.19 ? 192 PRO A O    1 
ATOM   534  C  CB   . PRO A 1 68  ? 11.646  -7.464  2.987   1.00 21.28 ? 192 PRO A CB   1 
ATOM   535  C  CG   . PRO A 1 68  ? 11.479  -8.049  4.359   1.00 19.59 ? 192 PRO A CG   1 
ATOM   536  C  CD   . PRO A 1 68  ? 12.221  -9.363  4.301   1.00 21.47 ? 192 PRO A CD   1 
ATOM   537  N  N    . ASP A 1 69  ? 13.688  -8.685  0.858   1.00 19.93 ? 193 ASP A N    1 
ATOM   538  C  CA   . ASP A 1 69  ? 14.546  -8.486  -0.303  1.00 21.15 ? 193 ASP A CA   1 
ATOM   539  C  C    . ASP A 1 69  ? 14.217  -9.502  -1.386  1.00 20.33 ? 193 ASP A C    1 
ATOM   540  O  O    . ASP A 1 69  ? 14.085  -9.152  -2.557  1.00 20.30 ? 193 ASP A O    1 
ATOM   541  C  CB   . ASP A 1 69  ? 16.025  -8.626  0.078   1.00 23.96 ? 193 ASP A CB   1 
ATOM   542  C  CG   . ASP A 1 69  ? 16.543  -7.444  0.880   1.00 27.84 ? 193 ASP A CG   1 
ATOM   543  O  OD1  . ASP A 1 69  ? 16.107  -6.297  0.630   1.00 25.47 ? 193 ASP A OD1  1 
ATOM   544  O  OD2  . ASP A 1 69  ? 17.398  -7.668  1.764   1.00 30.67 ? 193 ASP A OD2  1 
ATOM   545  N  N    . ALA A 1 70  ? 14.088  -10.764 -0.989  1.00 18.71 ? 194 ALA A N    1 
ATOM   546  C  CA   . ALA A 1 70  ? 13.782  -11.824 -1.940  1.00 18.81 ? 194 ALA A CA   1 
ATOM   547  C  C    . ALA A 1 70  ? 12.376  -11.647 -2.505  1.00 17.34 ? 194 ALA A C    1 
ATOM   548  O  O    . ALA A 1 70  ? 12.149  -11.858 -3.694  1.00 17.64 ? 194 ALA A O    1 
ATOM   549  C  CB   . ALA A 1 70  ? 13.908  -13.185 -1.264  1.00 19.12 ? 194 ALA A CB   1 
ATOM   550  N  N    . LEU A 1 71  ? 11.437  -11.259 -1.648  1.00 16.60 ? 195 LEU A N    1 
ATOM   551  C  CA   . LEU A 1 71  ? 10.042  -11.127 -2.055  1.00 15.50 ? 195 LEU A CA   1 
ATOM   552  C  C    . LEU A 1 71  ? 9.825   -10.043 -3.106  1.00 15.62 ? 195 LEU A C    1 
ATOM   553  O  O    . LEU A 1 71  ? 8.916   -10.149 -3.931  1.00 16.46 ? 195 LEU A O    1 
ATOM   554  C  CB   . LEU A 1 71  ? 9.163   -10.840 -0.832  1.00 15.47 ? 195 LEU A CB   1 
ATOM   555  C  CG   . LEU A 1 71  ? 8.988   -12.013 0.138   1.00 15.18 ? 195 LEU A CG   1 
ATOM   556  C  CD1  . LEU A 1 71  ? 8.326   -11.533 1.415   1.00 15.33 ? 195 LEU A CD1  1 
ATOM   557  C  CD2  . LEU A 1 71  ? 8.148   -13.096 -0.517  1.00 15.09 ? 195 LEU A CD2  1 
ATOM   558  N  N    . LEU A 1 72  ? 10.655  -9.006  -3.077  1.00 14.66 ? 196 LEU A N    1 
ATOM   559  C  CA   . LEU A 1 72  ? 10.488  -7.870  -3.983  1.00 15.60 ? 196 LEU A CA   1 
ATOM   560  C  C    . LEU A 1 72  ? 11.542  -7.774  -5.088  1.00 16.82 ? 196 LEU A C    1 
ATOM   561  O  O    . LEU A 1 72  ? 11.573  -6.796  -5.834  1.00 17.35 ? 196 LEU A O    1 
ATOM   562  C  CB   . LEU A 1 72  ? 10.492  -6.569  -3.182  1.00 13.95 ? 196 LEU A CB   1 
ATOM   563  C  CG   . LEU A 1 72  ? 9.301   -6.383  -2.245  1.00 15.23 ? 196 LEU A CG   1 
ATOM   564  C  CD1  . LEU A 1 72  ? 9.559   -5.215  -1.296  1.00 14.58 ? 196 LEU A CD1  1 
ATOM   565  C  CD2  . LEU A 1 72  ? 8.044   -6.157  -3.077  1.00 13.86 ? 196 LEU A CD2  1 
ATOM   566  N  N    . LYS A 1 73  ? 12.403  -8.778  -5.204  1.00 19.16 ? 197 LYS A N    1 
ATOM   567  C  CA   . LYS A 1 73  ? 13.585  -8.633  -6.044  1.00 18.33 ? 197 LYS A CA   1 
ATOM   568  C  C    . LYS A 1 73  ? 13.308  -8.518  -7.544  1.00 18.30 ? 197 LYS A C    1 
ATOM   569  O  O    . LYS A 1 73  ? 14.114  -7.943  -8.275  1.00 18.15 ? 197 LYS A O    1 
ATOM   570  C  CB   . LYS A 1 73  ? 14.564  -9.782  -5.786  1.00 22.91 ? 197 LYS A CB   1 
ATOM   571  C  CG   . LYS A 1 73  ? 14.057  -11.152 -6.159  1.00 24.94 ? 197 LYS A CG   1 
ATOM   572  C  CD   . LYS A 1 73  ? 15.197  -12.155 -6.044  1.00 31.30 ? 197 LYS A CD   1 
ATOM   573  C  CE   . LYS A 1 73  ? 14.761  -13.559 -6.403  1.00 31.24 ? 197 LYS A CE   1 
ATOM   574  N  NZ   . LYS A 1 73  ? 15.934  -14.482 -6.430  1.00 33.40 ? 197 LYS A NZ   1 
ATOM   575  N  N    . HIS A 1 74  ? 12.183  -9.054  -8.008  1.00 17.29 ? 198 HIS A N    1 
ATOM   576  C  CA   . HIS A 1 74  ? 11.867  -9.018  -9.436  1.00 17.16 ? 198 HIS A CA   1 
ATOM   577  C  C    . HIS A 1 74  ? 10.801  -7.994  -9.810  1.00 16.32 ? 198 HIS A C    1 
ATOM   578  O  O    . HIS A 1 74  ? 10.322  -7.980  -10.944 1.00 17.15 ? 198 HIS A O    1 
ATOM   579  C  CB   . HIS A 1 74  ? 11.421  -10.399 -9.921  1.00 19.29 ? 198 HIS A CB   1 
ATOM   580  C  CG   . HIS A 1 74  ? 12.509  -11.426 -9.904  1.00 20.38 ? 198 HIS A CG   1 
ATOM   581  N  ND1  . HIS A 1 74  ? 13.751  -11.205 -10.462 1.00 20.99 ? 198 HIS A ND1  1 
ATOM   582  C  CD2  . HIS A 1 74  ? 12.543  -12.682 -9.397  1.00 21.73 ? 198 HIS A CD2  1 
ATOM   583  C  CE1  . HIS A 1 74  ? 14.503  -12.278 -10.297 1.00 21.55 ? 198 HIS A CE1  1 
ATOM   584  N  NE2  . HIS A 1 74  ? 13.795  -13.189 -9.653  1.00 23.14 ? 198 HIS A NE2  1 
ATOM   585  N  N    . VAL A 1 75  ? 10.427  -7.141  -8.864  1.00 15.70 ? 199 VAL A N    1 
ATOM   586  C  CA   . VAL A 1 75  ? 9.409   -6.129  -9.137  1.00 14.87 ? 199 VAL A CA   1 
ATOM   587  C  C    . VAL A 1 75  ? 9.875   -5.239  -10.278 1.00 15.67 ? 199 VAL A C    1 
ATOM   588  O  O    . VAL A 1 75  ? 10.995  -4.728  -10.258 1.00 15.42 ? 199 VAL A O    1 
ATOM   589  C  CB   . VAL A 1 75  ? 9.136   -5.251  -7.896  1.00 13.56 ? 199 VAL A CB   1 
ATOM   590  C  CG1  . VAL A 1 75  ? 8.179   -4.128  -8.253  1.00 13.01 ? 199 VAL A CG1  1 
ATOM   591  C  CG2  . VAL A 1 75  ? 8.555   -6.101  -6.773  1.00 12.80 ? 199 VAL A CG2  1 
ATOM   592  N  N    . LYS A 1 76  ? 9.019   -5.065  -11.281 1.00 15.89 ? 200 LYS A N    1 
ATOM   593  C  CA   . LYS A 1 76  ? 9.325   -4.169  -12.392 1.00 17.90 ? 200 LYS A CA   1 
ATOM   594  C  C    . LYS A 1 76  ? 8.311   -3.033  -12.450 1.00 16.87 ? 200 LYS A C    1 
ATOM   595  O  O    . LYS A 1 76  ? 7.106   -3.270  -12.469 1.00 18.08 ? 200 LYS A O    1 
ATOM   596  C  CB   . LYS A 1 76  ? 9.292   -4.920  -13.724 1.00 20.30 ? 200 LYS A CB   1 
ATOM   597  C  CG   . LYS A 1 76  ? 10.060  -6.226  -13.757 1.00 27.39 ? 200 LYS A CG   1 
ATOM   598  C  CD   . LYS A 1 76  ? 11.553  -6.026  -13.556 1.00 29.22 ? 200 LYS A CD   1 
ATOM   599  C  CE   . LYS A 1 76  ? 12.310  -7.334  -13.772 1.00 29.56 ? 200 LYS A CE   1 
ATOM   600  N  NZ   . LYS A 1 76  ? 11.531  -8.515  -13.280 1.00 24.63 ? 200 LYS A NZ   1 
ATOM   601  N  N    . HIS A 1 77  ? 8.810   -1.805  -12.490 1.00 16.32 ? 201 HIS A N    1 
ATOM   602  C  CA   . HIS A 1 77  ? 7.963   -0.624  -12.633 1.00 15.11 ? 201 HIS A CA   1 
ATOM   603  C  C    . HIS A 1 77  ? 7.133   -0.697  -13.921 1.00 14.66 ? 201 HIS A C    1 
ATOM   604  O  O    . HIS A 1 77  ? 7.679   -0.737  -15.026 1.00 13.81 ? 201 HIS A O    1 
ATOM   605  C  CB   . HIS A 1 77  ? 8.847   0.628   -12.639 1.00 15.83 ? 201 HIS A CB   1 
ATOM   606  C  CG   . HIS A 1 77  ? 8.095   1.912   -12.469 1.00 16.89 ? 201 HIS A CG   1 
ATOM   607  N  ND1  . HIS A 1 77  ? 8.726   3.137   -12.402 1.00 16.50 ? 201 HIS A ND1  1 
ATOM   608  C  CD2  . HIS A 1 77  ? 6.770   2.164   -12.365 1.00 14.56 ? 201 HIS A CD2  1 
ATOM   609  C  CE1  . HIS A 1 77  ? 7.818   4.088   -12.266 1.00 17.16 ? 201 HIS A CE1  1 
ATOM   610  N  NE2  . HIS A 1 77  ? 6.624   3.524   -12.240 1.00 16.74 ? 201 HIS A NE2  1 
ATOM   611  N  N    . MET A 1 78  ? 5.811   -0.707  -13.775 1.00 12.73 ? 202 MET A N    1 
ATOM   612  C  CA   . MET A 1 78  ? 4.924   -0.909  -14.915 1.00 13.94 ? 202 MET A CA   1 
ATOM   613  C  C    . MET A 1 78  ? 4.812   0.315   -15.825 1.00 13.71 ? 202 MET A C    1 
ATOM   614  O  O    . MET A 1 78  ? 4.676   0.175   -17.041 1.00 13.94 ? 202 MET A O    1 
ATOM   615  C  CB   . MET A 1 78  ? 3.531   -1.325  -14.428 1.00 16.04 ? 202 MET A CB   1 
ATOM   616  C  CG   . MET A 1 78  ? 3.505   -2.713  -13.800 1.00 15.29 ? 202 MET A CG   1 
ATOM   617  S  SD   . MET A 1 78  ? 1.843   -3.369  -13.602 1.00 25.58 ? 202 MET A SD   1 
ATOM   618  C  CE   . MET A 1 78  ? 1.411   -2.656  -12.101 1.00 11.66 ? 202 MET A CE   1 
ATOM   619  N  N    . LEU A 1 79  ? 4.858   1.507   -15.236 1.00 13.67 ? 203 LEU A N    1 
ATOM   620  C  CA   . LEU A 1 79  ? 4.919   2.754   -16.003 1.00 14.38 ? 203 LEU A CA   1 
ATOM   621  C  C    . LEU A 1 79  ? 3.703   2.989   -16.900 1.00 13.97 ? 203 LEU A C    1 
ATOM   622  O  O    . LEU A 1 79  ? 3.850   3.399   -18.049 1.00 15.18 ? 203 LEU A O    1 
ATOM   623  C  CB   . LEU A 1 79  ? 6.187   2.778   -16.865 1.00 15.47 ? 203 LEU A CB   1 
ATOM   624  C  CG   . LEU A 1 79  ? 7.535   2.880   -16.146 1.00 15.18 ? 203 LEU A CG   1 
ATOM   625  C  CD1  . LEU A 1 79  ? 8.659   2.519   -17.116 1.00 16.46 ? 203 LEU A CD1  1 
ATOM   626  C  CD2  . LEU A 1 79  ? 7.734   4.291   -15.600 1.00 13.88 ? 203 LEU A CD2  1 
ATOM   627  N  N    . LEU A 1 80  ? 2.503   2.739   -16.384 1.00 13.47 ? 204 LEU A N    1 
ATOM   628  C  CA   . LEU A 1 80  ? 1.299   3.008   -17.160 1.00 13.01 ? 204 LEU A CA   1 
ATOM   629  C  C    . LEU A 1 80  ? 0.342   3.935   -16.417 1.00 12.22 ? 204 LEU A C    1 
ATOM   630  O  O    . LEU A 1 80  ? 0.763   4.983   -15.925 1.00 12.94 ? 204 LEU A O    1 
ATOM   631  C  CB   . LEU A 1 80  ? 0.623   1.686   -17.539 1.00 12.06 ? 204 LEU A CB   1 
ATOM   632  C  CG   . LEU A 1 80  ? 1.525   0.845   -18.451 1.00 12.42 ? 204 LEU A CG   1 
ATOM   633  C  CD1  . LEU A 1 80  ? 0.951   -0.547  -18.643 1.00 14.94 ? 204 LEU A CD1  1 
ATOM   634  C  CD2  . LEU A 1 80  ? 1.677   1.555   -19.785 1.00 12.85 ? 204 LEU A CD2  1 
ATOM   635  N  N    . LEU A 1 81  ? -0.936  3.572   -16.342 1.00 12.75 ? 205 LEU A N    1 
ATOM   636  C  CA   . LEU A 1 81  ? -1.937  4.460   -15.749 1.00 12.27 ? 205 LEU A CA   1 
ATOM   637  C  C    . LEU A 1 81  ? -1.994  4.342   -14.224 1.00 11.80 ? 205 LEU A C    1 
ATOM   638  O  O    . LEU A 1 81  ? -1.116  3.735   -13.605 1.00 11.34 ? 205 LEU A O    1 
ATOM   639  C  CB   . LEU A 1 81  ? -3.321  4.173   -16.349 1.00 13.18 ? 205 LEU A CB   1 
ATOM   640  C  CG   . LEU A 1 81  ? -3.437  4.392   -17.864 1.00 15.28 ? 205 LEU A CG   1 
ATOM   641  C  CD1  . LEU A 1 81  ? -4.827  3.992   -18.353 1.00 16.07 ? 205 LEU A CD1  1 
ATOM   642  C  CD2  . LEU A 1 81  ? -3.154  5.852   -18.177 1.00 17.05 ? 205 LEU A CD2  1 
ATOM   643  N  N    . THR A 1 82  ? -3.018  4.939   -13.618 1.00 10.09 ? 206 THR A N    1 
ATOM   644  C  CA   . THR A 1 82  ? -3.161  4.908   -12.162 1.00 10.48 ? 206 THR A CA   1 
ATOM   645  C  C    . THR A 1 82  ? -4.581  4.490   -11.780 1.00 10.67 ? 206 THR A C    1 
ATOM   646  O  O    . THR A 1 82  ? -5.350  5.286   -11.226 1.00 9.64  ? 206 THR A O    1 
ATOM   647  C  CB   . THR A 1 82  ? -2.854  6.294   -11.547 1.00 12.50 ? 206 THR A CB   1 
ATOM   648  O  OG1  . THR A 1 82  ? -1.644  6.814   -12.110 1.00 11.89 ? 206 THR A OG1  1 
ATOM   649  C  CG2  . THR A 1 82  ? -2.682  6.179   -10.045 1.00 12.60 ? 206 THR A CG2  1 
ATOM   650  N  N    . ASN A 1 83  ? -4.927  3.239   -12.080 1.00 10.50 ? 207 ASN A N    1 
ATOM   651  C  CA   . ASN A 1 83  ? -6.292  2.754   -11.897 1.00 11.23 ? 207 ASN A CA   1 
ATOM   652  C  C    . ASN A 1 83  ? -6.562  2.295   -10.471 1.00 13.09 ? 207 ASN A C    1 
ATOM   653  O  O    . ASN A 1 83  ? -6.682  1.097   -10.199 1.00 12.61 ? 207 ASN A O    1 
ATOM   654  C  CB   . ASN A 1 83  ? -6.578  1.611   -12.877 1.00 11.79 ? 207 ASN A CB   1 
ATOM   655  C  CG   . ASN A 1 83  ? -6.717  2.100   -14.306 1.00 10.38 ? 207 ASN A CG   1 
ATOM   656  O  OD1  . ASN A 1 83  ? -6.969  3.279   -14.542 1.00 11.77 ? 207 ASN A OD1  1 
ATOM   657  N  ND2  . ASN A 1 83  ? -6.550  1.198   -15.265 1.00 11.46 ? 207 ASN A ND2  1 
ATOM   658  N  N    . THR A 1 84  ? -6.683  3.271   -9.575  1.00 12.32 ? 208 THR A N    1 
ATOM   659  C  CA   . THR A 1 84  ? -6.766  3.033   -8.140  1.00 11.60 ? 208 THR A CA   1 
ATOM   660  C  C    . THR A 1 84  ? -8.058  2.354   -7.706  1.00 9.90  ? 208 THR A C    1 
ATOM   661  O  O    . THR A 1 84  ? -8.060  1.555   -6.776  1.00 10.76 ? 208 THR A O    1 
ATOM   662  C  CB   . THR A 1 84  ? -6.642  4.359   -7.371  1.00 11.33 ? 208 THR A CB   1 
ATOM   663  O  OG1  . THR A 1 84  ? -5.590  5.137   -7.951  1.00 9.64  ? 208 THR A OG1  1 
ATOM   664  C  CG2  . THR A 1 84  ? -6.318  4.094   -5.894  1.00 11.30 ? 208 THR A CG2  1 
ATOM   665  N  N    . PHE A 1 85  ? -9.165  2.682   -8.362  1.00 8.77  ? 209 PHE A N    1 
ATOM   666  C  CA   . PHE A 1 85  ? -10.425 2.032   -8.038  1.00 8.42  ? 209 PHE A CA   1 
ATOM   667  C  C    . PHE A 1 85  ? -10.348 0.536   -8.331  1.00 9.40  ? 209 PHE A C    1 
ATOM   668  O  O    . PHE A 1 85  ? -10.674 -0.289  -7.476  1.00 9.19  ? 209 PHE A O    1 
ATOM   669  C  CB   . PHE A 1 85  ? -11.572 2.668   -8.830  1.00 9.55  ? 209 PHE A CB   1 
ATOM   670  C  CG   . PHE A 1 85  ? -12.064 3.962   -8.248  1.00 9.93  ? 209 PHE A CG   1 
ATOM   671  C  CD1  . PHE A 1 85  ? -13.052 3.969   -7.276  1.00 10.12 ? 209 PHE A CD1  1 
ATOM   672  C  CD2  . PHE A 1 85  ? -11.550 5.176   -8.683  1.00 10.23 ? 209 PHE A CD2  1 
ATOM   673  C  CE1  . PHE A 1 85  ? -13.519 5.162   -6.751  1.00 11.00 ? 209 PHE A CE1  1 
ATOM   674  C  CE2  . PHE A 1 85  ? -12.016 6.371   -8.161  1.00 12.83 ? 209 PHE A CE2  1 
ATOM   675  C  CZ   . PHE A 1 85  ? -13.000 6.364   -7.194  1.00 11.23 ? 209 PHE A CZ   1 
ATOM   676  N  N    . GLY A 1 86  ? -9.907  0.189   -9.535  1.00 9.39  ? 210 GLY A N    1 
ATOM   677  C  CA   . GLY A 1 86  ? -9.758  -1.215  -9.879  1.00 10.64 ? 210 GLY A CA   1 
ATOM   678  C  C    . GLY A 1 86  ? -8.782  -1.917  -8.955  1.00 10.72 ? 210 GLY A C    1 
ATOM   679  O  O    . GLY A 1 86  ? -8.991  -3.070  -8.586  1.00 11.05 ? 210 GLY A O    1 
ATOM   680  N  N    . ALA A 1 87  ? -7.717  -1.215  -8.575  1.00 9.11  ? 211 ALA A N    1 
ATOM   681  C  CA   . ALA A 1 87  ? -6.664  -1.790  -7.739  1.00 9.59  ? 211 ALA A CA   1 
ATOM   682  C  C    . ALA A 1 87  ? -7.166  -2.119  -6.330  1.00 8.80  ? 211 ALA A C    1 
ATOM   683  O  O    . ALA A 1 87  ? -6.834  -3.162  -5.771  1.00 9.73  ? 211 ALA A O    1 
ATOM   684  C  CB   . ALA A 1 87  ? -5.475  -0.823  -7.663  1.00 7.48  ? 211 ALA A CB   1 
ATOM   685  N  N    . ILE A 1 88  ? -7.968  -1.236  -5.751  1.00 8.11  ? 212 ILE A N    1 
ATOM   686  C  CA   . ILE A 1 88  ? -8.444  -1.471  -4.396  1.00 8.60  ? 212 ILE A CA   1 
ATOM   687  C  C    . ILE A 1 88  ? -9.457  -2.616  -4.383  1.00 9.84  ? 212 ILE A C    1 
ATOM   688  O  O    . ILE A 1 88  ? -9.445  -3.468  -3.485  1.00 10.06 ? 212 ILE A O    1 
ATOM   689  C  CB   . ILE A 1 88  ? -9.053  -0.176  -3.806  1.00 8.92  ? 212 ILE A CB   1 
ATOM   690  C  CG1  . ILE A 1 88  ? -7.923  0.831   -3.549  1.00 7.53  ? 212 ILE A CG1  1 
ATOM   691  C  CG2  . ILE A 1 88  ? -9.813  -0.482  -2.513  1.00 11.16 ? 212 ILE A CG2  1 
ATOM   692  C  CD1  . ILE A 1 88  ? -8.393  2.225   -3.214  1.00 10.94 ? 212 ILE A CD1  1 
ATOM   693  N  N    . ASN A 1 89  ? -10.316 -2.657  -5.394  1.00 10.40 ? 213 ASN A N    1 
ATOM   694  C  CA   . ASN A 1 89  ? -11.243 -3.777  -5.525  1.00 11.65 ? 213 ASN A CA   1 
ATOM   695  C  C    . ASN A 1 89  ? -10.489 -5.087  -5.718  1.00 10.01 ? 213 ASN A C    1 
ATOM   696  O  O    . ASN A 1 89  ? -10.890 -6.119  -5.192  1.00 11.10 ? 213 ASN A O    1 
ATOM   697  C  CB   . ASN A 1 89  ? -12.187 -3.554  -6.704  1.00 11.88 ? 213 ASN A CB   1 
ATOM   698  C  CG   . ASN A 1 89  ? -13.330 -2.638  -6.355  1.00 12.75 ? 213 ASN A CG   1 
ATOM   699  O  OD1  . ASN A 1 89  ? -14.310 -3.063  -5.744  1.00 13.57 ? 213 ASN A OD1  1 
ATOM   700  N  ND2  . ASN A 1 89  ? -13.212 -1.372  -6.732  1.00 9.97  ? 213 ASN A ND2  1 
ATOM   701  N  N    . TYR A 1 90  ? -9.397  -5.034  -6.472  1.00 11.06 ? 214 TYR A N    1 
ATOM   702  C  CA   . TYR A 1 90  ? -8.573  -6.214  -6.713  1.00 10.85 ? 214 TYR A CA   1 
ATOM   703  C  C    . TYR A 1 90  ? -8.046  -6.759  -5.396  1.00 11.51 ? 214 TYR A C    1 
ATOM   704  O  O    . TYR A 1 90  ? -8.081  -7.964  -5.155  1.00 10.64 ? 214 TYR A O    1 
ATOM   705  C  CB   . TYR A 1 90  ? -7.399  -5.856  -7.629  1.00 9.93  ? 214 TYR A CB   1 
ATOM   706  C  CG   . TYR A 1 90  ? -6.394  -6.973  -7.835  1.00 11.80 ? 214 TYR A CG   1 
ATOM   707  C  CD1  . TYR A 1 90  ? -6.549  -7.891  -8.871  1.00 13.06 ? 214 TYR A CD1  1 
ATOM   708  C  CD2  . TYR A 1 90  ? -5.274  -7.088  -7.016  1.00 11.77 ? 214 TYR A CD2  1 
ATOM   709  C  CE1  . TYR A 1 90  ? -5.618  -8.892  -9.088  1.00 12.39 ? 214 TYR A CE1  1 
ATOM   710  C  CE2  . TYR A 1 90  ? -4.336  -8.086  -7.223  1.00 12.40 ? 214 TYR A CE2  1 
ATOM   711  C  CZ   . TYR A 1 90  ? -4.513  -8.985  -8.262  1.00 13.32 ? 214 TYR A CZ   1 
ATOM   712  O  OH   . TYR A 1 90  ? -3.580  -9.972  -8.479  1.00 12.82 ? 214 TYR A OH   1 
ATOM   713  N  N    . VAL A 1 91  ? -7.552  -5.871  -4.540  1.00 11.98 ? 215 VAL A N    1 
ATOM   714  C  CA   . VAL A 1 91  ? -7.030  -6.306  -3.254  1.00 10.78 ? 215 VAL A CA   1 
ATOM   715  C  C    . VAL A 1 91  ? -8.147  -6.961  -2.443  1.00 11.50 ? 215 VAL A C    1 
ATOM   716  O  O    . VAL A 1 91  ? -7.976  -8.048  -1.897  1.00 11.27 ? 215 VAL A O    1 
ATOM   717  C  CB   . VAL A 1 91  ? -6.450  -5.123  -2.462  1.00 9.19  ? 215 VAL A CB   1 
ATOM   718  C  CG1  . VAL A 1 91  ? -6.185  -5.540  -1.018  1.00 10.96 ? 215 VAL A CG1  1 
ATOM   719  C  CG2  . VAL A 1 91  ? -5.158  -4.644  -3.120  1.00 8.32  ? 215 VAL A CG2  1 
ATOM   720  N  N    . ALA A 1 92  ? -9.297  -6.302  -2.392  1.00 12.30 ? 216 ALA A N    1 
ATOM   721  C  CA   . ALA A 1 92  ? -10.408 -6.765  -1.572  1.00 14.61 ? 216 ALA A CA   1 
ATOM   722  C  C    . ALA A 1 92  ? -10.853 -8.177  -1.934  1.00 15.23 ? 216 ALA A C    1 
ATOM   723  O  O    . ALA A 1 92  ? -11.125 -8.989  -1.052  1.00 16.85 ? 216 ALA A O    1 
ATOM   724  C  CB   . ALA A 1 92  ? -11.582 -5.805  -1.698  1.00 13.64 ? 216 ALA A CB   1 
ATOM   725  N  N    . THR A 1 93  ? -10.920 -8.473  -3.229  1.00 15.80 ? 217 THR A N    1 
ATOM   726  C  CA   . THR A 1 93  ? -11.491 -9.739  -3.669  1.00 17.32 ? 217 THR A CA   1 
ATOM   727  C  C    . THR A 1 93  ? -10.449 -10.786 -4.048  1.00 17.55 ? 217 THR A C    1 
ATOM   728  O  O    . THR A 1 93  ? -10.714 -11.984 -3.961  1.00 17.78 ? 217 THR A O    1 
ATOM   729  C  CB   . THR A 1 93  ? -12.435 -9.546  -4.872  1.00 17.18 ? 217 THR A CB   1 
ATOM   730  O  OG1  . THR A 1 93  ? -11.678 -9.112  -6.006  1.00 19.23 ? 217 THR A OG1  1 
ATOM   731  C  CG2  . THR A 1 93  ? -13.502 -8.507  -4.551  1.00 16.55 ? 217 THR A CG2  1 
ATOM   732  N  N    . GLU A 1 94  ? -9.267  -10.348 -4.474  1.00 16.00 ? 218 GLU A N    1 
ATOM   733  C  CA   . GLU A 1 94  ? -8.276  -11.291 -4.986  1.00 16.78 ? 218 GLU A CA   1 
ATOM   734  C  C    . GLU A 1 94  ? -7.132  -11.603 -4.026  1.00 17.26 ? 218 GLU A C    1 
ATOM   735  O  O    . GLU A 1 94  ? -6.493  -12.645 -4.145  1.00 18.16 ? 218 GLU A O    1 
ATOM   736  C  CB   . GLU A 1 94  ? -7.689  -10.784 -6.308  1.00 18.80 ? 218 GLU A CB   1 
ATOM   737  C  CG   . GLU A 1 94  ? -8.723  -10.480 -7.384  1.00 22.24 ? 218 GLU A CG   1 
ATOM   738  C  CD   . GLU A 1 94  ? -9.658  -11.642 -7.652  1.00 25.52 ? 218 GLU A CD   1 
ATOM   739  O  OE1  . GLU A 1 94  ? -9.168  -12.778 -7.814  1.00 26.94 ? 218 GLU A OE1  1 
ATOM   740  O  OE2  . GLU A 1 94  ? -10.886 -11.418 -7.696  1.00 27.62 ? 218 GLU A OE2  1 
ATOM   741  N  N    . VAL A 1 95  ? -6.863  -10.708 -3.083  1.00 15.43 ? 219 VAL A N    1 
ATOM   742  C  CA   . VAL A 1 95  ? -5.688  -10.855 -2.226  1.00 15.47 ? 219 VAL A CA   1 
ATOM   743  C  C    . VAL A 1 95  ? -6.003  -11.384 -0.830  1.00 15.86 ? 219 VAL A C    1 
ATOM   744  O  O    . VAL A 1 95  ? -5.284  -12.234 -0.298  1.00 13.41 ? 219 VAL A O    1 
ATOM   745  C  CB   . VAL A 1 95  ? -4.941  -9.514  -2.094  1.00 14.57 ? 219 VAL A CB   1 
ATOM   746  C  CG1  . VAL A 1 95  ? -3.758  -9.663  -1.147  1.00 15.38 ? 219 VAL A CG1  1 
ATOM   747  C  CG2  . VAL A 1 95  ? -4.475  -9.056  -3.464  1.00 13.50 ? 219 VAL A CG2  1 
ATOM   748  N  N    . PHE A 1 96  ? -7.072  -10.872 -0.236  1.00 15.65 ? 220 PHE A N    1 
ATOM   749  C  CA   . PHE A 1 96  ? -7.513  -11.347 1.065   1.00 16.55 ? 220 PHE A CA   1 
ATOM   750  C  C    . PHE A 1 96  ? -8.321  -12.625 0.897   1.00 16.44 ? 220 PHE A C    1 
ATOM   751  O  O    . PHE A 1 96  ? -9.548  -12.610 0.984   1.00 20.35 ? 220 PHE A O    1 
ATOM   752  C  CB   . PHE A 1 96  ? -8.355  -10.271 1.756   1.00 15.72 ? 220 PHE A CB   1 
ATOM   753  C  CG   . PHE A 1 96  ? -7.538  -9.158  2.354   1.00 14.93 ? 220 PHE A CG   1 
ATOM   754  C  CD1  . PHE A 1 96  ? -6.730  -9.392  3.454   1.00 16.14 ? 220 PHE A CD1  1 
ATOM   755  C  CD2  . PHE A 1 96  ? -7.574  -7.882  1.814   1.00 15.62 ? 220 PHE A CD2  1 
ATOM   756  C  CE1  . PHE A 1 96  ? -5.972  -8.372  4.009   1.00 15.31 ? 220 PHE A CE1  1 
ATOM   757  C  CE2  . PHE A 1 96  ? -6.817  -6.857  2.363   1.00 15.62 ? 220 PHE A CE2  1 
ATOM   758  C  CZ   . PHE A 1 96  ? -6.017  -7.106  3.462   1.00 14.54 ? 220 PHE A CZ   1 
ATOM   759  N  N    . ARG A 1 97  ? -7.624  -13.725 0.637   1.00 17.16 ? 221 ARG A N    1 
ATOM   760  C  CA   . ARG A 1 97  ? -8.268  -15.023 0.471   1.00 17.49 ? 221 ARG A CA   1 
ATOM   761  C  C    . ARG A 1 97  ? -7.507  -16.075 1.262   1.00 18.75 ? 221 ARG A C    1 
ATOM   762  O  O    . ARG A 1 97  ? -6.274  -16.098 1.256   1.00 20.17 ? 221 ARG A O    1 
ATOM   763  C  CB   . ARG A 1 97  ? -8.296  -15.425 -1.006  1.00 18.20 ? 221 ARG A CB   1 
ATOM   764  C  CG   . ARG A 1 97  ? -9.129  -14.523 -1.903  1.00 18.17 ? 221 ARG A CG   1 
ATOM   765  C  CD   . ARG A 1 97  ? -9.138  -15.031 -3.347  1.00 20.14 ? 221 ARG A CD   1 
ATOM   766  N  NE   . ARG A 1 97  ? -9.680  -16.382 -3.465  1.00 23.33 ? 221 ARG A NE   1 
ATOM   767  C  CZ   . ARG A 1 97  ? -9.075  -17.382 -4.103  1.00 25.85 ? 221 ARG A CZ   1 
ATOM   768  N  NH1  . ARG A 1 97  ? -7.900  -17.185 -4.690  1.00 24.16 ? 221 ARG A NH1  1 
ATOM   769  N  NH2  . ARG A 1 97  ? -9.641  -18.582 -4.150  1.00 24.20 ? 221 ARG A NH2  1 
ATOM   770  N  N    . GLU A 1 98  ? -8.241  -16.956 1.933   1.00 20.05 ? 222 GLU A N    1 
ATOM   771  C  CA   . GLU A 1 98  ? -7.621  -18.025 2.705   1.00 20.87 ? 222 GLU A CA   1 
ATOM   772  C  C    . GLU A 1 98  ? -6.739  -18.911 1.838   1.00 20.09 ? 222 GLU A C    1 
ATOM   773  O  O    . GLU A 1 98  ? -5.756  -19.478 2.317   1.00 19.54 ? 222 GLU A O    1 
ATOM   774  C  CB   . GLU A 1 98  ? -8.692  -18.886 3.375   1.00 22.99 ? 222 GLU A CB   1 
ATOM   775  C  CG   . GLU A 1 98  ? -9.551  -18.131 4.366   1.00 30.43 ? 222 GLU A CG   1 
ATOM   776  C  CD   . GLU A 1 98  ? -10.489 -19.044 5.123   1.00 33.13 ? 222 GLU A CD   1 
ATOM   777  O  OE1  . GLU A 1 98  ? -9.995  -19.958 5.817   1.00 34.96 ? 222 GLU A OE1  1 
ATOM   778  O  OE2  . GLU A 1 98  ? -11.720 -18.848 5.019   1.00 37.09 ? 222 GLU A OE2  1 
ATOM   779  N  N    . GLU A 1 99  ? -7.097  -19.038 0.564   1.00 19.07 ? 223 GLU A N    1 
ATOM   780  C  CA   . GLU A 1 99  ? -6.353  -19.899 -0.347  1.00 20.58 ? 223 GLU A CA   1 
ATOM   781  C  C    . GLU A 1 99  ? -4.959  -19.342 -0.605  1.00 20.66 ? 223 GLU A C    1 
ATOM   782  O  O    . GLU A 1 99  ? -4.059  -20.066 -1.032  1.00 19.20 ? 223 GLU A O    1 
ATOM   783  C  CB   . GLU A 1 99  ? -7.098  -20.049 -1.675  1.00 21.91 ? 223 GLU A CB   1 
ATOM   784  C  CG   . GLU A 1 99  ? -8.338  -20.923 -1.592  1.00 24.81 ? 223 GLU A CG   1 
ATOM   785  C  CD   . GLU A 1 99  ? -9.560  -20.165 -1.107  1.00 26.23 ? 223 GLU A CD   1 
ATOM   786  O  OE1  . GLU A 1 99  ? -9.427  -18.974 -0.758  1.00 24.98 ? 223 GLU A OE1  1 
ATOM   787  O  OE2  . GLU A 1 99  ? -10.657 -20.766 -1.079  1.00 29.22 ? 223 GLU A OE2  1 
ATOM   788  N  N    . LEU A 1 100 ? -4.790  -18.051 -0.341  1.00 19.26 ? 224 LEU A N    1 
ATOM   789  C  CA   . LEU A 1 100 ? -3.516  -17.379 -0.557  1.00 18.81 ? 224 LEU A CA   1 
ATOM   790  C  C    . LEU A 1 100 ? -2.824  -17.042 0.760   1.00 18.19 ? 224 LEU A C    1 
ATOM   791  O  O    . LEU A 1 100 ? -1.860  -16.282 0.783   1.00 18.05 ? 224 LEU A O    1 
ATOM   792  C  CB   . LEU A 1 100 ? -3.732  -16.101 -1.365  1.00 18.05 ? 224 LEU A CB   1 
ATOM   793  C  CG   . LEU A 1 100 ? -4.323  -16.319 -2.757  1.00 18.71 ? 224 LEU A CG   1 
ATOM   794  C  CD1  . LEU A 1 100 ? -4.759  -14.988 -3.343  1.00 20.19 ? 224 LEU A CD1  1 
ATOM   795  C  CD2  . LEU A 1 100 ? -3.290  -16.993 -3.649  1.00 18.97 ? 224 LEU A CD2  1 
ATOM   796  N  N    . GLY A 1 101 ? -3.325  -17.604 1.855   1.00 18.10 ? 225 GLY A N    1 
ATOM   797  C  CA   . GLY A 1 101 ? -2.619  -17.494 3.118   1.00 18.73 ? 225 GLY A CA   1 
ATOM   798  C  C    . GLY A 1 101 ? -3.239  -16.528 4.107   1.00 17.02 ? 225 GLY A C    1 
ATOM   799  O  O    . GLY A 1 101 ? -2.780  -16.421 5.243   1.00 18.77 ? 225 GLY A O    1 
ATOM   800  N  N    . ALA A 1 102 ? -4.282  -15.822 3.685   1.00 17.81 ? 226 ALA A N    1 
ATOM   801  C  CA   . ALA A 1 102 ? -4.963  -14.882 4.567   1.00 16.61 ? 226 ALA A CA   1 
ATOM   802  C  C    . ALA A 1 102 ? -5.580  -15.654 5.729   1.00 19.60 ? 226 ALA A C    1 
ATOM   803  O  O    . ALA A 1 102 ? -5.973  -16.811 5.567   1.00 17.71 ? 226 ALA A O    1 
ATOM   804  C  CB   . ALA A 1 102 ? -6.041  -14.136 3.799   1.00 16.74 ? 226 ALA A CB   1 
ATOM   805  N  N    . ARG A 1 103 ? -5.664  -15.013 6.893   1.00 19.39 ? 227 ARG A N    1 
ATOM   806  C  CA   . ARG A 1 103 ? -6.179  -15.668 8.092   1.00 20.07 ? 227 ARG A CA   1 
ATOM   807  C  C    . ARG A 1 103 ? -7.551  -15.136 8.479   1.00 22.63 ? 227 ARG A C    1 
ATOM   808  O  O    . ARG A 1 103 ? -7.767  -13.926 8.544   1.00 22.75 ? 227 ARG A O    1 
ATOM   809  C  CB   . ARG A 1 103 ? -5.199  -15.477 9.248   1.00 19.37 ? 227 ARG A CB   1 
ATOM   810  C  CG   . ARG A 1 103 ? -3.833  -16.088 8.978   1.00 18.68 ? 227 ARG A CG   1 
ATOM   811  C  CD   . ARG A 1 103 ? -2.806  -15.621 9.987   1.00 19.34 ? 227 ARG A CD   1 
ATOM   812  N  NE   . ARG A 1 103 ? -2.495  -14.202 9.835   1.00 17.61 ? 227 ARG A NE   1 
ATOM   813  C  CZ   . ARG A 1 103 ? -1.678  -13.535 10.639  1.00 18.56 ? 227 ARG A CZ   1 
ATOM   814  N  NH1  . ARG A 1 103 ? -1.090  -14.160 11.649  1.00 15.89 ? 227 ARG A NH1  1 
ATOM   815  N  NH2  . ARG A 1 103 ? -1.452  -12.242 10.441  1.00 15.05 ? 227 ARG A NH2  1 
ATOM   816  N  N    . PRO A 1 104 ? -8.498  -16.048 8.751   1.00 25.46 ? 228 PRO A N    1 
ATOM   817  C  CA   . PRO A 1 104 ? -9.901  -15.715 9.021   1.00 26.88 ? 228 PRO A CA   1 
ATOM   818  C  C    . PRO A 1 104 ? -10.070 -14.756 10.191  1.00 25.82 ? 228 PRO A C    1 
ATOM   819  O  O    . PRO A 1 104 ? -10.966 -13.918 10.189  1.00 28.32 ? 228 PRO A O    1 
ATOM   820  C  CB   . PRO A 1 104 ? -10.548 -17.072 9.305   1.00 27.46 ? 228 PRO A CB   1 
ATOM   821  C  CG   . PRO A 1 104 ? -9.646  -18.065 8.645   1.00 28.77 ? 228 PRO A CG   1 
ATOM   822  C  CD   . PRO A 1 104 ? -8.264  -17.501 8.795   1.00 26.25 ? 228 PRO A CD   1 
ATOM   823  N  N    . ASP A 1 105 ? -9.209  -14.877 11.193  1.00 26.70 ? 229 ASP A N    1 
ATOM   824  C  CA   . ASP A 1 105 ? -9.365  -14.088 12.408  1.00 27.70 ? 229 ASP A CA   1 
ATOM   825  C  C    . ASP A 1 105 ? -8.392  -12.914 12.506  1.00 25.90 ? 229 ASP A C    1 
ATOM   826  O  O    . ASP A 1 105 ? -8.311  -12.254 13.541  1.00 26.04 ? 229 ASP A O    1 
ATOM   827  C  CB   . ASP A 1 105 ? -9.225  -14.987 13.640  1.00 31.47 ? 229 ASP A CB   1 
ATOM   828  C  CG   . ASP A 1 105 ? -10.447 -15.876 13.860  1.00 37.26 ? 229 ASP A CG   1 
ATOM   829  O  OD1  . ASP A 1 105 ? -10.426 -16.696 14.803  1.00 40.25 ? 229 ASP A OD1  1 
ATOM   830  O  OD2  . ASP A 1 105 ? -11.432 -15.753 13.093  1.00 38.25 ? 229 ASP A OD2  1 
ATOM   831  N  N    . ALA A 1 106 ? -7.661  -12.649 11.428  1.00 23.31 ? 230 ALA A N    1 
ATOM   832  C  CA   . ALA A 1 106 ? -6.715  -11.536 11.406  1.00 21.02 ? 230 ALA A CA   1 
ATOM   833  C  C    . ALA A 1 106 ? -7.408  -10.224 11.052  1.00 18.26 ? 230 ALA A C    1 
ATOM   834  O  O    . ALA A 1 106 ? -8.405  -10.213 10.333  1.00 17.58 ? 230 ALA A O    1 
ATOM   835  C  CB   . ALA A 1 106 ? -5.602  -11.823 10.404  1.00 21.19 ? 230 ALA A CB   1 
ATOM   836  N  N    . THR A 1 107 ? -6.873  -9.118  11.556  1.00 16.41 ? 231 THR A N    1 
ATOM   837  C  CA   . THR A 1 107 ? -7.361  -7.800  11.167  1.00 16.51 ? 231 THR A CA   1 
ATOM   838  C  C    . THR A 1 107 ? -6.812  -7.454  9.789   1.00 15.26 ? 231 THR A C    1 
ATOM   839  O  O    . THR A 1 107 ? -5.615  -7.585  9.552   1.00 15.54 ? 231 THR A O    1 
ATOM   840  C  CB   . THR A 1 107 ? -6.899  -6.721  12.166  1.00 16.29 ? 231 THR A CB   1 
ATOM   841  O  OG1  . THR A 1 107 ? -7.465  -6.994  13.453  1.00 16.45 ? 231 THR A OG1  1 
ATOM   842  C  CG2  . THR A 1 107 ? -7.333  -5.335  11.699  1.00 17.02 ? 231 THR A CG2  1 
ATOM   843  N  N    . LYS A 1 108 ? -7.687  -7.017  8.887   1.00 15.00 ? 232 LYS A N    1 
ATOM   844  C  CA   . LYS A 1 108 ? -7.262  -6.617  7.548   1.00 14.07 ? 232 LYS A CA   1 
ATOM   845  C  C    . LYS A 1 108 ? -6.798  -5.160  7.516   1.00 12.38 ? 232 LYS A C    1 
ATOM   846  O  O    . LYS A 1 108 ? -7.516  -4.254  7.942   1.00 11.65 ? 232 LYS A O    1 
ATOM   847  C  CB   . LYS A 1 108 ? -8.402  -6.805  6.541   1.00 13.56 ? 232 LYS A CB   1 
ATOM   848  C  CG   . LYS A 1 108 ? -8.872  -8.248  6.358   1.00 16.41 ? 232 LYS A CG   1 
ATOM   849  C  CD   . LYS A 1 108 ? -9.949  -8.317  5.277   1.00 14.25 ? 232 LYS A CD   1 
ATOM   850  C  CE   . LYS A 1 108 ? -10.368 -9.745  4.985   1.00 17.58 ? 232 LYS A CE   1 
ATOM   851  N  NZ   . LYS A 1 108 ? -11.518 -9.785  4.022   1.00 16.53 ? 232 LYS A NZ   1 
ATOM   852  N  N    . VAL A 1 109 ? -5.593  -4.942  7.005   1.00 12.57 ? 233 VAL A N    1 
ATOM   853  C  CA   . VAL A 1 109 ? -5.064  -3.596  6.839   1.00 10.94 ? 233 VAL A CA   1 
ATOM   854  C  C    . VAL A 1 109 ? -4.542  -3.413  5.420   1.00 11.64 ? 233 VAL A C    1 
ATOM   855  O  O    . VAL A 1 109 ? -3.829  -4.270  4.895   1.00 11.17 ? 233 VAL A O    1 
ATOM   856  C  CB   . VAL A 1 109 ? -3.918  -3.317  7.834   1.00 11.33 ? 233 VAL A CB   1 
ATOM   857  C  CG1  . VAL A 1 109 ? -3.264  -1.979  7.519   1.00 8.55  ? 233 VAL A CG1  1 
ATOM   858  C  CG2  . VAL A 1 109 ? -4.456  -3.313  9.255   1.00 12.22 ? 233 VAL A CG2  1 
ATOM   859  N  N    . LEU A 1 110 ? -4.911  -2.299  4.798   1.00 10.00 ? 234 LEU A N    1 
ATOM   860  C  CA   . LEU A 1 110 ? -4.448  -1.980  3.449   1.00 10.93 ? 234 LEU A CA   1 
ATOM   861  C  C    . LEU A 1 110 ? -3.743  -0.631  3.465   1.00 9.85  ? 234 LEU A C    1 
ATOM   862  O  O    . LEU A 1 110 ? -4.318  0.367   3.891   1.00 10.75 ? 234 LEU A O    1 
ATOM   863  C  CB   . LEU A 1 110 ? -5.641  -1.928  2.486   1.00 10.10 ? 234 LEU A CB   1 
ATOM   864  C  CG   . LEU A 1 110 ? -5.427  -1.358  1.080   1.00 9.76  ? 234 LEU A CG   1 
ATOM   865  C  CD1  . LEU A 1 110 ? -4.299  -2.099  0.370   1.00 9.64  ? 234 LEU A CD1  1 
ATOM   866  C  CD2  . LEU A 1 110 ? -6.724  -1.485  0.289   1.00 9.08  ? 234 LEU A CD2  1 
ATOM   867  N  N    . ILE A 1 111 ? -2.496  -0.613  3.003   1.00 9.70  ? 235 ILE A N    1 
ATOM   868  C  CA   . ILE A 1 111 ? -1.704  0.611   2.935   1.00 10.45 ? 235 ILE A CA   1 
ATOM   869  C  C    . ILE A 1 111 ? -1.549  0.980   1.459   1.00 10.28 ? 235 ILE A C    1 
ATOM   870  O  O    . ILE A 1 111 ? -0.905  0.256   0.700   1.00 10.91 ? 235 ILE A O    1 
ATOM   871  C  CB   . ILE A 1 111 ? -0.288  0.404   3.545   1.00 10.74 ? 235 ILE A CB   1 
ATOM   872  C  CG1  . ILE A 1 111 ? -0.388  -0.175  4.965   1.00 10.54 ? 235 ILE A CG1  1 
ATOM   873  C  CG2  . ILE A 1 111 ? 0.472   1.725   3.566   1.00 10.08 ? 235 ILE A CG2  1 
ATOM   874  C  CD1  . ILE A 1 111 ? -1.195  0.680   5.946   1.00 12.64 ? 235 ILE A CD1  1 
ATOM   875  N  N    . ILE A 1 112 ? -2.141  2.100   1.054   1.00 8.64  ? 236 ILE A N    1 
ATOM   876  C  CA   . ILE A 1 112 ? -2.099  2.528   -0.344  1.00 10.81 ? 236 ILE A CA   1 
ATOM   877  C  C    . ILE A 1 112 ? -1.101  3.673   -0.498  1.00 10.37 ? 236 ILE A C    1 
ATOM   878  O  O    . ILE A 1 112 ? -1.094  4.603   0.301   1.00 10.56 ? 236 ILE A O    1 
ATOM   879  C  CB   . ILE A 1 112 ? -3.489  3.014   -0.810  1.00 8.98  ? 236 ILE A CB   1 
ATOM   880  C  CG1  . ILE A 1 112 ? -4.532  1.923   -0.553  1.00 9.96  ? 236 ILE A CG1  1 
ATOM   881  C  CG2  . ILE A 1 112 ? -3.459  3.349   -2.295  1.00 10.11 ? 236 ILE A CG2  1 
ATOM   882  C  CD1  . ILE A 1 112 ? -5.946  2.449   -0.545  1.00 9.30  ? 236 ILE A CD1  1 
ATOM   883  N  N    . ILE A 1 113 ? -0.256  3.596   -1.523  1.00 10.16 ? 237 ILE A N    1 
ATOM   884  C  CA   . ILE A 1 113 ? 0.786   4.595   -1.725  1.00 11.84 ? 237 ILE A CA   1 
ATOM   885  C  C    . ILE A 1 113 ? 0.714   5.085   -3.166  1.00 11.03 ? 237 ILE A C    1 
ATOM   886  O  O    . ILE A 1 113 ? 0.811   4.286   -4.099  1.00 10.93 ? 237 ILE A O    1 
ATOM   887  C  CB   . ILE A 1 113 ? 2.184   3.991   -1.464  1.00 11.51 ? 237 ILE A CB   1 
ATOM   888  C  CG1  . ILE A 1 113 ? 2.222   3.366   -0.072  1.00 14.45 ? 237 ILE A CG1  1 
ATOM   889  C  CG2  . ILE A 1 113 ? 3.256   5.068   -1.597  1.00 13.24 ? 237 ILE A CG2  1 
ATOM   890  C  CD1  . ILE A 1 113 ? 3.529   2.681   0.263   1.00 17.84 ? 237 ILE A CD1  1 
ATOM   891  N  N    . THR A 1 114 ? 0.535   6.389   -3.351  1.00 10.24 ? 238 THR A N    1 
ATOM   892  C  CA   . THR A 1 114 ? 0.298   6.924   -4.692  1.00 11.09 ? 238 THR A CA   1 
ATOM   893  C  C    . THR A 1 114 ? 0.783   8.368   -4.817  1.00 11.92 ? 238 THR A C    1 
ATOM   894  O  O    . THR A 1 114 ? 1.052   9.028   -3.807  1.00 11.91 ? 238 THR A O    1 
ATOM   895  C  CB   . THR A 1 114 ? -1.205  6.858   -5.051  1.00 11.46 ? 238 THR A CB   1 
ATOM   896  O  OG1  . THR A 1 114 ? -1.388  7.226   -6.423  1.00 11.99 ? 238 THR A OG1  1 
ATOM   897  C  CG2  . THR A 1 114 ? -2.012  7.806   -4.169  1.00 10.60 ? 238 THR A CG2  1 
ATOM   898  N  N    . ASP A 1 115 ? 0.912   8.852   -6.051  1.00 11.93 ? 239 ASP A N    1 
ATOM   899  C  CA   . ASP A 1 115 ? 1.382   10.216  -6.286  1.00 13.65 ? 239 ASP A CA   1 
ATOM   900  C  C    . ASP A 1 115 ? 0.329   11.089  -6.951  1.00 15.01 ? 239 ASP A C    1 
ATOM   901  O  O    . ASP A 1 115 ? 0.594   12.244  -7.292  1.00 13.31 ? 239 ASP A O    1 
ATOM   902  C  CB   . ASP A 1 115 ? 2.653   10.211  -7.148  1.00 14.18 ? 239 ASP A CB   1 
ATOM   903  C  CG   . ASP A 1 115 ? 2.359   10.126  -8.643  1.00 17.57 ? 239 ASP A CG   1 
ATOM   904  O  OD1  . ASP A 1 115 ? 1.209   9.822   -9.029  1.00 18.30 ? 239 ASP A OD1  1 
ATOM   905  O  OD2  . ASP A 1 115 ? 3.290   10.370  -9.437  1.00 16.90 ? 239 ASP A OD2  1 
ATOM   906  N  N    . GLY A 1 116 ? -0.867  10.544  -7.147  1.00 12.09 ? 240 GLY A N    1 
ATOM   907  C  CA   . GLY A 1 116 ? -1.865  11.290  -7.889  1.00 15.87 ? 240 GLY A CA   1 
ATOM   908  C  C    . GLY A 1 116 ? -3.280  10.792  -7.706  1.00 15.96 ? 240 GLY A C    1 
ATOM   909  O  O    . GLY A 1 116 ? -3.545  9.911   -6.888  1.00 17.26 ? 240 GLY A O    1 
ATOM   910  N  N    . GLU A 1 117 ? -4.196  11.376  -8.465  1.00 14.76 ? 241 GLU A N    1 
ATOM   911  C  CA   . GLU A 1 117 ? -5.581  10.945  -8.444  1.00 16.04 ? 241 GLU A CA   1 
ATOM   912  C  C    . GLU A 1 117 ? -5.740  9.746   -9.356  1.00 14.23 ? 241 GLU A C    1 
ATOM   913  O  O    . GLU A 1 117 ? -4.981  9.578   -10.316 1.00 13.13 ? 241 GLU A O    1 
ATOM   914  C  CB   . GLU A 1 117 ? -6.499  12.067  -8.921  1.00 18.75 ? 241 GLU A CB   1 
ATOM   915  C  CG   . GLU A 1 117 ? -6.566  13.257  -7.982  1.00 25.46 ? 241 GLU A CG   1 
ATOM   916  C  CD   . GLU A 1 117 ? -7.342  14.410  -8.579  1.00 29.30 ? 241 GLU A CD   1 
ATOM   917  O  OE1  . GLU A 1 117 ? -8.571  14.268  -8.758  1.00 30.88 ? 241 GLU A OE1  1 
ATOM   918  O  OE2  . GLU A 1 117 ? -6.721  15.453  -8.874  1.00 33.70 ? 241 GLU A OE2  1 
ATOM   919  N  N    . ALA A 1 118 ? -6.732  8.922   -9.048  1.00 11.38 ? 242 ALA A N    1 
ATOM   920  C  CA   . ALA A 1 118 ? -7.035  7.740   -9.846  1.00 11.32 ? 242 ALA A CA   1 
ATOM   921  C  C    . ALA A 1 118 ? -7.361  8.152   -11.274 1.00 11.29 ? 242 ALA A C    1 
ATOM   922  O  O    . ALA A 1 118 ? -7.935  9.218   -11.511 1.00 11.63 ? 242 ALA A O    1 
ATOM   923  C  CB   . ALA A 1 118 ? -8.217  6.993   -9.235  1.00 9.53  ? 242 ALA A CB   1 
ATOM   924  N  N    . THR A 1 119 ? -6.990  7.304   -12.225 1.00 11.82 ? 243 THR A N    1 
ATOM   925  C  CA   . THR A 1 119 ? -7.349  7.527   -13.614 1.00 12.54 ? 243 THR A CA   1 
ATOM   926  C  C    . THR A 1 119 ? -8.673  6.848   -13.945 1.00 13.30 ? 243 THR A C    1 
ATOM   927  O  O    . THR A 1 119 ? -9.305  7.175   -14.947 1.00 12.07 ? 243 THR A O    1 
ATOM   928  C  CB   . THR A 1 119 ? -6.249  7.002   -14.567 1.00 12.54 ? 243 THR A CB   1 
ATOM   929  O  OG1  . THR A 1 119 ? -5.776  5.736   -14.097 1.00 13.22 ? 243 THR A OG1  1 
ATOM   930  C  CG2  . THR A 1 119 ? -5.083  7.981   -14.635 1.00 12.64 ? 243 THR A CG2  1 
ATOM   931  N  N    . ASP A 1 120 ? -9.095  5.903   -13.108 1.00 11.92 ? 244 ASP A N    1 
ATOM   932  C  CA   . ASP A 1 120 ? -10.366 5.227   -13.336 1.00 12.40 ? 244 ASP A CA   1 
ATOM   933  C  C    . ASP A 1 120 ? -11.453 5.737   -12.397 1.00 12.64 ? 244 ASP A C    1 
ATOM   934  O  O    . ASP A 1 120 ? -11.345 6.843   -11.866 1.00 12.65 ? 244 ASP A O    1 
ATOM   935  C  CB   . ASP A 1 120 ? -10.209 3.697   -13.225 1.00 10.97 ? 244 ASP A CB   1 
ATOM   936  C  CG   . ASP A 1 120 ? -9.697  3.236   -11.859 1.00 10.52 ? 244 ASP A CG   1 
ATOM   937  O  OD1  . ASP A 1 120 ? -9.377  4.079   -11.000 1.00 11.50 ? 244 ASP A OD1  1 
ATOM   938  O  OD2  . ASP A 1 120 ? -9.615  2.005   -11.654 1.00 10.59 ? 244 ASP A OD2  1 
ATOM   939  N  N    . SER A 1 121 ? -12.508 4.949   -12.208 1.00 12.48 ? 245 SER A N    1 
ATOM   940  C  CA   . SER A 1 121 ? -13.693 5.426   -11.503 1.00 10.07 ? 245 SER A CA   1 
ATOM   941  C  C    . SER A 1 121 ? -14.554 4.266   -11.023 1.00 10.38 ? 245 SER A C    1 
ATOM   942  O  O    . SER A 1 121 ? -14.345 3.125   -11.428 1.00 11.31 ? 245 SER A O    1 
ATOM   943  C  CB   . SER A 1 121 ? -14.524 6.315   -12.428 1.00 9.23  ? 245 SER A CB   1 
ATOM   944  O  OG   . SER A 1 121 ? -14.906 5.587   -13.586 1.00 10.93 ? 245 SER A OG   1 
ATOM   945  N  N    . GLY A 1 122 ? -15.529 4.571   -10.168 1.00 10.32 ? 246 GLY A N    1 
ATOM   946  C  CA   . GLY A 1 122 ? -16.398 3.537   -9.629  1.00 10.17 ? 246 GLY A CA   1 
ATOM   947  C  C    . GLY A 1 122 ? -16.619 3.678   -8.132  1.00 10.89 ? 246 GLY A C    1 
ATOM   948  O  O    . GLY A 1 122 ? -16.891 4.771   -7.640  1.00 9.98  ? 246 GLY A O    1 
ATOM   949  N  N    . ASN A 1 123 ? -16.516 2.573   -7.403  1.00 10.45 ? 247 ASN A N    1 
ATOM   950  C  CA   . ASN A 1 123 ? -16.584 2.625   -5.945  1.00 11.73 ? 247 ASN A CA   1 
ATOM   951  C  C    . ASN A 1 123 ? -15.660 1.575   -5.348  1.00 11.22 ? 247 ASN A C    1 
ATOM   952  O  O    . ASN A 1 123 ? -15.175 0.697   -6.062  1.00 12.78 ? 247 ASN A O    1 
ATOM   953  C  CB   . ASN A 1 123 ? -18.028 2.405   -5.462  1.00 12.88 ? 247 ASN A CB   1 
ATOM   954  C  CG   . ASN A 1 123 ? -18.494 0.966   -5.613  1.00 13.22 ? 247 ASN A CG   1 
ATOM   955  O  OD1  . ASN A 1 123 ? -17.906 0.045   -5.050  1.00 13.52 ? 247 ASN A OD1  1 
ATOM   956  N  ND2  . ASN A 1 123 ? -19.565 0.769   -6.375  1.00 16.01 ? 247 ASN A ND2  1 
ATOM   957  N  N    . ILE A 1 124 ? -15.393 1.679   -4.049  1.00 12.12 ? 248 ILE A N    1 
ATOM   958  C  CA   . ILE A 1 124 ? -14.610 0.660   -3.361  1.00 11.98 ? 248 ILE A CA   1 
ATOM   959  C  C    . ILE A 1 124 ? -15.398 0.005   -2.226  1.00 14.41 ? 248 ILE A C    1 
ATOM   960  O  O    . ILE A 1 124 ? -14.821 -0.370  -1.202  1.00 14.50 ? 248 ILE A O    1 
ATOM   961  C  CB   . ILE A 1 124 ? -13.279 1.234   -2.779  1.00 12.99 ? 248 ILE A CB   1 
ATOM   962  C  CG1  . ILE A 1 124 ? -13.568 2.331   -1.751  1.00 14.91 ? 248 ILE A CG1  1 
ATOM   963  C  CG2  . ILE A 1 124 ? -12.397 1.775   -3.907  1.00 12.95 ? 248 ILE A CG2  1 
ATOM   964  C  CD1  . ILE A 1 124 ? -12.390 2.609   -0.816  1.00 14.87 ? 248 ILE A CD1  1 
ATOM   965  N  N    . ASP A 1 125 ? -16.709 -0.141  -2.416  1.00 14.03 ? 249 ASP A N    1 
ATOM   966  C  CA   . ASP A 1 125 ? -17.572 -0.763  -1.409  1.00 15.83 ? 249 ASP A CA   1 
ATOM   967  C  C    . ASP A 1 125 ? -16.954 -2.044  -0.861  1.00 15.41 ? 249 ASP A C    1 
ATOM   968  O  O    . ASP A 1 125 ? -16.987 -2.301  0.344   1.00 16.08 ? 249 ASP A O    1 
ATOM   969  C  CB   . ASP A 1 125 ? -18.941 -1.121  -2.000  1.00 18.42 ? 249 ASP A CB   1 
ATOM   970  C  CG   . ASP A 1 125 ? -19.707 0.088   -2.508  1.00 20.15 ? 249 ASP A CG   1 
ATOM   971  O  OD1  . ASP A 1 125 ? -19.258 1.230   -2.300  1.00 19.93 ? 249 ASP A OD1  1 
ATOM   972  O  OD2  . ASP A 1 125 ? -20.780 -0.119  -3.116  1.00 25.43 ? 249 ASP A OD2  1 
ATOM   973  N  N    . ALA A 1 126 ? -16.402 -2.852  -1.759  1.00 12.76 ? 250 ALA A N    1 
ATOM   974  C  CA   . ALA A 1 126 ? -15.982 -4.204  -1.417  1.00 11.44 ? 250 ALA A CA   1 
ATOM   975  C  C    . ALA A 1 126 ? -14.828 -4.206  -0.426  1.00 10.97 ? 250 ALA A C    1 
ATOM   976  O  O    . ALA A 1 126 ? -14.555 -5.223  0.219   1.00 11.53 ? 250 ALA A O    1 
ATOM   977  C  CB   . ALA A 1 126 ? -15.581 -4.953  -2.677  1.00 10.70 ? 250 ALA A CB   1 
ATOM   978  N  N    . ALA A 1 127 ? -14.146 -3.070  -0.316  1.00 9.36  ? 251 ALA A N    1 
ATOM   979  C  CA   . ALA A 1 127 ? -12.950 -2.964  0.510   1.00 10.07 ? 251 ALA A CA   1 
ATOM   980  C  C    . ALA A 1 127 ? -13.201 -2.154  1.779   1.00 11.52 ? 251 ALA A C    1 
ATOM   981  O  O    . ALA A 1 127 ? -12.284 -1.944  2.575   1.00 12.06 ? 251 ALA A O    1 
ATOM   982  C  CB   . ALA A 1 127 ? -11.816 -2.323  -0.302  1.00 11.22 ? 251 ALA A CB   1 
ATOM   983  N  N    . LYS A 1 128 ? -14.443 -1.712  1.970   1.00 9.58  ? 252 LYS A N    1 
ATOM   984  C  CA   . LYS A 1 128 ? -14.739 -0.701  2.985   1.00 11.84 ? 252 LYS A CA   1 
ATOM   985  C  C    . LYS A 1 128 ? -14.487 -1.156  4.416   1.00 11.95 ? 252 LYS A C    1 
ATOM   986  O  O    . LYS A 1 128 ? -14.133 -0.350  5.278   1.00 11.38 ? 252 LYS A O    1 
ATOM   987  C  CB   . LYS A 1 128 ? -16.187 -0.219  2.842   1.00 12.05 ? 252 LYS A CB   1 
ATOM   988  C  CG   . LYS A 1 128 ? -16.335 1.024   1.989   1.00 19.20 ? 252 LYS A CG   1 
ATOM   989  C  CD   . LYS A 1 128 ? -16.304 2.272   2.861   1.00 19.25 ? 252 LYS A CD   1 
ATOM   990  C  CE   . LYS A 1 128 ? -16.083 3.507   2.027   1.00 23.09 ? 252 LYS A CE   1 
ATOM   991  N  NZ   . LYS A 1 128 ? -16.357 4.732   2.810   1.00 16.93 ? 252 LYS A NZ   1 
ATOM   992  N  N    . ASP A 1 129 ? -14.659 -2.447  4.675   1.00 12.96 ? 253 ASP A N    1 
ATOM   993  C  CA   . ASP A 1 129 ? -14.469 -2.968  6.024   1.00 15.25 ? 253 ASP A CA   1 
ATOM   994  C  C    . ASP A 1 129 ? -12.988 -3.034  6.400   1.00 14.02 ? 253 ASP A C    1 
ATOM   995  O  O    . ASP A 1 129 ? -12.643 -3.092  7.578   1.00 14.00 ? 253 ASP A O    1 
ATOM   996  C  CB   . ASP A 1 129 ? -15.090 -4.361  6.137   1.00 16.90 ? 253 ASP A CB   1 
ATOM   997  C  CG   . ASP A 1 129 ? -14.414 -5.369  5.231   1.00 18.92 ? 253 ASP A CG   1 
ATOM   998  O  OD1  . ASP A 1 129 ? -14.109 -5.026  4.075   1.00 21.32 ? 253 ASP A OD1  1 
ATOM   999  O  OD2  . ASP A 1 129 ? -14.185 -6.507  5.677   1.00 24.78 ? 253 ASP A OD2  1 
ATOM   1000 N  N    . ILE A 1 130 ? -12.114 -3.020  5.400   1.00 12.80 ? 254 ILE A N    1 
ATOM   1001 C  CA   . ILE A 1 130 ? -10.672 -3.059  5.647   1.00 11.42 ? 254 ILE A CA   1 
ATOM   1002 C  C    . ILE A 1 130 ? -10.217 -1.735  6.252   1.00 11.76 ? 254 ILE A C    1 
ATOM   1003 O  O    . ILE A 1 130 ? -10.740 -0.676  5.912   1.00 11.90 ? 254 ILE A O    1 
ATOM   1004 C  CB   . ILE A 1 130 ? -9.894  -3.313  4.331   1.00 11.18 ? 254 ILE A CB   1 
ATOM   1005 C  CG1  . ILE A 1 130 ? -10.392 -4.604  3.682   1.00 11.33 ? 254 ILE A CG1  1 
ATOM   1006 C  CG2  . ILE A 1 130 ? -8.388  -3.440  4.605   1.00 9.02  ? 254 ILE A CG2  1 
ATOM   1007 C  CD1  . ILE A 1 130 ? -9.845  -4.829  2.301   1.00 10.47 ? 254 ILE A CD1  1 
ATOM   1008 N  N    . ILE A 1 131 ? -9.258  -1.797  7.169   1.00 11.22 ? 255 ILE A N    1 
ATOM   1009 C  CA   . ILE A 1 131 ? -8.653  -0.584  7.700   1.00 11.28 ? 255 ILE A CA   1 
ATOM   1010 C  C    . ILE A 1 131 ? -7.707  -0.043  6.639   1.00 11.49 ? 255 ILE A C    1 
ATOM   1011 O  O    . ILE A 1 131 ? -6.729  -0.697  6.279   1.00 11.68 ? 255 ILE A O    1 
ATOM   1012 C  CB   . ILE A 1 131 ? -7.876  -0.882  8.997   1.00 13.34 ? 255 ILE A CB   1 
ATOM   1013 C  CG1  . ILE A 1 131 ? -8.863  -1.254  10.105  1.00 14.18 ? 255 ILE A CG1  1 
ATOM   1014 C  CG2  . ILE A 1 131 ? -7.023  0.314   9.394   1.00 13.99 ? 255 ILE A CG2  1 
ATOM   1015 C  CD1  . ILE A 1 131 ? -8.205  -1.592  11.415  1.00 17.01 ? 255 ILE A CD1  1 
ATOM   1016 N  N    . ARG A 1 132 ? -8.014  1.144   6.126   1.00 9.98  ? 256 ARG A N    1 
ATOM   1017 C  CA   . ARG A 1 132 ? -7.318  1.662   4.958   1.00 10.65 ? 256 ARG A CA   1 
ATOM   1018 C  C    . ARG A 1 132 ? -6.576  2.970   5.213   1.00 11.09 ? 256 ARG A C    1 
ATOM   1019 O  O    . ARG A 1 132 ? -7.185  3.993   5.524   1.00 11.61 ? 256 ARG A O    1 
ATOM   1020 C  CB   . ARG A 1 132 ? -8.315  1.832   3.805   1.00 10.06 ? 256 ARG A CB   1 
ATOM   1021 C  CG   . ARG A 1 132 ? -8.848  0.498   3.280   1.00 8.80  ? 256 ARG A CG   1 
ATOM   1022 C  CD   . ARG A 1 132 ? -10.211 0.632   2.618   1.00 8.10  ? 256 ARG A CD   1 
ATOM   1023 N  NE   . ARG A 1 132 ? -11.289 0.876   3.577   1.00 10.38 ? 256 ARG A NE   1 
ATOM   1024 C  CZ   . ARG A 1 132 ? -11.930 2.037   3.704   1.00 12.32 ? 256 ARG A CZ   1 
ATOM   1025 N  NH1  . ARG A 1 132 ? -11.600 3.070   2.941   1.00 10.87 ? 256 ARG A NH1  1 
ATOM   1026 N  NH2  . ARG A 1 132 ? -12.919 2.161   4.581   1.00 10.45 ? 256 ARG A NH2  1 
ATOM   1027 N  N    . TYR A 1 133 ? -5.253  2.922   5.080   1.00 10.77 ? 257 TYR A N    1 
ATOM   1028 C  CA   . TYR A 1 133 ? -4.430  4.128   5.068   1.00 8.95  ? 257 TYR A CA   1 
ATOM   1029 C  C    . TYR A 1 133 ? -4.067  4.424   3.625   1.00 10.76 ? 257 TYR A C    1 
ATOM   1030 O  O    . TYR A 1 133 ? -3.873  3.504   2.828   1.00 8.87  ? 257 TYR A O    1 
ATOM   1031 C  CB   . TYR A 1 133 ? -3.135  3.920   5.862   1.00 10.09 ? 257 TYR A CB   1 
ATOM   1032 C  CG   . TYR A 1 133 ? -3.291  3.962   7.360   1.00 10.28 ? 257 TYR A CG   1 
ATOM   1033 C  CD1  . TYR A 1 133 ? -3.147  5.153   8.055   1.00 10.05 ? 257 TYR A CD1  1 
ATOM   1034 C  CD2  . TYR A 1 133 ? -3.567  2.806   8.085   1.00 11.54 ? 257 TYR A CD2  1 
ATOM   1035 C  CE1  . TYR A 1 133 ? -3.268  5.199   9.436   1.00 10.84 ? 257 TYR A CE1  1 
ATOM   1036 C  CE2  . TYR A 1 133 ? -3.696  2.841   9.465   1.00 11.52 ? 257 TYR A CE2  1 
ATOM   1037 C  CZ   . TYR A 1 133 ? -3.546  4.041   10.134  1.00 10.99 ? 257 TYR A CZ   1 
ATOM   1038 O  OH   . TYR A 1 133 ? -3.706  4.094   11.506  1.00 12.00 ? 257 TYR A OH   1 
ATOM   1039 N  N    . ILE A 1 134 ? -3.977  5.704   3.283   1.00 10.21 ? 258 ILE A N    1 
ATOM   1040 C  CA   . ILE A 1 134 ? -3.420  6.080   1.999   1.00 11.11 ? 258 ILE A CA   1 
ATOM   1041 C  C    . ILE A 1 134 ? -2.345  7.143   2.193   1.00 11.57 ? 258 ILE A C    1 
ATOM   1042 O  O    . ILE A 1 134 ? -2.524  8.102   2.948   1.00 11.72 ? 258 ILE A O    1 
ATOM   1043 C  CB   . ILE A 1 134 ? -4.519  6.590   1.023   1.00 11.85 ? 258 ILE A CB   1 
ATOM   1044 C  CG1  . ILE A 1 134 ? -3.903  6.840   -0.357  1.00 10.91 ? 258 ILE A CG1  1 
ATOM   1045 C  CG2  . ILE A 1 134 ? -5.169  7.867   1.560   1.00 10.56 ? 258 ILE A CG2  1 
ATOM   1046 C  CD1  . ILE A 1 134 ? -4.912  6.799   -1.488  1.00 12.76 ? 258 ILE A CD1  1 
ATOM   1047 N  N    . ILE A 1 135 ? -1.212  6.935   1.530   1.00 12.29 ? 259 ILE A N    1 
ATOM   1048 C  CA   . ILE A 1 135 ? -0.100  7.871   1.565   1.00 12.29 ? 259 ILE A CA   1 
ATOM   1049 C  C    . ILE A 1 135 ? -0.015  8.574   0.214   1.00 11.76 ? 259 ILE A C    1 
ATOM   1050 O  O    . ILE A 1 135 ? 0.341   7.962   -0.791  1.00 10.72 ? 259 ILE A O    1 
ATOM   1051 C  CB   . ILE A 1 135 ? 1.229   7.131   1.850   1.00 11.95 ? 259 ILE A CB   1 
ATOM   1052 C  CG1  . ILE A 1 135 ? 1.123   6.379   3.181   1.00 12.64 ? 259 ILE A CG1  1 
ATOM   1053 C  CG2  . ILE A 1 135 ? 2.386   8.127   1.910   1.00 14.36 ? 259 ILE A CG2  1 
ATOM   1054 C  CD1  . ILE A 1 135 ? 2.265   5.402   3.436   1.00 14.79 ? 259 ILE A CD1  1 
ATOM   1055 N  N    . GLY A 1 136 ? -0.362  9.857   0.192   1.00 11.89 ? 260 GLY A N    1 
ATOM   1056 C  CA   . GLY A 1 136 ? -0.285  10.622  -1.039  1.00 10.59 ? 260 GLY A CA   1 
ATOM   1057 C  C    . GLY A 1 136 ? 0.968   11.471  -1.023  1.00 12.05 ? 260 GLY A C    1 
ATOM   1058 O  O    . GLY A 1 136 ? 1.221   12.188  -0.049  1.00 10.70 ? 260 GLY A O    1 
ATOM   1059 N  N    . ILE A 1 137 ? 1.756   11.397  -2.092  1.00 10.56 ? 261 ILE A N    1 
ATOM   1060 C  CA   . ILE A 1 137 ? 3.100   11.957  -2.073  1.00 12.07 ? 261 ILE A CA   1 
ATOM   1061 C  C    . ILE A 1 137 ? 3.347   12.911  -3.239  1.00 13.62 ? 261 ILE A C    1 
ATOM   1062 O  O    . ILE A 1 137 ? 3.050   12.587  -4.386  1.00 12.62 ? 261 ILE A O    1 
ATOM   1063 C  CB   . ILE A 1 137 ? 4.154   10.837  -2.134  1.00 12.47 ? 261 ILE A CB   1 
ATOM   1064 C  CG1  . ILE A 1 137 ? 3.925   9.848   -0.989  1.00 12.72 ? 261 ILE A CG1  1 
ATOM   1065 C  CG2  . ILE A 1 137 ? 5.555   11.429  -2.051  1.00 11.23 ? 261 ILE A CG2  1 
ATOM   1066 C  CD1  . ILE A 1 137 ? 4.823   8.625   -1.049  1.00 13.03 ? 261 ILE A CD1  1 
ATOM   1067 N  N    . GLY A 1 138 ? 3.892   14.088  -2.941  1.00 13.98 ? 262 GLY A N    1 
ATOM   1068 C  CA   . GLY A 1 138 ? 4.430   14.928  -3.997  1.00 14.48 ? 262 GLY A CA   1 
ATOM   1069 C  C    . GLY A 1 138 ? 3.606   16.136  -4.409  1.00 15.74 ? 262 GLY A C    1 
ATOM   1070 O  O    . GLY A 1 138 ? 2.685   16.556  -3.706  1.00 15.94 ? 262 GLY A O    1 
ATOM   1071 N  N    . LYS A 1 139 ? 3.944   16.683  -5.574  1.00 14.60 ? 263 LYS A N    1 
ATOM   1072 C  CA   . LYS A 1 139 ? 3.457   17.989  -6.001  1.00 15.90 ? 263 LYS A CA   1 
ATOM   1073 C  C    . LYS A 1 139 ? 1.944   18.049  -6.188  1.00 17.25 ? 263 LYS A C    1 
ATOM   1074 O  O    . LYS A 1 139 ? 1.350   19.127  -6.154  1.00 19.42 ? 263 LYS A O    1 
ATOM   1075 C  CB   . LYS A 1 139 ? 4.148   18.391  -7.309  1.00 14.58 ? 263 LYS A CB   1 
ATOM   1076 C  CG   . LYS A 1 139 ? 3.728   17.562  -8.518  1.00 14.86 ? 263 LYS A CG   1 
ATOM   1077 C  CD   . LYS A 1 139 ? 4.519   17.966  -9.757  1.00 14.70 ? 263 LYS A CD   1 
ATOM   1078 C  CE   . LYS A 1 139 ? 3.971   17.303  -11.015 1.00 16.70 ? 263 LYS A CE   1 
ATOM   1079 N  NZ   . LYS A 1 139 ? 4.176   15.825  -11.038 1.00 14.24 ? 263 LYS A NZ   1 
ATOM   1080 N  N    . HIS A 1 140 ? 1.314   16.899  -6.397  1.00 16.26 ? 264 HIS A N    1 
ATOM   1081 C  CA   . HIS A 1 140 ? -0.110  16.891  -6.688  1.00 17.03 ? 264 HIS A CA   1 
ATOM   1082 C  C    . HIS A 1 140 ? -0.978  17.029  -5.444  1.00 17.60 ? 264 HIS A C    1 
ATOM   1083 O  O    . HIS A 1 140 ? -2.200  17.143  -5.548  1.00 18.66 ? 264 HIS A O    1 
ATOM   1084 C  CB   . HIS A 1 140 ? -0.482  15.618  -7.453  1.00 20.17 ? 264 HIS A CB   1 
ATOM   1085 C  CG   . HIS A 1 140 ? 0.006   15.605  -8.869  1.00 23.50 ? 264 HIS A CG   1 
ATOM   1086 N  ND1  . HIS A 1 140 ? 0.686   14.536  -9.415  1.00 24.95 ? 264 HIS A ND1  1 
ATOM   1087 C  CD2  . HIS A 1 140 ? -0.079  16.539  -9.848  1.00 22.65 ? 264 HIS A CD2  1 
ATOM   1088 C  CE1  . HIS A 1 140 ? 0.999   14.812  -10.669 1.00 25.08 ? 264 HIS A CE1  1 
ATOM   1089 N  NE2  . HIS A 1 140 ? 0.546   16.020  -10.957 1.00 25.57 ? 264 HIS A NE2  1 
ATOM   1090 N  N    . PHE A 1 141 ? -0.356  17.029  -4.269  1.00 15.85 ? 265 PHE A N    1 
ATOM   1091 C  CA   . PHE A 1 141 ? -1.111  17.085  -3.018  1.00 16.69 ? 265 PHE A CA   1 
ATOM   1092 C  C    . PHE A 1 141 ? -0.706  18.245  -2.118  1.00 17.18 ? 265 PHE A C    1 
ATOM   1093 O  O    . PHE A 1 141 ? -0.665  18.104  -0.899  1.00 17.61 ? 265 PHE A O    1 
ATOM   1094 C  CB   . PHE A 1 141 ? -0.958  15.762  -2.257  1.00 15.02 ? 265 PHE A CB   1 
ATOM   1095 C  CG   . PHE A 1 141 ? -1.504  14.572  -2.997  1.00 13.61 ? 265 PHE A CG   1 
ATOM   1096 C  CD1  . PHE A 1 141 ? -2.855  14.490  -3.298  1.00 14.84 ? 265 PHE A CD1  1 
ATOM   1097 C  CD2  . PHE A 1 141 ? -0.665  13.545  -3.405  1.00 14.29 ? 265 PHE A CD2  1 
ATOM   1098 C  CE1  . PHE A 1 141 ? -3.363  13.406  -3.996  1.00 14.03 ? 265 PHE A CE1  1 
ATOM   1099 C  CE2  . PHE A 1 141 ? -1.162  12.454  -4.105  1.00 15.20 ? 265 PHE A CE2  1 
ATOM   1100 C  CZ   . PHE A 1 141 ? -2.515  12.384  -4.402  1.00 16.12 ? 265 PHE A CZ   1 
ATOM   1101 N  N    . GLN A 1 142 ? -0.419  19.399  -2.711  1.00 19.18 ? 266 GLN A N    1 
ATOM   1102 C  CA   . GLN A 1 142 ? 0.096   20.527  -1.939  1.00 21.02 ? 266 GLN A CA   1 
ATOM   1103 C  C    . GLN A 1 142 ? -0.994  21.423  -1.352  1.00 23.05 ? 266 GLN A C    1 
ATOM   1104 O  O    . GLN A 1 142 ? -0.703  22.337  -0.577  1.00 26.49 ? 266 GLN A O    1 
ATOM   1105 C  CB   . GLN A 1 142 ? 1.048   21.363  -2.803  1.00 22.20 ? 266 GLN A CB   1 
ATOM   1106 C  CG   . GLN A 1 142 ? 2.274   20.600  -3.294  1.00 24.56 ? 266 GLN A CG   1 
ATOM   1107 C  CD   . GLN A 1 142 ? 3.221   20.204  -2.169  1.00 25.81 ? 266 GLN A CD   1 
ATOM   1108 O  OE1  . GLN A 1 142 ? 3.466   19.018  -1.934  1.00 24.55 ? 266 GLN A OE1  1 
ATOM   1109 N  NE2  . GLN A 1 142 ? 3.764   21.200  -1.472  1.00 25.09 ? 266 GLN A NE2  1 
ATOM   1110 N  N    . THR A 1 143 ? -2.247  21.170  -1.710  1.00 22.88 ? 267 THR A N    1 
ATOM   1111 C  CA   . THR A 1 143 ? -3.345  21.988  -1.212  1.00 24.33 ? 267 THR A CA   1 
ATOM   1112 C  C    . THR A 1 143 ? -4.403  21.132  -0.530  1.00 25.09 ? 267 THR A C    1 
ATOM   1113 O  O    . THR A 1 143 ? -4.518  19.938  -0.805  1.00 24.63 ? 267 THR A O    1 
ATOM   1114 C  CB   . THR A 1 143 ? -4.012  22.781  -2.352  1.00 25.58 ? 267 THR A CB   1 
ATOM   1115 O  OG1  . THR A 1 143 ? -4.615  21.872  -3.281  1.00 24.35 ? 267 THR A OG1  1 
ATOM   1116 C  CG2  . THR A 1 143 ? -2.977  23.631  -3.083  1.00 27.00 ? 267 THR A CG2  1 
ATOM   1117 N  N    . LYS A 1 144 ? -5.176  21.746  0.360   1.00 24.28 ? 268 LYS A N    1 
ATOM   1118 C  CA   . LYS A 1 144 ? -6.221  21.023  1.074   1.00 24.03 ? 268 LYS A CA   1 
ATOM   1119 C  C    . LYS A 1 144 ? -7.180  20.375  0.080   1.00 24.05 ? 268 LYS A C    1 
ATOM   1120 O  O    . LYS A 1 144 ? -7.600  19.232  0.260   1.00 22.97 ? 268 LYS A O    1 
ATOM   1121 C  CB   . LYS A 1 144 ? -6.987  21.976  1.994   1.00 25.58 ? 268 LYS A CB   1 
ATOM   1122 C  CG   . LYS A 1 144 ? -7.913  21.290  2.989   1.00 26.72 ? 268 LYS A CG   1 
ATOM   1123 C  CD   . LYS A 1 144 ? -7.815  21.970  4.348   0.00 26.32 ? 268 LYS A CD   1 
ATOM   1124 C  CE   . LYS A 1 144 ? -8.891  21.486  5.306   0.00 26.41 ? 268 LYS A CE   1 
ATOM   1125 N  NZ   . LYS A 1 144 ? -8.858  22.243  6.590   0.00 26.35 ? 268 LYS A NZ   1 
ATOM   1126 N  N    . GLU A 1 145 ? -7.510  21.105  -0.979  1.00 23.38 ? 269 GLU A N    1 
ATOM   1127 C  CA   . GLU A 1 145 ? -8.470  20.625  -1.960  1.00 23.32 ? 269 GLU A CA   1 
ATOM   1128 C  C    . GLU A 1 145 ? -7.973  19.410  -2.738  1.00 21.39 ? 269 GLU A C    1 
ATOM   1129 O  O    . GLU A 1 145 ? -8.735  18.479  -2.996  1.00 20.36 ? 269 GLU A O    1 
ATOM   1130 C  CB   . GLU A 1 145 ? -8.824  21.735  -2.944  1.00 27.13 ? 269 GLU A CB   1 
ATOM   1131 C  CG   . GLU A 1 145 ? -9.692  21.253  -4.090  1.00 33.51 ? 269 GLU A CG   1 
ATOM   1132 C  CD   . GLU A 1 145 ? -9.867  22.306  -5.163  1.00 36.72 ? 269 GLU A CD   1 
ATOM   1133 O  OE1  . GLU A 1 145 ? -9.558  22.016  -6.339  1.00 39.46 ? 269 GLU A OE1  1 
ATOM   1134 O  OE2  . GLU A 1 145 ? -10.315 23.423  -4.828  1.00 38.94 ? 269 GLU A OE2  1 
ATOM   1135 N  N    . SER A 1 146 ? -6.699  19.416  -3.121  1.00 19.68 ? 270 SER A N    1 
ATOM   1136 C  CA   . SER A 1 146 ? -6.143  18.280  -3.844  1.00 18.81 ? 270 SER A CA   1 
ATOM   1137 C  C    . SER A 1 146 ? -5.993  17.078  -2.908  1.00 19.10 ? 270 SER A C    1 
ATOM   1138 O  O    . SER A 1 146 ? -6.182  15.933  -3.315  1.00 17.28 ? 270 SER A O    1 
ATOM   1139 C  CB   . SER A 1 146 ? -4.783  18.642  -4.458  1.00 18.79 ? 270 SER A CB   1 
ATOM   1140 O  OG   . SER A 1 146 ? -3.843  19.012  -3.465  1.00 17.59 ? 270 SER A OG   1 
ATOM   1141 N  N    . GLN A 1 147 ? -5.667  17.342  -1.649  1.00 18.87 ? 271 GLN A N    1 
ATOM   1142 C  CA   . GLN A 1 147 ? -5.505  16.270  -0.676  1.00 19.30 ? 271 GLN A CA   1 
ATOM   1143 C  C    . GLN A 1 147 ? -6.823  15.553  -0.388  1.00 19.92 ? 271 GLN A C    1 
ATOM   1144 O  O    . GLN A 1 147 ? -6.836  14.360  -0.076  1.00 18.33 ? 271 GLN A O    1 
ATOM   1145 C  CB   . GLN A 1 147 ? -4.914  16.827  0.618   1.00 19.73 ? 271 GLN A CB   1 
ATOM   1146 C  CG   . GLN A 1 147 ? -3.482  17.307  0.460   1.00 18.83 ? 271 GLN A CG   1 
ATOM   1147 C  CD   . GLN A 1 147 ? -3.077  18.324  1.510   1.00 20.37 ? 271 GLN A CD   1 
ATOM   1148 O  OE1  . GLN A 1 147 ? -3.714  18.448  2.556   1.00 23.39 ? 271 GLN A OE1  1 
ATOM   1149 N  NE2  . GLN A 1 147 ? -2.012  19.059  1.233   1.00 21.11 ? 271 GLN A NE2  1 
ATOM   1150 N  N    . GLU A 1 148 ? -7.933  16.275  -0.504  1.00 19.30 ? 272 GLU A N    1 
ATOM   1151 C  CA   . GLU A 1 148 ? -9.239  15.713  -0.159  1.00 18.71 ? 272 GLU A CA   1 
ATOM   1152 C  C    . GLU A 1 148 ? -9.669  14.604  -1.111  1.00 18.13 ? 272 GLU A C    1 
ATOM   1153 O  O    . GLU A 1 148 ? -10.492 13.761  -0.757  1.00 16.56 ? 272 GLU A O    1 
ATOM   1154 C  CB   . GLU A 1 148 ? -10.304 16.817  -0.136  1.00 22.91 ? 272 GLU A CB   1 
ATOM   1155 C  CG   . GLU A 1 148 ? -10.200 17.746  1.063   1.00 28.23 ? 272 GLU A CG   1 
ATOM   1156 C  CD   . GLU A 1 148 ? -11.218 18.872  1.023   1.00 33.03 ? 272 GLU A CD   1 
ATOM   1157 O  OE1  . GLU A 1 148 ? -11.573 19.388  2.103   1.00 35.98 ? 272 GLU A OE1  1 
ATOM   1158 O  OE2  . GLU A 1 148 ? -11.660 19.241  -0.086  1.00 35.75 ? 272 GLU A OE2  1 
ATOM   1159 N  N    . THR A 1 149 ? -9.111  14.603  -2.316  1.00 16.93 ? 273 THR A N    1 
ATOM   1160 C  CA   . THR A 1 149 ? -9.466  13.594  -3.306  1.00 18.06 ? 273 THR A CA   1 
ATOM   1161 C  C    . THR A 1 149 ? -9.086  12.191  -2.845  1.00 16.90 ? 273 THR A C    1 
ATOM   1162 O  O    . THR A 1 149 ? -9.590  11.202  -3.371  1.00 17.26 ? 273 THR A O    1 
ATOM   1163 C  CB   . THR A 1 149 ? -8.780  13.869  -4.665  1.00 19.44 ? 273 THR A CB   1 
ATOM   1164 O  OG1  . THR A 1 149 ? -7.358  13.814  -4.509  1.00 17.93 ? 273 THR A OG1  1 
ATOM   1165 C  CG2  . THR A 1 149 ? -9.169  15.241  -5.185  1.00 20.13 ? 273 THR A CG2  1 
ATOM   1166 N  N    . LEU A 1 150 ? -8.203  12.100  -1.856  1.00 17.53 ? 274 LEU A N    1 
ATOM   1167 C  CA   . LEU A 1 150 ? -7.753  10.794  -1.381  1.00 16.10 ? 274 LEU A CA   1 
ATOM   1168 C  C    . LEU A 1 150 ? -8.648  10.208  -0.292  1.00 16.08 ? 274 LEU A C    1 
ATOM   1169 O  O    . LEU A 1 150 ? -8.595  9.014   -0.020  1.00 14.99 ? 274 LEU A O    1 
ATOM   1170 C  CB   . LEU A 1 150 ? -6.320  10.886  -0.859  1.00 17.56 ? 274 LEU A CB   1 
ATOM   1171 C  CG   . LEU A 1 150 ? -5.276  11.338  -1.879  1.00 17.23 ? 274 LEU A CG   1 
ATOM   1172 C  CD1  . LEU A 1 150 ? -3.896  11.305  -1.246  1.00 19.07 ? 274 LEU A CD1  1 
ATOM   1173 C  CD2  . LEU A 1 150 ? -5.336  10.437  -3.101  1.00 19.13 ? 274 LEU A CD2  1 
ATOM   1174 N  N    . HIS A 1 151 ? -9.462  11.052  0.332   1.00 15.46 ? 275 HIS A N    1 
ATOM   1175 C  CA   . HIS A 1 151 ? -10.216 10.651  1.514   1.00 14.63 ? 275 HIS A CA   1 
ATOM   1176 C  C    . HIS A 1 151 ? -11.155 9.488   1.223   1.00 15.39 ? 275 HIS A C    1 
ATOM   1177 O  O    . HIS A 1 151 ? -11.393 8.644   2.086   1.00 14.56 ? 275 HIS A O    1 
ATOM   1178 C  CB   . HIS A 1 151 ? -11.030 11.831  2.053   1.00 15.10 ? 275 HIS A CB   1 
ATOM   1179 C  CG   . HIS A 1 151 ? -10.193 12.953  2.585   1.00 14.45 ? 275 HIS A CG   1 
ATOM   1180 N  ND1  . HIS A 1 151 ? -10.720 13.976  3.344   1.00 16.66 ? 275 HIS A ND1  1 
ATOM   1181 C  CD2  . HIS A 1 151 ? -8.870  13.205  2.480   1.00 14.67 ? 275 HIS A CD2  1 
ATOM   1182 C  CE1  . HIS A 1 151 ? -9.754  14.810  3.684   1.00 14.06 ? 275 HIS A CE1  1 
ATOM   1183 N  NE2  . HIS A 1 151 ? -8.622  14.367  3.173   1.00 14.59 ? 275 HIS A NE2  1 
ATOM   1184 N  N    . LYS A 1 152 ? -11.688 9.450   0.005   1.00 12.56 ? 276 LYS A N    1 
ATOM   1185 C  CA   . LYS A 1 152 ? -12.657 8.428   -0.370  1.00 13.57 ? 276 LYS A CA   1 
ATOM   1186 C  C    . LYS A 1 152 ? -12.050 7.030   -0.342  1.00 12.62 ? 276 LYS A C    1 
ATOM   1187 O  O    . LYS A 1 152 ? -12.772 6.040   -0.306  1.00 12.74 ? 276 LYS A O    1 
ATOM   1188 C  CB   . LYS A 1 152 ? -13.214 8.715   -1.771  1.00 15.77 ? 276 LYS A CB   1 
ATOM   1189 C  CG   . LYS A 1 152 ? -12.185 8.613   -2.885  1.00 15.54 ? 276 LYS A CG   1 
ATOM   1190 C  CD   . LYS A 1 152 ? -12.834 8.760   -4.255  1.00 16.79 ? 276 LYS A CD   1 
ATOM   1191 C  CE   . LYS A 1 152 ? -13.264 10.190  -4.516  1.00 19.22 ? 276 LYS A CE   1 
ATOM   1192 N  NZ   . LYS A 1 152 ? -12.089 11.072  -4.782  1.00 20.59 ? 276 LYS A NZ   1 
ATOM   1193 N  N    . PHE A 1 153 ? -10.722 6.953   -0.350  1.00 12.77 ? 277 PHE A N    1 
ATOM   1194 C  CA   . PHE A 1 153 ? -10.038 5.661   -0.345  1.00 11.10 ? 277 PHE A CA   1 
ATOM   1195 C  C    . PHE A 1 153 ? -9.678  5.179   1.057   1.00 11.99 ? 277 PHE A C    1 
ATOM   1196 O  O    . PHE A 1 153 ? -9.305  4.020   1.233   1.00 12.81 ? 277 PHE A O    1 
ATOM   1197 C  CB   . PHE A 1 153 ? -8.764  5.733   -1.198  1.00 11.55 ? 277 PHE A CB   1 
ATOM   1198 C  CG   . PHE A 1 153 ? -9.029  6.001   -2.652  1.00 13.22 ? 277 PHE A CG   1 
ATOM   1199 C  CD1  . PHE A 1 153 ? -9.984  5.265   -3.339  1.00 13.22 ? 277 PHE A CD1  1 
ATOM   1200 C  CD2  . PHE A 1 153 ? -8.343  6.996   -3.324  1.00 13.44 ? 277 PHE A CD2  1 
ATOM   1201 C  CE1  . PHE A 1 153 ? -10.251 5.517   -4.669  1.00 12.39 ? 277 PHE A CE1  1 
ATOM   1202 C  CE2  . PHE A 1 153 ? -8.608  7.255   -4.660  1.00 18.17 ? 277 PHE A CE2  1 
ATOM   1203 C  CZ   . PHE A 1 153 ? -9.565  6.513   -5.331  1.00 13.48 ? 277 PHE A CZ   1 
ATOM   1204 N  N    . ALA A 1 154 ? -9.789  6.063   2.048   1.00 11.22 ? 278 ALA A N    1 
ATOM   1205 C  CA   . ALA A 1 154 ? -9.271  5.789   3.388   1.00 11.88 ? 278 ALA A CA   1 
ATOM   1206 C  C    . ALA A 1 154 ? -10.341 5.593   4.464   1.00 12.70 ? 278 ALA A C    1 
ATOM   1207 O  O    . ALA A 1 154 ? -11.494 6.005   4.309   1.00 14.31 ? 278 ALA A O    1 
ATOM   1208 C  CB   . ALA A 1 154 ? -8.316  6.910   3.813   1.00 10.86 ? 278 ALA A CB   1 
ATOM   1209 N  N    . SER A 1 155 ? -9.945  4.964   5.566   1.00 11.89 ? 279 SER A N    1 
ATOM   1210 C  CA   . SER A 1 155 ? -10.826 4.838   6.721   1.00 12.74 ? 279 SER A CA   1 
ATOM   1211 C  C    . SER A 1 155 ? -11.049 6.225   7.319   1.00 12.61 ? 279 SER A C    1 
ATOM   1212 O  O    . SER A 1 155 ? -10.394 7.191   6.924   1.00 10.89 ? 279 SER A O    1 
ATOM   1213 C  CB   . SER A 1 155 ? -10.206 3.903   7.766   1.00 12.48 ? 279 SER A CB   1 
ATOM   1214 O  OG   . SER A 1 155 ? -10.098 2.583   7.256   1.00 11.94 ? 279 SER A OG   1 
ATOM   1215 N  N    . LYS A 1 156 ? -11.982 6.319   8.260   1.00 12.21 ? 280 LYS A N    1 
ATOM   1216 C  CA   . LYS A 1 156 ? -12.328 7.591   8.885   1.00 12.09 ? 280 LYS A CA   1 
ATOM   1217 C  C    . LYS A 1 156 ? -11.746 7.673   10.296  1.00 11.73 ? 280 LYS A C    1 
ATOM   1218 O  O    . LYS A 1 156 ? -11.731 6.682   11.022  1.00 12.35 ? 280 LYS A O    1 
ATOM   1219 C  CB   . LYS A 1 156 ? -13.851 7.729   8.943   1.00 14.09 ? 280 LYS A CB   1 
ATOM   1220 C  CG   . LYS A 1 156 ? -14.509 7.749   7.577   1.00 17.32 ? 280 LYS A CG   1 
ATOM   1221 C  CD   . LYS A 1 156 ? -13.911 8.872   6.753   1.00 20.79 ? 280 LYS A CD   1 
ATOM   1222 C  CE   . LYS A 1 156 ? -14.662 9.125   5.469   1.00 25.15 ? 280 LYS A CE   1 
ATOM   1223 N  NZ   . LYS A 1 156 ? -14.064 10.302  4.767   1.00 23.60 ? 280 LYS A NZ   1 
ATOM   1224 N  N    . PRO A 1 157 ? -11.270 8.860   10.711  1.00 11.51 ? 281 PRO A N    1 
ATOM   1225 C  CA   . PRO A 1 157 ? -11.177 10.126  9.973   1.00 10.91 ? 281 PRO A CA   1 
ATOM   1226 C  C    . PRO A 1 157 ? -9.937  10.229  9.086   1.00 11.45 ? 281 PRO A C    1 
ATOM   1227 O  O    . PRO A 1 157 ? -8.918  9.590   9.346   1.00 10.93 ? 281 PRO A O    1 
ATOM   1228 C  CB   . PRO A 1 157 ? -11.147 11.173  11.077  1.00 12.10 ? 281 PRO A CB   1 
ATOM   1229 C  CG   . PRO A 1 157 ? -10.461 10.479  12.198  1.00 12.05 ? 281 PRO A CG   1 
ATOM   1230 C  CD   . PRO A 1 157 ? -10.846 9.024   12.114  1.00 12.60 ? 281 PRO A CD   1 
ATOM   1231 N  N    . ALA A 1 158 ? -10.025 11.062  8.056   1.00 12.14 ? 282 ALA A N    1 
ATOM   1232 C  CA   . ALA A 1 158 ? -8.888  11.337  7.184   1.00 13.32 ? 282 ALA A CA   1 
ATOM   1233 C  C    . ALA A 1 158 ? -7.670  11.828  7.968   1.00 14.21 ? 282 ALA A C    1 
ATOM   1234 O  O    . ALA A 1 158 ? -6.528  11.546  7.595   1.00 11.91 ? 282 ALA A O    1 
ATOM   1235 C  CB   . ALA A 1 158 ? -9.284  12.369  6.137   1.00 14.03 ? 282 ALA A CB   1 
ATOM   1236 N  N    . SER A 1 159 ? -7.911  12.555  9.059   1.00 14.58 ? 283 SER A N    1 
ATOM   1237 C  CA   . SER A 1 159 ? -6.817  13.109  9.854   1.00 15.83 ? 283 SER A CA   1 
ATOM   1238 C  C    . SER A 1 159 ? -5.912  12.029  10.437  1.00 16.52 ? 283 SER A C    1 
ATOM   1239 O  O    . SER A 1 159 ? -4.781  12.307  10.831  1.00 18.53 ? 283 SER A O    1 
ATOM   1240 C  CB   . SER A 1 159 ? -7.361  13.985  10.988  1.00 17.37 ? 283 SER A CB   1 
ATOM   1241 O  OG   . SER A 1 159 ? -8.238  13.257  11.830  1.00 14.22 ? 283 SER A OG   1 
ATOM   1242 N  N    . GLU A 1 160 ? -6.405  10.798  10.498  1.00 14.79 ? 284 GLU A N    1 
ATOM   1243 C  CA   . GLU A 1 160 ? -5.565  9.682   10.912  1.00 15.00 ? 284 GLU A CA   1 
ATOM   1244 C  C    . GLU A 1 160 ? -5.101  8.840   9.729   1.00 14.40 ? 284 GLU A C    1 
ATOM   1245 O  O    . GLU A 1 160 ? -3.944  8.432   9.670   1.00 14.58 ? 284 GLU A O    1 
ATOM   1246 C  CB   . GLU A 1 160 ? -6.313  8.792   11.909  1.00 16.89 ? 284 GLU A CB   1 
ATOM   1247 C  CG   . GLU A 1 160 ? -5.696  7.408   12.105  1.00 16.06 ? 284 GLU A CG   1 
ATOM   1248 C  CD   . GLU A 1 160 ? -4.319  7.451   12.752  1.00 18.94 ? 284 GLU A CD   1 
ATOM   1249 O  OE1  . GLU A 1 160 ? -3.945  8.501   13.317  1.00 19.45 ? 284 GLU A OE1  1 
ATOM   1250 O  OE2  . GLU A 1 160 ? -3.609  6.429   12.694  1.00 17.85 ? 284 GLU A OE2  1 
ATOM   1251 N  N    . PHE A 1 161 ? -6.003  8.586   8.786   1.00 13.14 ? 285 PHE A N    1 
ATOM   1252 C  CA   . PHE A 1 161 ? -5.767  7.556   7.784   1.00 12.87 ? 285 PHE A CA   1 
ATOM   1253 C  C    . PHE A 1 161 ? -5.263  8.049   6.430   1.00 13.50 ? 285 PHE A C    1 
ATOM   1254 O  O    . PHE A 1 161 ? -4.923  7.246   5.560   1.00 13.05 ? 285 PHE A O    1 
ATOM   1255 C  CB   . PHE A 1 161 ? -7.038  6.728   7.611   1.00 12.33 ? 285 PHE A CB   1 
ATOM   1256 C  CG   . PHE A 1 161 ? -7.395  5.943   8.835   1.00 12.24 ? 285 PHE A CG   1 
ATOM   1257 C  CD1  . PHE A 1 161 ? -6.707  4.781   9.151   1.00 11.52 ? 285 PHE A CD1  1 
ATOM   1258 C  CD2  . PHE A 1 161 ? -8.390  6.383   9.693   1.00 12.11 ? 285 PHE A CD2  1 
ATOM   1259 C  CE1  . PHE A 1 161 ? -7.004  4.074   10.306  1.00 14.54 ? 285 PHE A CE1  1 
ATOM   1260 C  CE2  . PHE A 1 161 ? -8.692  5.683   10.847  1.00 13.34 ? 285 PHE A CE2  1 
ATOM   1261 C  CZ   . PHE A 1 161 ? -8.001  4.528   11.158  1.00 13.51 ? 285 PHE A CZ   1 
ATOM   1262 N  N    . VAL A 1 162 ? -5.207  9.364   6.251   1.00 12.62 ? 286 VAL A N    1 
ATOM   1263 C  CA   . VAL A 1 162 ? -4.593  9.929   5.052   1.00 11.34 ? 286 VAL A CA   1 
ATOM   1264 C  C    . VAL A 1 162 ? -3.303  10.650  5.425   1.00 13.71 ? 286 VAL A C    1 
ATOM   1265 O  O    . VAL A 1 162 ? -3.323  11.594  6.214   1.00 13.19 ? 286 VAL A O    1 
ATOM   1266 C  CB   . VAL A 1 162 ? -5.529  10.937  4.357   1.00 12.82 ? 286 VAL A CB   1 
ATOM   1267 C  CG1  . VAL A 1 162 ? -4.833  11.530  3.139   1.00 11.56 ? 286 VAL A CG1  1 
ATOM   1268 C  CG2  . VAL A 1 162 ? -6.835  10.256  3.961   1.00 12.55 ? 286 VAL A CG2  1 
ATOM   1269 N  N    . LYS A 1 163 ? -2.187  10.195  4.862   1.00 12.69 ? 287 LYS A N    1 
ATOM   1270 C  CA   . LYS A 1 163 ? -0.891  10.818  5.108   1.00 14.38 ? 287 LYS A CA   1 
ATOM   1271 C  C    . LYS A 1 163 ? -0.464  11.553  3.841   1.00 13.94 ? 287 LYS A C    1 
ATOM   1272 O  O    . LYS A 1 163 ? -0.533  11.003  2.745   1.00 14.84 ? 287 LYS A O    1 
ATOM   1273 C  CB   . LYS A 1 163 ? 0.169   9.760   5.456   1.00 14.70 ? 287 LYS A CB   1 
ATOM   1274 C  CG   . LYS A 1 163 ? -0.255  8.720   6.484   1.00 15.81 ? 287 LYS A CG   1 
ATOM   1275 C  CD   . LYS A 1 163 ? -0.519  9.334   7.847   1.00 15.53 ? 287 LYS A CD   1 
ATOM   1276 C  CE   . LYS A 1 163 ? -0.759  8.251   8.894   1.00 14.71 ? 287 LYS A CE   1 
ATOM   1277 N  NZ   . LYS A 1 163 ? -1.122  8.818   10.223  1.00 13.47 ? 287 LYS A NZ   1 
ATOM   1278 N  N    . ILE A 1 164 ? -0.032  12.797  3.996   1.00 14.93 ? 288 ILE A N    1 
ATOM   1279 C  CA   . ILE A 1 164 ? 0.451   13.583  2.867   1.00 13.85 ? 288 ILE A CA   1 
ATOM   1280 C  C    . ILE A 1 164 ? 1.931   13.883  3.078   1.00 14.23 ? 288 ILE A C    1 
ATOM   1281 O  O    . ILE A 1 164 ? 2.314   14.446  4.102   1.00 14.25 ? 288 ILE A O    1 
ATOM   1282 C  CB   . ILE A 1 164 ? -0.317  14.917  2.744   1.00 14.82 ? 288 ILE A CB   1 
ATOM   1283 C  CG1  . ILE A 1 164 ? -1.821  14.645  2.618   1.00 15.26 ? 288 ILE A CG1  1 
ATOM   1284 C  CG2  . ILE A 1 164 ? 0.177   15.697  1.532   1.00 17.48 ? 288 ILE A CG2  1 
ATOM   1285 C  CD1  . ILE A 1 164 ? -2.203  13.831  1.403   1.00 14.75 ? 288 ILE A CD1  1 
ATOM   1286 N  N    . LEU A 1 165 ? 2.756   13.500  2.108   1.00 12.94 ? 289 LEU A N    1 
ATOM   1287 C  CA   . LEU A 1 165 ? 4.190   13.774  2.155   1.00 14.38 ? 289 LEU A CA   1 
ATOM   1288 C  C    . LEU A 1 165 ? 4.560   14.670  0.978   1.00 15.15 ? 289 LEU A C    1 
ATOM   1289 O  O    . LEU A 1 165 ? 4.093   14.457  -0.136  1.00 14.08 ? 289 LEU A O    1 
ATOM   1290 C  CB   . LEU A 1 165 ? 4.981   12.466  2.067   1.00 15.42 ? 289 LEU A CB   1 
ATOM   1291 C  CG   . LEU A 1 165 ? 4.535   11.333  2.998   1.00 17.84 ? 289 LEU A CG   1 
ATOM   1292 C  CD1  . LEU A 1 165 ? 5.513   10.168  2.901   1.00 16.17 ? 289 LEU A CD1  1 
ATOM   1293 C  CD2  . LEU A 1 165 ? 4.450   11.845  4.424   1.00 19.23 ? 289 LEU A CD2  1 
ATOM   1294 N  N    . ASP A 1 166 ? 5.405   15.668  1.209   1.00 16.38 ? 290 ASP A N    1 
ATOM   1295 C  CA   . ASP A 1 166 ? 5.732   16.570  0.121   1.00 18.34 ? 290 ASP A CA   1 
ATOM   1296 C  C    . ASP A 1 166 ? 6.697   15.942  -0.881  1.00 18.58 ? 290 ASP A C    1 
ATOM   1297 O  O    . ASP A 1 166 ? 6.715   16.338  -2.040  1.00 18.55 ? 290 ASP A O    1 
ATOM   1298 C  CB   . ASP A 1 166 ? 6.286   17.898  0.657   1.00 21.43 ? 290 ASP A CB   1 
ATOM   1299 C  CG   . ASP A 1 166 ? 7.759   17.849  0.952   0.00 20.52 ? 290 ASP A CG   1 
ATOM   1300 O  OD1  . ASP A 1 166 ? 8.204   16.917  1.651   0.00 20.91 ? 290 ASP A OD1  1 
ATOM   1301 O  OD2  . ASP A 1 166 ? 8.470   18.760  0.481   0.00 20.91 ? 290 ASP A OD2  1 
ATOM   1302 N  N    . THR A 1 167 ? 7.480   14.954  -0.447  1.00 17.08 ? 291 THR A N    1 
ATOM   1303 C  CA   . THR A 1 167 ? 8.355   14.221  -1.364  1.00 17.85 ? 291 THR A CA   1 
ATOM   1304 C  C    . THR A 1 167 ? 8.488   12.755  -0.962  1.00 17.76 ? 291 THR A C    1 
ATOM   1305 O  O    . THR A 1 167 ? 8.151   12.378  0.159   1.00 19.58 ? 291 THR A O    1 
ATOM   1306 C  CB   . THR A 1 167 ? 9.784   14.804  -1.401  1.00 19.11 ? 291 THR A CB   1 
ATOM   1307 O  OG1  . THR A 1 167 ? 10.429  14.555  -0.145  1.00 20.50 ? 291 THR A OG1  1 
ATOM   1308 C  CG2  . THR A 1 167 ? 9.753   16.297  -1.672  1.00 20.17 ? 291 THR A CG2  1 
ATOM   1309 N  N    . PHE A 1 168 ? 9.004   11.937  -1.875  1.00 15.97 ? 292 PHE A N    1 
ATOM   1310 C  CA   . PHE A 1 168 ? 9.223   10.523  -1.586  1.00 15.94 ? 292 PHE A CA   1 
ATOM   1311 C  C    . PHE A 1 168 ? 10.355  10.304  -0.581  1.00 16.49 ? 292 PHE A C    1 
ATOM   1312 O  O    . PHE A 1 168 ? 10.453  9.239   0.030   1.00 13.76 ? 292 PHE A O    1 
ATOM   1313 C  CB   . PHE A 1 168 ? 9.514   9.760   -2.886  1.00 16.71 ? 292 PHE A CB   1 
ATOM   1314 C  CG   . PHE A 1 168 ? 8.286   9.500   -3.720  1.00 17.14 ? 292 PHE A CG   1 
ATOM   1315 C  CD1  . PHE A 1 168 ? 7.729   10.507  -4.494  1.00 19.47 ? 292 PHE A CD1  1 
ATOM   1316 C  CD2  . PHE A 1 168 ? 7.679   8.253   -3.715  1.00 17.58 ? 292 PHE A CD2  1 
ATOM   1317 C  CE1  . PHE A 1 168 ? 6.588   10.279  -5.245  1.00 17.38 ? 292 PHE A CE1  1 
ATOM   1318 C  CE2  . PHE A 1 168 ? 6.537   8.017   -4.464  1.00 19.47 ? 292 PHE A CE2  1 
ATOM   1319 C  CZ   . PHE A 1 168 ? 5.991   9.032   -5.229  1.00 19.26 ? 292 PHE A CZ   1 
ATOM   1320 N  N    . GLU A 1 169 ? 11.206  11.312  -0.406  1.00 17.15 ? 293 GLU A N    1 
ATOM   1321 C  CA   . GLU A 1 169 ? 12.250  11.248  0.612   1.00 18.77 ? 293 GLU A CA   1 
ATOM   1322 C  C    . GLU A 1 169 ? 11.637  11.227  2.015   1.00 19.16 ? 293 GLU A C    1 
ATOM   1323 O  O    . GLU A 1 169 ? 12.246  10.728  2.960   1.00 19.24 ? 293 GLU A O    1 
ATOM   1324 C  CB   . GLU A 1 169 ? 13.196  12.445  0.484   1.00 23.03 ? 293 GLU A CB   1 
ATOM   1325 C  CG   . GLU A 1 169 ? 14.000  12.481  -0.810  1.00 30.46 ? 293 GLU A CG   1 
ATOM   1326 C  CD   . GLU A 1 169 ? 13.341  13.324  -1.888  1.00 34.20 ? 293 GLU A CD   1 
ATOM   1327 O  OE1  . GLU A 1 169 ? 12.289  12.905  -2.413  1.00 36.12 ? 293 GLU A OE1  1 
ATOM   1328 O  OE2  . GLU A 1 169 ? 13.878  14.408  -2.208  1.00 38.79 ? 293 GLU A OE2  1 
ATOM   1329 N  N    . LYS A 1 170 ? 10.428  11.764  2.141   1.00 17.12 ? 294 LYS A N    1 
ATOM   1330 C  CA   . LYS A 1 170 ? 9.746   11.826  3.431   1.00 17.96 ? 294 LYS A CA   1 
ATOM   1331 C  C    . LYS A 1 170 ? 9.195   10.474  3.888   1.00 17.55 ? 294 LYS A C    1 
ATOM   1332 O  O    . LYS A 1 170 ? 8.714   10.348  5.015   1.00 17.96 ? 294 LYS A O    1 
ATOM   1333 C  CB   . LYS A 1 170 ? 8.601   12.846  3.381   1.00 18.83 ? 294 LYS A CB   1 
ATOM   1334 C  CG   . LYS A 1 170 ? 9.044   14.288  3.208   1.00 24.03 ? 294 LYS A CG   1 
ATOM   1335 C  CD   . LYS A 1 170 ? 9.859   14.762  4.400   1.00 26.84 ? 294 LYS A CD   1 
ATOM   1336 C  CE   . LYS A 1 170 ? 10.460  16.131  4.153   1.00 29.33 ? 294 LYS A CE   1 
ATOM   1337 N  NZ   . LYS A 1 170 ? 11.707  16.332  4.954   1.00 31.53 ? 294 LYS A NZ   1 
ATOM   1338 N  N    . LEU A 1 171 ? 9.251   9.464   3.022   1.00 17.89 ? 295 LEU A N    1 
ATOM   1339 C  CA   . LEU A 1 171 ? 8.829   8.123   3.420   1.00 16.97 ? 295 LEU A CA   1 
ATOM   1340 C  C    . LEU A 1 171 ? 9.729   7.636   4.551   1.00 18.79 ? 295 LEU A C    1 
ATOM   1341 O  O    . LEU A 1 171 ? 9.299   6.905   5.449   1.00 15.42 ? 295 LEU A O    1 
ATOM   1342 C  CB   . LEU A 1 171 ? 8.910   7.157   2.233   1.00 16.46 ? 295 LEU A CB   1 
ATOM   1343 C  CG   . LEU A 1 171 ? 7.708   7.180   1.282   1.00 14.89 ? 295 LEU A CG   1 
ATOM   1344 C  CD1  . LEU A 1 171 ? 8.026   6.402   0.019   1.00 15.75 ? 295 LEU A CD1  1 
ATOM   1345 C  CD2  . LEU A 1 171 ? 6.490   6.594   1.986   1.00 15.59 ? 295 LEU A CD2  1 
ATOM   1346 N  N    . LYS A 1 172 ? 10.983  8.067   4.500   1.00 21.16 ? 296 LYS A N    1 
ATOM   1347 C  CA   . LYS A 1 172 ? 11.967  7.740   5.523   1.00 24.02 ? 296 LYS A CA   1 
ATOM   1348 C  C    . LYS A 1 172 ? 11.489  8.290   6.866   1.00 23.27 ? 296 LYS A C    1 
ATOM   1349 O  O    . LYS A 1 172 ? 11.491  7.586   7.881   1.00 22.79 ? 296 LYS A O    1 
ATOM   1350 C  CB   . LYS A 1 172 ? 13.313  8.368   5.142   1.00 26.67 ? 296 LYS A CB   1 
ATOM   1351 C  CG   . LYS A 1 172 ? 14.528  7.731   5.780   1.00 33.82 ? 296 LYS A CG   1 
ATOM   1352 C  CD   . LYS A 1 172 ? 15.799  8.255   5.118   1.00 36.75 ? 296 LYS A CD   1 
ATOM   1353 C  CE   . LYS A 1 172 ? 17.053  7.632   5.714   1.00 38.57 ? 296 LYS A CE   1 
ATOM   1354 N  NZ   . LYS A 1 172 ? 18.277  8.093   4.996   1.00 39.50 ? 296 LYS A NZ   1 
ATOM   1355 N  N    . ASP A 1 173 ? 11.067  9.549   6.856   1.00 22.28 ? 297 ASP A N    1 
ATOM   1356 C  CA   . ASP A 1 173 ? 10.589  10.216  8.059   1.00 22.99 ? 297 ASP A CA   1 
ATOM   1357 C  C    . ASP A 1 173 ? 9.280   9.608   8.552   1.00 21.31 ? 297 ASP A C    1 
ATOM   1358 O  O    . ASP A 1 173 ? 9.026   9.553   9.758   1.00 19.18 ? 297 ASP A O    1 
ATOM   1359 C  CB   . ASP A 1 173 ? 10.385  11.705  7.786   1.00 25.80 ? 297 ASP A CB   1 
ATOM   1360 C  CG   . ASP A 1 173 ? 11.661  12.397  7.358   1.00 31.02 ? 297 ASP A CG   1 
ATOM   1361 O  OD1  . ASP A 1 173 ? 12.715  12.134  7.975   1.00 33.62 ? 297 ASP A OD1  1 
ATOM   1362 O  OD2  . ASP A 1 173 ? 11.612  13.201  6.404   1.00 31.33 ? 297 ASP A OD2  1 
ATOM   1363 N  N    . LEU A 1 174 ? 8.445   9.164   7.619   1.00 19.56 ? 298 LEU A N    1 
ATOM   1364 C  CA   . LEU A 1 174 ? 7.171   8.563   7.990   1.00 18.77 ? 298 LEU A CA   1 
ATOM   1365 C  C    . LEU A 1 174 ? 7.413   7.235   8.687   1.00 18.01 ? 298 LEU A C    1 
ATOM   1366 O  O    . LEU A 1 174 ? 6.715   6.888   9.639   1.00 18.43 ? 298 LEU A O    1 
ATOM   1367 C  CB   . LEU A 1 174 ? 6.294   8.336   6.755   1.00 16.90 ? 298 LEU A CB   1 
ATOM   1368 C  CG   . LEU A 1 174 ? 4.995   7.565   7.014   1.00 17.03 ? 298 LEU A CG   1 
ATOM   1369 C  CD1  . LEU A 1 174 ? 4.141   8.305   8.032   1.00 15.65 ? 298 LEU A CD1  1 
ATOM   1370 C  CD2  . LEU A 1 174 ? 4.240   7.391   5.710   1.00 16.80 ? 298 LEU A CD2  1 
ATOM   1371 N  N    . PHE A 1 175 ? 8.405   6.494   8.215   1.00 17.42 ? 299 PHE A N    1 
ATOM   1372 C  CA   . PHE A 1 175 ? 8.717   5.211   8.821   1.00 19.40 ? 299 PHE A CA   1 
ATOM   1373 C  C    . PHE A 1 175 ? 9.193   5.405   10.255  1.00 19.54 ? 299 PHE A C    1 
ATOM   1374 O  O    . PHE A 1 175 ? 8.808   4.658   11.155  1.00 20.78 ? 299 PHE A O    1 
ATOM   1375 C  CB   . PHE A 1 175 ? 9.798   4.481   8.025   1.00 18.83 ? 299 PHE A CB   1 
ATOM   1376 C  CG   . PHE A 1 175 ? 10.273  3.221   8.685   1.00 19.86 ? 299 PHE A CG   1 
ATOM   1377 C  CD1  . PHE A 1 175 ? 9.392   2.179   8.929   1.00 19.26 ? 299 PHE A CD1  1 
ATOM   1378 C  CD2  . PHE A 1 175 ? 11.591  3.084   9.083   1.00 20.22 ? 299 PHE A CD2  1 
ATOM   1379 C  CE1  . PHE A 1 175 ? 9.816   1.027   9.558   1.00 20.13 ? 299 PHE A CE1  1 
ATOM   1380 C  CE2  . PHE A 1 175 ? 12.022  1.930   9.712   1.00 20.57 ? 299 PHE A CE2  1 
ATOM   1381 C  CZ   . PHE A 1 175 ? 11.132  0.902   9.950   1.00 21.21 ? 299 PHE A CZ   1 
ATOM   1382 N  N    . THR A 1 176 ? 10.030  6.414   10.462  1.00 20.25 ? 300 THR A N    1 
ATOM   1383 C  CA   . THR A 1 176 ? 10.561  6.698   11.790  1.00 20.68 ? 300 THR A CA   1 
ATOM   1384 C  C    . THR A 1 176 ? 9.425   6.990   12.758  1.00 20.26 ? 300 THR A C    1 
ATOM   1385 O  O    . THR A 1 176 ? 9.450   6.562   13.911  1.00 21.34 ? 300 THR A O    1 
ATOM   1386 C  CB   . THR A 1 176 ? 11.508  7.907   11.755  1.00 19.83 ? 300 THR A CB   1 
ATOM   1387 O  OG1  . THR A 1 176 ? 12.605  7.623   10.881  1.00 19.16 ? 300 THR A OG1  1 
ATOM   1388 C  CG2  . THR A 1 176 ? 12.040  8.208   13.147  1.00 21.89 ? 300 THR A CG2  1 
ATOM   1389 N  N    . GLU A 1 177 ? 8.424   7.717   12.276  1.00 20.67 ? 301 GLU A N    1 
ATOM   1390 C  CA   . GLU A 1 177 ? 7.250   8.034   13.077  1.00 22.01 ? 301 GLU A CA   1 
ATOM   1391 C  C    . GLU A 1 177 ? 6.387   6.791   13.318  1.00 22.33 ? 301 GLU A C    1 
ATOM   1392 O  O    . GLU A 1 177 ? 5.885   6.580   14.421  1.00 22.32 ? 301 GLU A O    1 
ATOM   1393 C  CB   . GLU A 1 177 ? 6.424   9.115   12.374  1.00 21.87 ? 301 GLU A CB   1 
ATOM   1394 C  CG   . GLU A 1 177 ? 5.130   9.478   13.080  1.00 24.27 ? 301 GLU A CG   1 
ATOM   1395 C  CD   . GLU A 1 177 ? 4.253   10.392  12.249  0.00 23.63 ? 301 GLU A CD   1 
ATOM   1396 O  OE1  . GLU A 1 177 ? 3.917   10.015  11.105  0.00 23.87 ? 301 GLU A OE1  1 
ATOM   1397 O  OE2  . GLU A 1 177 ? 3.899   11.486  12.735  0.00 23.87 ? 301 GLU A OE2  1 
ATOM   1398 N  N    . LEU A 1 178 ? 6.215   5.971   12.284  1.00 22.67 ? 302 LEU A N    1 
ATOM   1399 C  CA   . LEU A 1 178 ? 5.412   4.753   12.395  1.00 23.95 ? 302 LEU A CA   1 
ATOM   1400 C  C    . LEU A 1 178 ? 6.059   3.753   13.346  1.00 26.41 ? 302 LEU A C    1 
ATOM   1401 O  O    . LEU A 1 178 ? 5.371   3.061   14.097  1.00 25.46 ? 302 LEU A O    1 
ATOM   1402 C  CB   . LEU A 1 178 ? 5.253   4.093   11.028  1.00 23.98 ? 302 LEU A CB   1 
ATOM   1403 C  CG   . LEU A 1 178 ? 4.446   4.831   9.962   1.00 23.85 ? 302 LEU A CG   1 
ATOM   1404 C  CD1  . LEU A 1 178 ? 4.485   4.027   8.674   1.00 23.63 ? 302 LEU A CD1  1 
ATOM   1405 C  CD2  . LEU A 1 178 ? 3.011   5.020   10.430  1.00 25.13 ? 302 LEU A CD2  1 
ATOM   1406 N  N    . GLN A 1 179 ? 7.386   3.684   13.294  1.00 28.45 ? 303 GLN A N    1 
ATOM   1407 C  CA   . GLN A 1 179 ? 8.158   2.753   14.110  1.00 32.56 ? 303 GLN A CA   1 
ATOM   1408 C  C    . GLN A 1 179 ? 7.733   2.844   15.566  1.00 34.41 ? 303 GLN A C    1 
ATOM   1409 O  O    . GLN A 1 179 ? 7.647   1.834   16.266  1.00 35.75 ? 303 GLN A O    1 
ATOM   1410 C  CB   . GLN A 1 179 ? 9.650   3.074   14.007  1.00 32.84 ? 303 GLN A CB   1 
ATOM   1411 C  CG   . GLN A 1 179 ? 10.481  1.997   13.343  1.00 33.67 ? 303 GLN A CG   1 
ATOM   1412 C  CD   . GLN A 1 179 ? 11.933  2.401   13.197  0.00 33.52 ? 303 GLN A CD   1 
ATOM   1413 O  OE1  . GLN A 1 179 ? 12.815  1.832   13.840  0.00 33.63 ? 303 GLN A OE1  1 
ATOM   1414 N  NE2  . GLN A 1 179 ? 12.189  3.387   12.345  0.00 33.63 ? 303 GLN A NE2  1 
ATOM   1415 N  N    . LYS A 1 180 ? 7.466   4.062   16.014  1.00 36.11 ? 304 LYS A N    1 
ATOM   1416 C  CA   . LYS A 1 180 ? 7.145   4.308   17.409  1.00 38.89 ? 304 LYS A CA   1 
ATOM   1417 C  C    . LYS A 1 180 ? 5.778   3.740   17.788  1.00 39.58 ? 304 LYS A C    1 
ATOM   1418 O  O    . LYS A 1 180 ? 5.625   3.143   18.854  1.00 40.84 ? 304 LYS A O    1 
ATOM   1419 C  CB   . LYS A 1 180 ? 7.190   5.811   17.683  1.00 37.89 ? 304 LYS A CB   1 
ATOM   1420 C  CG   . LYS A 1 180 ? 8.522   6.440   17.306  1.00 39.34 ? 304 LYS A CG   1 
ATOM   1421 C  CD   . LYS A 1 180 ? 8.479   7.953   17.403  1.00 39.45 ? 304 LYS A CD   1 
ATOM   1422 C  CE   . LYS A 1 180 ? 9.820   8.558   17.015  1.00 40.19 ? 304 LYS A CE   1 
ATOM   1423 N  NZ   . LYS A 1 180 ? 9.752   10.040  16.923  1.00 39.42 ? 304 LYS A NZ   1 
ATOM   1424 N  N    . LYS A 1 181 ? 4.793   3.905   16.909  1.00 39.24 ? 305 LYS A N    1 
ATOM   1425 C  CA   . LYS A 1 181 ? 3.431   3.465   17.204  1.00 40.04 ? 305 LYS A CA   1 
ATOM   1426 C  C    . LYS A 1 181 ? 3.344   1.962   17.436  1.00 40.78 ? 305 LYS A C    1 
ATOM   1427 O  O    . LYS A 1 181 ? 2.279   1.432   17.743  1.00 41.62 ? 305 LYS A O    1 
ATOM   1428 C  CB   . LYS A 1 181 ? 2.484   3.868   16.068  1.00 38.48 ? 305 LYS A CB   1 
ATOM   1429 C  CG   . LYS A 1 181 ? 2.489   5.356   15.774  1.00 39.03 ? 305 LYS A CG   1 
ATOM   1430 C  CD   . LYS A 1 181 ? 1.359   5.780   14.854  1.00 38.81 ? 305 LYS A CD   1 
ATOM   1431 C  CE   . LYS A 1 181 ? 1.707   7.078   14.138  1.00 40.57 ? 305 LYS A CE   1 
ATOM   1432 N  NZ   . LYS A 1 181 ? 0.538   7.994   14.012  1.00 41.64 ? 305 LYS A NZ   1 
ATOM   1433 N  N    . ILE A 1 182 ? 4.468   1.272   17.293  1.00 40.96 ? 306 ILE A N    1 
ATOM   1434 C  CA   . ILE A 1 182 ? 4.491   -0.176  17.452  1.00 40.87 ? 306 ILE A CA   1 
ATOM   1435 C  C    . ILE A 1 182 ? 4.525   -0.537  18.935  1.00 41.09 ? 306 ILE A C    1 
ATOM   1436 O  O    . ILE A 1 182 ? 5.480   -0.215  19.639  1.00 40.83 ? 306 ILE A O    1 
ATOM   1437 C  CB   . ILE A 1 182 ? 5.722   -0.783  16.758  1.00 41.57 ? 306 ILE A CB   1 
ATOM   1438 C  CG1  . ILE A 1 182 ? 5.727   -0.399  15.280  1.00 41.75 ? 306 ILE A CG1  1 
ATOM   1439 C  CG2  . ILE A 1 182 ? 5.703   -2.293  16.904  1.00 41.40 ? 306 ILE A CG2  1 
ATOM   1440 C  CD1  . ILE A 1 182 ? 6.984   -0.810  14.554  1.00 41.73 ? 306 ILE A CD1  1 
ATOM   1441 N  N    . TYR A 1 183 ? 3.479   -1.206  19.406  1.00 40.49 ? 307 TYR A N    1 
ATOM   1442 C  CA   . TYR A 1 183 ? 3.417   -1.621  20.802  1.00 40.95 ? 307 TYR A CA   1 
ATOM   1443 C  C    . TYR A 1 183 ? 3.668   -3.128  20.923  1.00 40.83 ? 307 TYR A C    1 
ATOM   1444 O  O    . TYR A 1 183 ? 3.555   -3.826  19.895  1.00 41.63 ? 307 TYR A O    1 
ATOM   1445 C  CB   . TYR A 1 183 ? 2.042   -1.270  21.396  1.00 40.25 ? 307 TYR A CB   1 
ATOM   1446 C  CG   . TYR A 1 183 ? 1.834   -1.756  22.818  1.00 38.93 ? 307 TYR A CG   1 
ATOM   1447 C  CD1  . TYR A 1 183 ? 2.157   -0.952  23.899  1.00 38.58 ? 307 TYR A CD1  1 
ATOM   1448 C  CD2  . TYR A 1 183 ? 1.309   -3.022  23.073  1.00 39.59 ? 307 TYR A CD2  1 
ATOM   1449 C  CE1  . TYR A 1 183 ? 1.964   -1.396  25.196  1.00 38.29 ? 307 TYR A CE1  1 
ATOM   1450 C  CE2  . TYR A 1 183 ? 1.116   -3.473  24.358  1.00 38.65 ? 307 TYR A CE2  1 
ATOM   1451 C  CZ   . TYR A 1 183 ? 1.443   -2.661  25.416  1.00 39.33 ? 307 TYR A CZ   1 
ATOM   1452 O  OH   . TYR A 1 183 ? 1.258   -3.129  26.698  1.00 38.16 ? 307 TYR A OH   1 
ATOM   1453 O  OXT  . TYR A 1 183 ? 3.973   -3.593  22.044  0.00 41.08 ? 307 TYR A OXT  1 
HETATM 1454 C  C1   . BJZ B 2 .   ? 1.819   1.716   7.569   1.00 15.16 ? 1   BJZ A C1   1 
HETATM 1455 C  C2   . BJZ B 2 .   ? 1.077   1.377   8.725   1.00 13.93 ? 1   BJZ A C2   1 
HETATM 1456 C  C4   . BJZ B 2 .   ? 0.136   2.317   9.252   1.00 14.05 ? 1   BJZ A C4   1 
HETATM 1457 C  C5   . BJZ B 2 .   ? -0.061  3.527   8.561   1.00 13.94 ? 1   BJZ A C5   1 
HETATM 1458 C  C7   . BJZ B 2 .   ? 0.685   3.827   7.411   1.00 15.69 ? 1   BJZ A C7   1 
HETATM 1459 C  C8   . BJZ B 2 .   ? 1.644   2.937   6.908   1.00 14.65 ? 1   BJZ A C8   1 
HETATM 1460 CL CL10 . BJZ B 2 .   ? 0.388   5.351   6.599   1.00 16.39 ? 1   BJZ A CL10 1 
HETATM 1461 N  N11  . BJZ B 2 .   ? -0.499  2.098   10.452  1.00 13.56 ? 1   BJZ A N11  1 
HETATM 1462 C  C12  . BJZ B 2 .   ? -0.568  2.983   11.484  1.00 14.50 ? 1   BJZ A C12  1 
HETATM 1463 N  N13  . BJZ B 2 .   ? -1.155  2.408   12.545  1.00 15.30 ? 1   BJZ A N13  1 
HETATM 1464 C  C14  . BJZ B 2 .   ? -1.447  1.001   12.300  1.00 15.12 ? 1   BJZ A C14  1 
HETATM 1465 C  C15  . BJZ B 2 .   ? -1.045  0.905   10.811  1.00 15.76 ? 1   BJZ A C15  1 
HETATM 1466 O  O16  . BJZ B 2 .   ? -1.204  -0.103  10.116  1.00 16.85 ? 1   BJZ A O16  1 
HETATM 1467 C  C17  . BJZ B 2 .   ? -2.910  0.565   12.484  1.00 17.04 ? 1   BJZ A C17  1 
HETATM 1468 N  N20  . BJZ B 2 .   ? -2.768  -0.792  13.020  1.00 16.86 ? 1   BJZ A N20  1 
HETATM 1469 C  C21  . BJZ B 2 .   ? -1.386  -1.270  13.067  1.00 16.04 ? 1   BJZ A C21  1 
HETATM 1470 C  C24  . BJZ B 2 .   ? -0.594  0.025   13.127  1.00 16.97 ? 1   BJZ A C24  1 
HETATM 1471 C  C26  . BJZ B 2 .   ? 0.872   -0.035  12.724  1.00 16.25 ? 1   BJZ A C26  1 
HETATM 1472 C  C27  . BJZ B 2 .   ? 1.756   0.914   13.269  1.00 18.03 ? 1   BJZ A C27  1 
HETATM 1473 C  C29  . BJZ B 2 .   ? 3.084   1.006   12.814  1.00 18.15 ? 1   BJZ A C29  1 
HETATM 1474 C  C31  . BJZ B 2 .   ? 3.541   0.101   11.839  1.00 18.10 ? 1   BJZ A C31  1 
HETATM 1475 C  C32  . BJZ B 2 .   ? 2.699   -0.878  11.307  1.00 18.72 ? 1   BJZ A C32  1 
HETATM 1476 C  C34  . BJZ B 2 .   ? 1.369   -0.959  11.763  1.00 19.19 ? 1   BJZ A C34  1 
HETATM 1477 C  C36  . BJZ B 2 .   ? 4.916   0.157   11.430  1.00 20.14 ? 1   BJZ A C36  1 
HETATM 1478 N  N37  . BJZ B 2 .   ? 6.023   0.208   11.092  1.00 21.94 ? 1   BJZ A N37  1 
HETATM 1479 C  C38  . BJZ B 2 .   ? -3.831  -1.529  13.508  1.00 18.24 ? 1   BJZ A C38  1 
HETATM 1480 N  N39  . BJZ B 2 .   ? -5.057  -0.937  13.619  1.00 19.49 ? 1   BJZ A N39  1 
HETATM 1481 C  C40  . BJZ B 2 .   ? -6.120  -1.647  14.093  1.00 20.69 ? 1   BJZ A C40  1 
HETATM 1482 C  C42  . BJZ B 2 .   ? -6.024  -2.998  14.457  1.00 21.70 ? 1   BJZ A C42  1 
HETATM 1483 C  C43  . BJZ B 2 .   ? -4.772  -3.617  14.330  1.00 21.26 ? 1   BJZ A C43  1 
HETATM 1484 C  C45  . BJZ B 2 .   ? -3.663  -2.886  13.867  1.00 19.09 ? 1   BJZ A C45  1 
HETATM 1485 C  C47  . BJZ B 2 .   ? -7.204  -3.740  14.939  1.00 23.35 ? 1   BJZ A C47  1 
HETATM 1486 O  O48  . BJZ B 2 .   ? -7.179  -4.913  15.153  1.00 24.81 ? 1   BJZ A O48  1 
HETATM 1487 O  O49  . BJZ B 2 .   ? -8.300  -2.988  15.098  1.00 23.04 ? 1   BJZ A O49  1 
HETATM 1488 C  C51  . BJZ B 2 .   ? -1.370  3.088   13.841  1.00 16.68 ? 1   BJZ A C51  1 
HETATM 1489 O  O55  . BJZ B 2 .   ? -0.162  4.141   11.494  1.00 12.47 ? 1   BJZ A O55  1 
HETATM 1490 CL CL56 . BJZ B 2 .   ? 2.960   0.609   6.912   1.00 16.79 ? 1   BJZ A CL56 1 
HETATM 1491 N  N    . NO3 C 3 .   ? -15.425 10.228  1.391   1.00 36.09 ? 401 NO3 A N    1 
HETATM 1492 O  O1   . NO3 C 3 .   ? -14.743 11.130  0.900   1.00 35.78 ? 401 NO3 A O1   1 
HETATM 1493 O  O2   . NO3 C 3 .   ? -16.551 9.940   0.912   1.00 36.85 ? 401 NO3 A O2   1 
HETATM 1494 O  O3   . NO3 C 3 .   ? -14.988 9.624   2.366   1.00 34.58 ? 401 NO3 A O3   1 
HETATM 1495 O  O    . HOH D 4 .   ? -13.952 4.850   5.329   1.00 12.10 ? 402 HOH A O    1 
HETATM 1496 O  O    . HOH D 4 .   ? -10.277 0.439   -13.981 1.00 11.67 ? 403 HOH A O    1 
HETATM 1497 O  O    . HOH D 4 .   ? -16.433 4.011   -2.778  1.00 15.50 ? 404 HOH A O    1 
HETATM 1498 O  O    . HOH D 4 .   ? -16.663 -2.392  -4.678  1.00 14.89 ? 405 HOH A O    1 
HETATM 1499 O  O    . HOH D 4 .   ? 6.557   -6.495  -11.186 1.00 15.28 ? 406 HOH A O    1 
HETATM 1500 O  O    . HOH D 4 .   ? 7.933   -12.530 -4.971  1.00 29.96 ? 407 HOH A O    1 
HETATM 1501 O  O    . HOH D 4 .   ? -1.088  6.688   12.141  1.00 17.41 ? 408 HOH A O    1 
HETATM 1502 O  O    . HOH D 4 .   ? -13.470 5.181   2.152   1.00 13.93 ? 409 HOH A O    1 
HETATM 1503 O  O    . HOH D 4 .   ? -7.371  -11.505 6.104   1.00 17.21 ? 410 HOH A O    1 
HETATM 1504 O  O    . HOH D 4 .   ? 12.296  7.676   1.223   1.00 21.48 ? 411 HOH A O    1 
HETATM 1505 O  O    . HOH D 4 .   ? 2.471   13.927  -6.603  1.00 12.56 ? 412 HOH A O    1 
HETATM 1506 O  O    . HOH D 4 .   ? -10.983 9.168   4.895   1.00 12.74 ? 413 HOH A O    1 
HETATM 1507 O  O    . HOH D 4 .   ? -10.415 18.482  4.317   1.00 39.42 ? 414 HOH A O    1 
HETATM 1508 O  O    . HOH D 4 .   ? -16.975 11.636  8.115   1.00 14.39 ? 415 HOH A O    1 
HETATM 1509 O  O    . HOH D 4 .   ? -11.099 -16.498 1.924   1.00 29.01 ? 416 HOH A O    1 
HETATM 1510 O  O    . HOH D 4 .   ? 0.239   7.836   -10.426 1.00 12.98 ? 417 HOH A O    1 
HETATM 1511 O  O    . HOH D 4 .   ? -21.358 3.171   -6.496  1.00 28.28 ? 418 HOH A O    1 
HETATM 1512 O  O    . HOH D 4 .   ? 5.596   11.697  -8.700  1.00 22.09 ? 419 HOH A O    1 
HETATM 1513 O  O    . HOH D 4 .   ? -12.243 11.986  -1.668  1.00 17.45 ? 420 HOH A O    1 
HETATM 1514 O  O    . HOH D 4 .   ? -2.316  -12.831 -0.545  1.00 13.54 ? 421 HOH A O    1 
HETATM 1515 O  O    . HOH D 4 .   ? -4.273  7.037   -6.679  1.00 11.19 ? 422 HOH A O    1 
HETATM 1516 O  O    . HOH D 4 .   ? -7.157  -14.516 -6.010  1.00 20.52 ? 423 HOH A O    1 
HETATM 1517 O  O    . HOH D 4 .   ? -0.939  -3.186  -18.179 1.00 29.05 ? 424 HOH A O    1 
HETATM 1518 O  O    . HOH D 4 .   ? -14.353 11.944  9.084   1.00 19.91 ? 425 HOH A O    1 
HETATM 1519 O  O    . HOH D 4 .   ? -11.274 -8.282  1.666   1.00 20.27 ? 426 HOH A O    1 
HETATM 1520 O  O    . HOH D 4 .   ? -0.196  14.037  6.572   1.00 28.58 ? 427 HOH A O    1 
HETATM 1521 O  O    . HOH D 4 .   ? -15.390 5.617   -0.867  1.00 15.72 ? 428 HOH A O    1 
HETATM 1522 O  O    . HOH D 4 .   ? -10.416 14.226  9.166   1.00 17.28 ? 429 HOH A O    1 
HETATM 1523 O  O    . HOH D 4 .   ? 11.311  4.285   4.279   1.00 24.03 ? 430 HOH A O    1 
HETATM 1524 O  O    . HOH D 4 .   ? -1.288  -20.000 -1.512  1.00 27.55 ? 431 HOH A O    1 
HETATM 1525 O  O    . HOH D 4 .   ? 13.537  -1.910  9.421   1.00 19.22 ? 432 HOH A O    1 
HETATM 1526 O  O    . HOH D 4 .   ? -0.214  11.640  -10.755 1.00 24.81 ? 433 HOH A O    1 
HETATM 1527 O  O    . HOH D 4 .   ? -7.289  -1.788  -18.818 1.00 22.68 ? 434 HOH A O    1 
HETATM 1528 O  O    . HOH D 4 .   ? -3.258  -12.102 -5.263  1.00 21.70 ? 435 HOH A O    1 
HETATM 1529 O  O    . HOH D 4 .   ? 11.905  4.923   1.664   1.00 16.19 ? 436 HOH A O    1 
HETATM 1530 O  O    . HOH D 4 .   ? -15.821 7.477   -9.563  1.00 16.92 ? 437 HOH A O    1 
HETATM 1531 O  O    . HOH D 4 .   ? -12.482 12.359  7.374   1.00 15.86 ? 438 HOH A O    1 
HETATM 1532 O  O    . HOH D 4 .   ? 7.392   -9.343  -11.183 1.00 23.06 ? 439 HOH A O    1 
HETATM 1533 O  O    . HOH D 4 .   ? 14.826  8.825   -10.654 1.00 17.95 ? 440 HOH A O    1 
HETATM 1534 O  O    . HOH D 4 .   ? 6.243   15.433  -6.806  1.00 17.01 ? 441 HOH A O    1 
HETATM 1535 O  O    . HOH D 4 .   ? -9.034  -11.726 8.206   1.00 18.60 ? 442 HOH A O    1 
HETATM 1536 O  O    . HOH D 4 .   ? 7.651   -9.637  -8.329  1.00 20.03 ? 443 HOH A O    1 
HETATM 1537 O  O    . HOH D 4 .   ? -9.253  -2.444  -14.662 1.00 31.40 ? 444 HOH A O    1 
HETATM 1538 O  O    . HOH D 4 .   ? -0.785  -16.721 12.516  1.00 25.98 ? 445 HOH A O    1 
HETATM 1539 O  O    . HOH D 4 .   ? -13.389 -6.631  2.149   1.00 19.05 ? 446 HOH A O    1 
HETATM 1540 O  O    . HOH D 4 .   ? -6.187  1.732   12.939  1.00 23.70 ? 447 HOH A O    1 
HETATM 1541 O  O    . HOH D 4 .   ? -0.808  -10.981 -10.361 1.00 15.81 ? 448 HOH A O    1 
HETATM 1542 O  O    . HOH D 4 .   ? -19.006 5.484   -3.382  1.00 27.86 ? 449 HOH A O    1 
HETATM 1543 O  O    . HOH D 4 .   ? 16.329  -2.036  -1.457  1.00 42.10 ? 450 HOH A O    1 
HETATM 1544 O  O    . HOH D 4 .   ? -3.458  14.436  -9.200  1.00 44.88 ? 451 HOH A O    1 
HETATM 1545 O  O    . HOH D 4 .   ? 6.532   18.582  -3.845  1.00 29.62 ? 452 HOH A O    1 
HETATM 1546 O  O    . HOH D 4 .   ? 15.028  -1.212  3.460   1.00 32.05 ? 453 HOH A O    1 
HETATM 1547 O  O    . HOH D 4 .   ? -3.012  -10.020 -11.717 1.00 28.47 ? 454 HOH A O    1 
HETATM 1548 O  O    . HOH D 4 .   ? -7.163  24.191  -1.442  1.00 44.40 ? 455 HOH A O    1 
HETATM 1549 O  O    . HOH D 4 .   ? 7.689   18.777  -7.989  1.00 20.05 ? 456 HOH A O    1 
HETATM 1550 O  O    . HOH D 4 .   ? 9.588   7.628   -14.751 1.00 30.80 ? 457 HOH A O    1 
HETATM 1551 O  O    . HOH D 4 .   ? -1.102  20.580  -5.212  1.00 26.62 ? 458 HOH A O    1 
HETATM 1552 O  O    . HOH D 4 .   ? -2.065  -13.849 -6.749  1.00 22.98 ? 459 HOH A O    1 
HETATM 1553 O  O    . HOH D 4 .   ? -16.366 7.401   1.455   1.00 35.31 ? 460 HOH A O    1 
HETATM 1554 O  O    . HOH D 4 .   ? -12.632 -13.233 -2.858  1.00 33.11 ? 461 HOH A O    1 
HETATM 1555 O  O    . HOH D 4 .   ? -2.242  1.466   -20.352 1.00 15.29 ? 462 HOH A O    1 
HETATM 1556 O  O    . HOH D 4 .   ? -12.340 8.993   -10.503 1.00 19.51 ? 463 HOH A O    1 
HETATM 1557 O  O    . HOH D 4 .   ? 5.751   -11.868 -8.325  1.00 20.64 ? 464 HOH A O    1 
HETATM 1558 O  O    . HOH D 4 .   ? 9.689   13.056  -4.753  1.00 27.36 ? 465 HOH A O    1 
HETATM 1559 O  O    . HOH D 4 .   ? -8.310  9.422   -16.482 1.00 16.70 ? 466 HOH A O    1 
HETATM 1560 O  O    . HOH D 4 .   ? -4.707  14.139  6.518   1.00 23.73 ? 467 HOH A O    1 
HETATM 1561 O  O    . HOH D 4 .   ? -0.147  -2.014  -15.569 1.00 18.19 ? 468 HOH A O    1 
HETATM 1562 O  O    . HOH D 4 .   ? -20.924 -1.813  -5.684  1.00 18.34 ? 469 HOH A O    1 
HETATM 1563 O  O    . HOH D 4 .   ? 13.025  2.146   -9.969  1.00 23.93 ? 470 HOH A O    1 
HETATM 1564 O  O    . HOH D 4 .   ? 11.636  -1.416  -12.597 1.00 22.72 ? 471 HOH A O    1 
HETATM 1565 O  O    . HOH D 4 .   ? 9.779   -10.095 -6.679  1.00 19.35 ? 472 HOH A O    1 
HETATM 1566 O  O    . HOH D 4 .   ? 5.272   20.869  -5.150  1.00 28.08 ? 473 HOH A O    1 
HETATM 1567 O  O    . HOH D 4 .   ? -11.575 -20.603 1.395   1.00 35.05 ? 474 HOH A O    1 
HETATM 1568 O  O    . HOH D 4 .   ? 12.950  -9.969  15.501  1.00 46.07 ? 475 HOH A O    1 
HETATM 1569 O  O    . HOH D 4 .   ? -10.030 12.235  15.288  1.00 19.30 ? 476 HOH A O    1 
HETATM 1570 O  O    . HOH D 4 .   ? -10.441 -6.803  9.517   1.00 24.99 ? 477 HOH A O    1 
HETATM 1571 O  O    . HOH D 4 .   ? -9.904  -23.748 -2.639  1.00 33.60 ? 478 HOH A O    1 
HETATM 1572 O  O    . HOH D 4 .   ? 2.082   -15.997 9.396   1.00 32.53 ? 479 HOH A O    1 
HETATM 1573 O  O    . HOH D 4 .   ? -5.924  15.273  3.906   1.00 23.44 ? 480 HOH A O    1 
HETATM 1574 O  O    . HOH D 4 .   ? 9.936   -1.125  -16.317 1.00 33.02 ? 481 HOH A O    1 
HETATM 1575 O  O    . HOH D 4 .   ? 6.807   -18.394 -2.629  1.00 17.91 ? 482 HOH A O    1 
HETATM 1576 O  O    . HOH D 4 .   ? -18.578 4.278   0.778   1.00 19.03 ? 483 HOH A O    1 
HETATM 1577 O  O    . HOH D 4 .   ? 8.274   -16.731 -1.186  1.00 23.15 ? 484 HOH A O    1 
HETATM 1578 O  O    . HOH D 4 .   ? -4.987  -6.770  -13.595 0.50 14.07 ? 485 HOH A O    1 
HETATM 1579 O  O    . HOH D 4 .   ? -17.707 2.586   -1.000  1.00 23.98 ? 486 HOH A O    1 
HETATM 1580 O  O    . HOH D 4 .   ? 9.206   -9.409  7.930   1.00 29.95 ? 487 HOH A O    1 
HETATM 1581 O  O    . HOH D 4 .   ? -2.675  10.208  -11.573 1.00 21.36 ? 488 HOH A O    1 
HETATM 1582 O  O    . HOH D 4 .   ? 5.972   12.813  -11.098 1.00 32.81 ? 489 HOH A O    1 
HETATM 1583 O  O    . HOH D 4 .   ? -6.130  17.901  4.117   1.00 29.45 ? 490 HOH A O    1 
HETATM 1584 O  O    . HOH D 4 .   ? -13.760 7.515   3.100   1.00 30.74 ? 491 HOH A O    1 
HETATM 1585 O  O    . HOH D 4 .   ? -13.442 -8.792  5.547   1.00 29.16 ? 492 HOH A O    1 
HETATM 1586 O  O    . HOH D 4 .   ? -14.802 -5.671  -5.969  1.00 24.82 ? 493 HOH A O    1 
HETATM 1587 O  O    . HOH D 4 .   ? -2.527  11.742  9.082   1.00 28.70 ? 494 HOH A O    1 
HETATM 1588 O  O    . HOH D 4 .   ? -20.635 3.532   -2.946  1.00 26.83 ? 495 HOH A O    1 
HETATM 1589 O  O    . HOH D 4 .   ? -4.923  24.555  1.153   1.00 38.69 ? 496 HOH A O    1 
HETATM 1590 O  O    . HOH D 4 .   ? -8.566  9.892   -6.942  1.00 25.91 ? 497 HOH A O    1 
HETATM 1591 O  O    . HOH D 4 .   ? 14.534  -6.697  -3.456  1.00 31.69 ? 498 HOH A O    1 
HETATM 1592 O  O    . HOH D 4 .   ? -5.354  10.577  14.500  1.00 27.76 ? 499 HOH A O    1 
HETATM 1593 O  O    . HOH D 4 .   ? -16.562 11.417  5.312   1.00 36.47 ? 500 HOH A O    1 
HETATM 1594 O  O    . HOH D 4 .   ? 6.028   16.125  4.147   1.00 24.82 ? 501 HOH A O    1 
HETATM 1595 O  O    . HOH D 4 .   ? 4.294   14.131  -8.914  1.00 28.54 ? 502 HOH A O    1 
# 
loop_
_pdbx_poly_seq_scheme.asym_id 
_pdbx_poly_seq_scheme.entity_id 
_pdbx_poly_seq_scheme.seq_id 
_pdbx_poly_seq_scheme.mon_id 
_pdbx_poly_seq_scheme.ndb_seq_num 
_pdbx_poly_seq_scheme.pdb_seq_num 
_pdbx_poly_seq_scheme.auth_seq_num 
_pdbx_poly_seq_scheme.pdb_mon_id 
_pdbx_poly_seq_scheme.auth_mon_id 
_pdbx_poly_seq_scheme.pdb_strand_id 
_pdbx_poly_seq_scheme.pdb_ins_code 
_pdbx_poly_seq_scheme.hetero 
A 1 1   GLY 1   125 ?   ?   ?   A . n 
A 1 2   SER 2   126 ?   ?   ?   A . n 
A 1 3   HIS 3   127 ?   ?   ?   A . n 
A 1 4   MET 4   128 128 MET MET A . n 
A 1 5   ASN 5   129 129 ASN ASN A . n 
A 1 6   VAL 6   130 130 VAL VAL A . n 
A 1 7   ASP 7   131 131 ASP ASP A . n 
A 1 8   LEU 8   132 132 LEU LEU A . n 
A 1 9   VAL 9   133 133 VAL VAL A . n 
A 1 10  PHE 10  134 134 PHE PHE A . n 
A 1 11  LEU 11  135 135 LEU LEU A . n 
A 1 12  PHE 12  136 136 PHE PHE A . n 
A 1 13  ASP 13  137 137 ASP ASP A . n 
A 1 14  GLY 14  138 138 GLY GLY A . n 
A 1 15  SER 15  139 139 SER SER A . n 
A 1 16  MET 16  140 140 MET MET A . n 
A 1 17  SER 17  141 141 SER SER A . n 
A 1 18  LEU 18  142 142 LEU LEU A . n 
A 1 19  GLN 19  143 143 GLN GLN A . n 
A 1 20  PRO 20  144 144 PRO PRO A . n 
A 1 21  ASP 21  145 145 ASP ASP A . n 
A 1 22  GLU 22  146 146 GLU GLU A . n 
A 1 23  PHE 23  147 147 PHE PHE A . n 
A 1 24  GLN 24  148 148 GLN GLN A . n 
A 1 25  LYS 25  149 149 LYS LYS A . n 
A 1 26  ILE 26  150 150 ILE ILE A . n 
A 1 27  LEU 27  151 151 LEU LEU A . n 
A 1 28  ASP 28  152 152 ASP ASP A . n 
A 1 29  PHE 29  153 153 PHE PHE A . n 
A 1 30  MET 30  154 154 MET MET A . n 
A 1 31  LYS 31  155 155 LYS LYS A . n 
A 1 32  ASP 32  156 156 ASP ASP A . n 
A 1 33  VAL 33  157 157 VAL VAL A . n 
A 1 34  MET 34  158 158 MET MET A . n 
A 1 35  LYS 35  159 159 LYS LYS A . n 
A 1 36  LYS 36  160 160 LYS LYS A . n 
A 1 37  LEU 37  161 161 LEU LEU A . n 
A 1 38  SER 38  162 162 SER SER A . n 
A 1 39  ASN 39  163 163 ASN ASN A . n 
A 1 40  THR 40  164 164 THR THR A . n 
A 1 41  SER 41  165 165 SER SER A . n 
A 1 42  TYR 42  166 166 TYR TYR A . n 
A 1 43  GLN 43  167 167 GLN GLN A . n 
A 1 44  PHE 44  168 168 PHE PHE A . n 
A 1 45  ALA 45  169 169 ALA ALA A . n 
A 1 46  ALA 46  170 170 ALA ALA A . n 
A 1 47  VAL 47  171 171 VAL VAL A . n 
A 1 48  GLN 48  172 172 GLN GLN A . n 
A 1 49  PHE 49  173 173 PHE PHE A . n 
A 1 50  SER 50  174 174 SER SER A . n 
A 1 51  THR 51  175 175 THR THR A . n 
A 1 52  SER 52  176 176 SER SER A . n 
A 1 53  TYR 53  177 177 TYR TYR A . n 
A 1 54  LYS 54  178 178 LYS LYS A . n 
A 1 55  THR 55  179 179 THR THR A . n 
A 1 56  GLU 56  180 180 GLU GLU A . n 
A 1 57  PHE 57  181 181 PHE PHE A . n 
A 1 58  ASP 58  182 182 ASP ASP A . n 
A 1 59  PHE 59  183 183 PHE PHE A . n 
A 1 60  SER 60  184 184 SER SER A . n 
A 1 61  ASP 61  185 185 ASP ASP A . n 
A 1 62  TYR 62  186 186 TYR TYR A . n 
A 1 63  VAL 63  187 187 VAL VAL A . n 
A 1 64  LYS 64  188 188 LYS LYS A . n 
A 1 65  ARG 65  189 189 ARG ARG A . n 
A 1 66  LYS 66  190 190 LYS LYS A . n 
A 1 67  ASP 67  191 191 ASP ASP A . n 
A 1 68  PRO 68  192 192 PRO PRO A . n 
A 1 69  ASP 69  193 193 ASP ASP A . n 
A 1 70  ALA 70  194 194 ALA ALA A . n 
A 1 71  LEU 71  195 195 LEU LEU A . n 
A 1 72  LEU 72  196 196 LEU LEU A . n 
A 1 73  LYS 73  197 197 LYS LYS A . n 
A 1 74  HIS 74  198 198 HIS HIS A . n 
A 1 75  VAL 75  199 199 VAL VAL A . n 
A 1 76  LYS 76  200 200 LYS LYS A . n 
A 1 77  HIS 77  201 201 HIS HIS A . n 
A 1 78  MET 78  202 202 MET MET A . n 
A 1 79  LEU 79  203 203 LEU LEU A . n 
A 1 80  LEU 80  204 204 LEU LEU A . n 
A 1 81  LEU 81  205 205 LEU LEU A . n 
A 1 82  THR 82  206 206 THR THR A . n 
A 1 83  ASN 83  207 207 ASN ASN A . n 
A 1 84  THR 84  208 208 THR THR A . n 
A 1 85  PHE 85  209 209 PHE PHE A . n 
A 1 86  GLY 86  210 210 GLY GLY A . n 
A 1 87  ALA 87  211 211 ALA ALA A . n 
A 1 88  ILE 88  212 212 ILE ILE A . n 
A 1 89  ASN 89  213 213 ASN ASN A . n 
A 1 90  TYR 90  214 214 TYR TYR A . n 
A 1 91  VAL 91  215 215 VAL VAL A . n 
A 1 92  ALA 92  216 216 ALA ALA A . n 
A 1 93  THR 93  217 217 THR THR A . n 
A 1 94  GLU 94  218 218 GLU GLU A . n 
A 1 95  VAL 95  219 219 VAL VAL A . n 
A 1 96  PHE 96  220 220 PHE PHE A . n 
A 1 97  ARG 97  221 221 ARG ARG A . n 
A 1 98  GLU 98  222 222 GLU GLU A . n 
A 1 99  GLU 99  223 223 GLU GLU A . n 
A 1 100 LEU 100 224 224 LEU LEU A . n 
A 1 101 GLY 101 225 225 GLY GLY A . n 
A 1 102 ALA 102 226 226 ALA ALA A . n 
A 1 103 ARG 103 227 227 ARG ARG A . n 
A 1 104 PRO 104 228 228 PRO PRO A . n 
A 1 105 ASP 105 229 229 ASP ASP A . n 
A 1 106 ALA 106 230 230 ALA ALA A . n 
A 1 107 THR 107 231 231 THR THR A . n 
A 1 108 LYS 108 232 232 LYS LYS A . n 
A 1 109 VAL 109 233 233 VAL VAL A . n 
A 1 110 LEU 110 234 234 LEU LEU A . n 
A 1 111 ILE 111 235 235 ILE ILE A . n 
A 1 112 ILE 112 236 236 ILE ILE A . n 
A 1 113 ILE 113 237 237 ILE ILE A . n 
A 1 114 THR 114 238 238 THR THR A . n 
A 1 115 ASP 115 239 239 ASP ASP A . n 
A 1 116 GLY 116 240 240 GLY GLY A . n 
A 1 117 GLU 117 241 241 GLU GLU A . n 
A 1 118 ALA 118 242 242 ALA ALA A . n 
A 1 119 THR 119 243 243 THR THR A . n 
A 1 120 ASP 120 244 244 ASP ASP A . n 
A 1 121 SER 121 245 245 SER SER A . n 
A 1 122 GLY 122 246 246 GLY GLY A . n 
A 1 123 ASN 123 247 247 ASN ASN A . n 
A 1 124 ILE 124 248 248 ILE ILE A . n 
A 1 125 ASP 125 249 249 ASP ASP A . n 
A 1 126 ALA 126 250 250 ALA ALA A . n 
A 1 127 ALA 127 251 251 ALA ALA A . n 
A 1 128 LYS 128 252 252 LYS LYS A . n 
A 1 129 ASP 129 253 253 ASP ASP A . n 
A 1 130 ILE 130 254 254 ILE ILE A . n 
A 1 131 ILE 131 255 255 ILE ILE A . n 
A 1 132 ARG 132 256 256 ARG ARG A . n 
A 1 133 TYR 133 257 257 TYR TYR A . n 
A 1 134 ILE 134 258 258 ILE ILE A . n 
A 1 135 ILE 135 259 259 ILE ILE A . n 
A 1 136 GLY 136 260 260 GLY GLY A . n 
A 1 137 ILE 137 261 261 ILE ILE A . n 
A 1 138 GLY 138 262 262 GLY GLY A . n 
A 1 139 LYS 139 263 263 LYS LYS A . n 
A 1 140 HIS 140 264 264 HIS HIS A . n 
A 1 141 PHE 141 265 265 PHE PHE A . n 
A 1 142 GLN 142 266 266 GLN GLN A . n 
A 1 143 THR 143 267 267 THR THR A . n 
A 1 144 LYS 144 268 268 LYS LYS A . n 
A 1 145 GLU 145 269 269 GLU GLU A . n 
A 1 146 SER 146 270 270 SER SER A . n 
A 1 147 GLN 147 271 271 GLN GLN A . n 
A 1 148 GLU 148 272 272 GLU GLU A . n 
A 1 149 THR 149 273 273 THR THR A . n 
A 1 150 LEU 150 274 274 LEU LEU A . n 
A 1 151 HIS 151 275 275 HIS HIS A . n 
A 1 152 LYS 152 276 276 LYS LYS A . n 
A 1 153 PHE 153 277 277 PHE PHE A . n 
A 1 154 ALA 154 278 278 ALA ALA A . n 
A 1 155 SER 155 279 279 SER SER A . n 
A 1 156 LYS 156 280 280 LYS LYS A . n 
A 1 157 PRO 157 281 281 PRO PRO A . n 
A 1 158 ALA 158 282 282 ALA ALA A . n 
A 1 159 SER 159 283 283 SER SER A . n 
A 1 160 GLU 160 284 284 GLU GLU A . n 
A 1 161 PHE 161 285 285 PHE PHE A . n 
A 1 162 VAL 162 286 286 VAL VAL A . n 
A 1 163 LYS 163 287 287 LYS LYS A . n 
A 1 164 ILE 164 288 288 ILE ILE A . n 
A 1 165 LEU 165 289 289 LEU LEU A . n 
A 1 166 ASP 166 290 290 ASP ASP A . n 
A 1 167 THR 167 291 291 THR THR A . n 
A 1 168 PHE 168 292 292 PHE PHE A . n 
A 1 169 GLU 169 293 293 GLU GLU A . n 
A 1 170 LYS 170 294 294 LYS LYS A . n 
A 1 171 LEU 171 295 295 LEU LEU A . n 
A 1 172 LYS 172 296 296 LYS LYS A . n 
A 1 173 ASP 173 297 297 ASP ASP A . n 
A 1 174 LEU 174 298 298 LEU LEU A . n 
A 1 175 PHE 175 299 299 PHE PHE A . n 
A 1 176 THR 176 300 300 THR THR A . n 
A 1 177 GLU 177 301 301 GLU GLU A . n 
A 1 178 LEU 178 302 302 LEU LEU A . n 
A 1 179 GLN 179 303 303 GLN GLN A . n 
A 1 180 LYS 180 304 304 LYS LYS A . n 
A 1 181 LYS 181 305 305 LYS LYS A . n 
A 1 182 ILE 182 306 306 ILE ILE A . n 
A 1 183 TYR 183 307 307 TYR TYR A . n 
# 
loop_
_pdbx_nonpoly_scheme.asym_id 
_pdbx_nonpoly_scheme.entity_id 
_pdbx_nonpoly_scheme.mon_id 
_pdbx_nonpoly_scheme.ndb_seq_num 
_pdbx_nonpoly_scheme.pdb_seq_num 
_pdbx_nonpoly_scheme.auth_seq_num 
_pdbx_nonpoly_scheme.pdb_mon_id 
_pdbx_nonpoly_scheme.auth_mon_id 
_pdbx_nonpoly_scheme.pdb_strand_id 
_pdbx_nonpoly_scheme.pdb_ins_code 
B 2 BJZ 1   1   1   BJZ BJZ A . 
C 3 NO3 1   401 401 NO3 NO3 A . 
D 4 HOH 1   402 402 HOH HOH A . 
D 4 HOH 2   403 403 HOH HOH A . 
D 4 HOH 3   404 404 HOH HOH A . 
D 4 HOH 4   405 405 HOH HOH A . 
D 4 HOH 5   406 406 HOH HOH A . 
D 4 HOH 6   407 407 HOH HOH A . 
D 4 HOH 7   408 408 HOH HOH A . 
D 4 HOH 8   409 409 HOH HOH A . 
D 4 HOH 9   410 410 HOH HOH A . 
D 4 HOH 10  411 411 HOH HOH A . 
D 4 HOH 11  412 412 HOH HOH A . 
D 4 HOH 12  413 413 HOH HOH A . 
D 4 HOH 13  414 414 HOH HOH A . 
D 4 HOH 14  415 415 HOH HOH A . 
D 4 HOH 15  416 416 HOH HOH A . 
D 4 HOH 16  417 417 HOH HOH A . 
D 4 HOH 17  418 418 HOH HOH A . 
D 4 HOH 18  419 419 HOH HOH A . 
D 4 HOH 19  420 420 HOH HOH A . 
D 4 HOH 20  421 421 HOH HOH A . 
D 4 HOH 21  422 422 HOH HOH A . 
D 4 HOH 22  423 423 HOH HOH A . 
D 4 HOH 23  424 424 HOH HOH A . 
D 4 HOH 24  425 425 HOH HOH A . 
D 4 HOH 25  426 426 HOH HOH A . 
D 4 HOH 26  427 427 HOH HOH A . 
D 4 HOH 27  428 428 HOH HOH A . 
D 4 HOH 28  429 429 HOH HOH A . 
D 4 HOH 29  430 430 HOH HOH A . 
D 4 HOH 30  431 431 HOH HOH A . 
D 4 HOH 31  432 432 HOH HOH A . 
D 4 HOH 32  433 433 HOH HOH A . 
D 4 HOH 33  434 434 HOH HOH A . 
D 4 HOH 34  435 435 HOH HOH A . 
D 4 HOH 35  436 436 HOH HOH A . 
D 4 HOH 36  437 437 HOH HOH A . 
D 4 HOH 37  438 438 HOH HOH A . 
D 4 HOH 38  439 439 HOH HOH A . 
D 4 HOH 39  440 440 HOH HOH A . 
D 4 HOH 40  441 441 HOH HOH A . 
D 4 HOH 41  442 442 HOH HOH A . 
D 4 HOH 42  443 443 HOH HOH A . 
D 4 HOH 43  444 444 HOH HOH A . 
D 4 HOH 44  445 445 HOH HOH A . 
D 4 HOH 45  446 446 HOH HOH A . 
D 4 HOH 46  447 447 HOH HOH A . 
D 4 HOH 47  448 448 HOH HOH A . 
D 4 HOH 48  449 449 HOH HOH A . 
D 4 HOH 49  450 450 HOH HOH A . 
D 4 HOH 50  451 451 HOH HOH A . 
D 4 HOH 51  452 452 HOH HOH A . 
D 4 HOH 52  453 453 HOH HOH A . 
D 4 HOH 53  454 454 HOH HOH A . 
D 4 HOH 54  455 455 HOH HOH A . 
D 4 HOH 55  456 456 HOH HOH A . 
D 4 HOH 56  457 457 HOH HOH A . 
D 4 HOH 57  458 458 HOH HOH A . 
D 4 HOH 58  459 459 HOH HOH A . 
D 4 HOH 59  460 460 HOH HOH A . 
D 4 HOH 60  461 461 HOH HOH A . 
D 4 HOH 61  462 462 HOH HOH A . 
D 4 HOH 62  463 463 HOH HOH A . 
D 4 HOH 63  464 464 HOH HOH A . 
D 4 HOH 64  465 465 HOH HOH A . 
D 4 HOH 65  466 466 HOH HOH A . 
D 4 HOH 66  467 467 HOH HOH A . 
D 4 HOH 67  468 468 HOH HOH A . 
D 4 HOH 68  469 469 HOH HOH A . 
D 4 HOH 69  470 470 HOH HOH A . 
D 4 HOH 70  471 471 HOH HOH A . 
D 4 HOH 71  472 472 HOH HOH A . 
D 4 HOH 72  473 473 HOH HOH A . 
D 4 HOH 73  474 474 HOH HOH A . 
D 4 HOH 74  475 475 HOH HOH A . 
D 4 HOH 75  476 476 HOH HOH A . 
D 4 HOH 76  477 477 HOH HOH A . 
D 4 HOH 77  478 478 HOH HOH A . 
D 4 HOH 78  479 479 HOH HOH A . 
D 4 HOH 79  480 480 HOH HOH A . 
D 4 HOH 80  481 481 HOH HOH A . 
D 4 HOH 81  482 482 HOH HOH A . 
D 4 HOH 82  483 483 HOH HOH A . 
D 4 HOH 83  484 484 HOH HOH A . 
D 4 HOH 84  485 485 HOH HOH A . 
D 4 HOH 85  486 486 HOH HOH A . 
D 4 HOH 86  487 487 HOH HOH A . 
D 4 HOH 87  488 488 HOH HOH A . 
D 4 HOH 88  489 489 HOH HOH A . 
D 4 HOH 89  490 490 HOH HOH A . 
D 4 HOH 90  491 491 HOH HOH A . 
D 4 HOH 91  492 492 HOH HOH A . 
D 4 HOH 92  493 493 HOH HOH A . 
D 4 HOH 93  494 494 HOH HOH A . 
D 4 HOH 94  495 495 HOH HOH A . 
D 4 HOH 95  496 496 HOH HOH A . 
D 4 HOH 96  497 497 HOH HOH A . 
D 4 HOH 97  498 498 HOH HOH A . 
D 4 HOH 98  499 499 HOH HOH A . 
D 4 HOH 99  500 500 HOH HOH A . 
D 4 HOH 100 501 501 HOH HOH A . 
D 4 HOH 101 502 502 HOH HOH A . 
# 
_pdbx_struct_assembly.id                   1 
_pdbx_struct_assembly.details              author_and_software_defined_assembly 
_pdbx_struct_assembly.method_details       PISA 
_pdbx_struct_assembly.oligomeric_details   monomeric 
_pdbx_struct_assembly.oligomeric_count     1 
# 
_pdbx_struct_assembly_gen.assembly_id       1 
_pdbx_struct_assembly_gen.oper_expression   1 
_pdbx_struct_assembly_gen.asym_id_list      A,B,C,D 
# 
_pdbx_struct_oper_list.id                   1 
_pdbx_struct_oper_list.type                 'identity operation' 
_pdbx_struct_oper_list.name                 1_555 
_pdbx_struct_oper_list.symmetry_operation   x,y,z 
_pdbx_struct_oper_list.matrix[1][1]         1.0000000000 
_pdbx_struct_oper_list.matrix[1][2]         0.0000000000 
_pdbx_struct_oper_list.matrix[1][3]         0.0000000000 
_pdbx_struct_oper_list.vector[1]            0.0000000000 
_pdbx_struct_oper_list.matrix[2][1]         0.0000000000 
_pdbx_struct_oper_list.matrix[2][2]         1.0000000000 
_pdbx_struct_oper_list.matrix[2][3]         0.0000000000 
_pdbx_struct_oper_list.vector[2]            0.0000000000 
_pdbx_struct_oper_list.matrix[3][1]         0.0000000000 
_pdbx_struct_oper_list.matrix[3][2]         0.0000000000 
_pdbx_struct_oper_list.matrix[3][3]         1.0000000000 
_pdbx_struct_oper_list.vector[3]            0.0000000000 
# 
loop_
_pdbx_audit_revision_history.ordinal 
_pdbx_audit_revision_history.data_content_type 
_pdbx_audit_revision_history.major_revision 
_pdbx_audit_revision_history.minor_revision 
_pdbx_audit_revision_history.revision_date 
1 'Structure model' 1 0 2010-05-12 
2 'Structure model' 1 1 2011-07-13 
3 'Structure model' 1 2 2018-04-04 
4 'Structure model' 1 3 2018-04-11 
5 'Structure model' 1 4 2023-09-06 
# 
_pdbx_audit_revision_details.ordinal             1 
_pdbx_audit_revision_details.revision_ordinal    1 
_pdbx_audit_revision_details.data_content_type   'Structure model' 
_pdbx_audit_revision_details.provider            repository 
_pdbx_audit_revision_details.type                'Initial release' 
_pdbx_audit_revision_details.description         ? 
_pdbx_audit_revision_details.details             ? 
# 
loop_
_pdbx_audit_revision_group.ordinal 
_pdbx_audit_revision_group.revision_ordinal 
_pdbx_audit_revision_group.data_content_type 
_pdbx_audit_revision_group.group 
1 2 'Structure model' 'Version format compliance' 
2 3 'Structure model' Advisory                    
3 3 'Structure model' 'Data collection'           
4 4 'Structure model' 'Data collection'           
5 5 'Structure model' Advisory                    
6 5 'Structure model' 'Data collection'           
7 5 'Structure model' 'Database references'       
8 5 'Structure model' 'Derived calculations'      
9 5 'Structure model' 'Refinement description'    
# 
loop_
_pdbx_audit_revision_category.ordinal 
_pdbx_audit_revision_category.revision_ordinal 
_pdbx_audit_revision_category.data_content_type 
_pdbx_audit_revision_category.category 
1  3 'Structure model' diffrn_source                 
2  3 'Structure model' pdbx_unobs_or_zero_occ_atoms  
3  4 'Structure model' diffrn_source                 
4  5 'Structure model' chem_comp_atom                
5  5 'Structure model' chem_comp_bond                
6  5 'Structure model' database_2                    
7  5 'Structure model' pdbx_initial_refinement_model 
8  5 'Structure model' pdbx_unobs_or_zero_occ_atoms  
9  5 'Structure model' struct_ref_seq_dif            
10 5 'Structure model' struct_site                   
# 
loop_
_pdbx_audit_revision_item.ordinal 
_pdbx_audit_revision_item.revision_ordinal 
_pdbx_audit_revision_item.data_content_type 
_pdbx_audit_revision_item.item 
1 3 'Structure model' '_diffrn_source.type'                 
2 4 'Structure model' '_diffrn_source.source'               
3 5 'Structure model' '_database_2.pdbx_DOI'                
4 5 'Structure model' '_database_2.pdbx_database_accession' 
5 5 'Structure model' '_struct_ref_seq_dif.details'         
6 5 'Structure model' '_struct_site.pdbx_auth_asym_id'      
7 5 'Structure model' '_struct_site.pdbx_auth_comp_id'      
8 5 'Structure model' '_struct_site.pdbx_auth_seq_id'       
# 
loop_
_software.pdbx_ordinal 
_software.name 
_software.version 
_software.date 
_software.type 
_software.contact_author 
_software.contact_author_email 
_software.classification 
_software.location 
_software.language 
_software.citation_id 
1 CNS         .     ?               package 'Axel T. Brunger' axel.brunger@yale.edu refinement        http://cns-online.org/ 
Fortran_77 ? 
2 PDB_EXTRACT 3.100 'Jan. 22, 2010' package PDB               help@deposit.rcsb.org 'data extraction' 
http://sw-tools.pdb.org/apps/PDB_EXTRACT/ C++        ? 
3 DENZO       .     ?               ?       ?                 ?                     'data reduction'  ? ?          ? 
4 SCALEPACK   .     ?               ?       ?                 ?                     'data scaling'    ? ?          ? 
5 AMoRE       .     ?               ?       ?                 ?                     phasing           ? ?          ? 
6 CNX         2005  ?               ?       ?                 ?                     refinement        ? ?          ? 
# 
loop_
_pdbx_validate_torsion.id 
_pdbx_validate_torsion.PDB_model_num 
_pdbx_validate_torsion.auth_comp_id 
_pdbx_validate_torsion.auth_asym_id 
_pdbx_validate_torsion.auth_seq_id 
_pdbx_validate_torsion.PDB_ins_code 
_pdbx_validate_torsion.label_alt_id 
_pdbx_validate_torsion.phi 
_pdbx_validate_torsion.psi 
1 1 THR A 164 ? ? -121.79 -169.19 
2 1 SER A 174 ? ? -147.80 -105.54 
3 1 LEU A 204 ? ? -124.39 -131.13 
4 1 ASP A 244 ? ? -103.53 -159.63 
# 
loop_
_pdbx_unobs_or_zero_occ_atoms.id 
_pdbx_unobs_or_zero_occ_atoms.PDB_model_num 
_pdbx_unobs_or_zero_occ_atoms.polymer_flag 
_pdbx_unobs_or_zero_occ_atoms.occupancy_flag 
_pdbx_unobs_or_zero_occ_atoms.auth_asym_id 
_pdbx_unobs_or_zero_occ_atoms.auth_comp_id 
_pdbx_unobs_or_zero_occ_atoms.auth_seq_id 
_pdbx_unobs_or_zero_occ_atoms.PDB_ins_code 
_pdbx_unobs_or_zero_occ_atoms.auth_atom_id 
_pdbx_unobs_or_zero_occ_atoms.label_alt_id 
_pdbx_unobs_or_zero_occ_atoms.label_asym_id 
_pdbx_unobs_or_zero_occ_atoms.label_comp_id 
_pdbx_unobs_or_zero_occ_atoms.label_seq_id 
_pdbx_unobs_or_zero_occ_atoms.label_atom_id 
1  1 Y 1 A MET 128 ? CB  ? A MET 4   CB  
2  1 Y 1 A MET 128 ? CG  ? A MET 4   CG  
3  1 Y 1 A MET 128 ? SD  ? A MET 4   SD  
4  1 Y 1 A MET 128 ? CE  ? A MET 4   CE  
5  1 Y 0 A ASP 145 ? CG  ? A ASP 21  CG  
6  1 Y 0 A ASP 145 ? OD1 ? A ASP 21  OD1 
7  1 Y 0 A ASP 145 ? OD2 ? A ASP 21  OD2 
8  1 Y 0 A LYS 268 ? CD  ? A LYS 144 CD  
9  1 Y 0 A LYS 268 ? CE  ? A LYS 144 CE  
10 1 Y 0 A LYS 268 ? NZ  ? A LYS 144 NZ  
11 1 Y 0 A ASP 290 ? CG  ? A ASP 166 CG  
12 1 Y 0 A ASP 290 ? OD1 ? A ASP 166 OD1 
13 1 Y 0 A ASP 290 ? OD2 ? A ASP 166 OD2 
14 1 Y 0 A GLU 301 ? CD  ? A GLU 177 CD  
15 1 Y 0 A GLU 301 ? OE1 ? A GLU 177 OE1 
16 1 Y 0 A GLU 301 ? OE2 ? A GLU 177 OE2 
17 1 Y 0 A GLN 303 ? CD  ? A GLN 179 CD  
18 1 Y 0 A GLN 303 ? OE1 ? A GLN 179 OE1 
19 1 Y 0 A GLN 303 ? NE2 ? A GLN 179 NE2 
20 1 Y 0 A TYR 307 ? OXT ? A TYR 183 OXT 
# 
loop_
_pdbx_unobs_or_zero_occ_residues.id 
_pdbx_unobs_or_zero_occ_residues.PDB_model_num 
_pdbx_unobs_or_zero_occ_residues.polymer_flag 
_pdbx_unobs_or_zero_occ_residues.occupancy_flag 
_pdbx_unobs_or_zero_occ_residues.auth_asym_id 
_pdbx_unobs_or_zero_occ_residues.auth_comp_id 
_pdbx_unobs_or_zero_occ_residues.auth_seq_id 
_pdbx_unobs_or_zero_occ_residues.PDB_ins_code 
_pdbx_unobs_or_zero_occ_residues.label_asym_id 
_pdbx_unobs_or_zero_occ_residues.label_comp_id 
_pdbx_unobs_or_zero_occ_residues.label_seq_id 
1 1 Y 1 A GLY 125 ? A GLY 1 
2 1 Y 1 A SER 126 ? A SER 2 
3 1 Y 1 A HIS 127 ? A HIS 3 
# 
loop_
_chem_comp_atom.comp_id 
_chem_comp_atom.atom_id 
_chem_comp_atom.type_symbol 
_chem_comp_atom.pdbx_aromatic_flag 
_chem_comp_atom.pdbx_stereo_config 
_chem_comp_atom.pdbx_ordinal 
ALA N    N  N N 1   
ALA CA   C  N S 2   
ALA C    C  N N 3   
ALA O    O  N N 4   
ALA CB   C  N N 5   
ALA OXT  O  N N 6   
ALA H    H  N N 7   
ALA H2   H  N N 8   
ALA HA   H  N N 9   
ALA HB1  H  N N 10  
ALA HB2  H  N N 11  
ALA HB3  H  N N 12  
ALA HXT  H  N N 13  
ARG N    N  N N 14  
ARG CA   C  N S 15  
ARG C    C  N N 16  
ARG O    O  N N 17  
ARG CB   C  N N 18  
ARG CG   C  N N 19  
ARG CD   C  N N 20  
ARG NE   N  N N 21  
ARG CZ   C  N N 22  
ARG NH1  N  N N 23  
ARG NH2  N  N N 24  
ARG OXT  O  N N 25  
ARG H    H  N N 26  
ARG H2   H  N N 27  
ARG HA   H  N N 28  
ARG HB2  H  N N 29  
ARG HB3  H  N N 30  
ARG HG2  H  N N 31  
ARG HG3  H  N N 32  
ARG HD2  H  N N 33  
ARG HD3  H  N N 34  
ARG HE   H  N N 35  
ARG HH11 H  N N 36  
ARG HH12 H  N N 37  
ARG HH21 H  N N 38  
ARG HH22 H  N N 39  
ARG HXT  H  N N 40  
ASN N    N  N N 41  
ASN CA   C  N S 42  
ASN C    C  N N 43  
ASN O    O  N N 44  
ASN CB   C  N N 45  
ASN CG   C  N N 46  
ASN OD1  O  N N 47  
ASN ND2  N  N N 48  
ASN OXT  O  N N 49  
ASN H    H  N N 50  
ASN H2   H  N N 51  
ASN HA   H  N N 52  
ASN HB2  H  N N 53  
ASN HB3  H  N N 54  
ASN HD21 H  N N 55  
ASN HD22 H  N N 56  
ASN HXT  H  N N 57  
ASP N    N  N N 58  
ASP CA   C  N S 59  
ASP C    C  N N 60  
ASP O    O  N N 61  
ASP CB   C  N N 62  
ASP CG   C  N N 63  
ASP OD1  O  N N 64  
ASP OD2  O  N N 65  
ASP OXT  O  N N 66  
ASP H    H  N N 67  
ASP H2   H  N N 68  
ASP HA   H  N N 69  
ASP HB2  H  N N 70  
ASP HB3  H  N N 71  
ASP HD2  H  N N 72  
ASP HXT  H  N N 73  
BJZ C1   C  Y N 74  
BJZ C2   C  Y N 75  
BJZ C4   C  Y N 76  
BJZ C5   C  Y N 77  
BJZ C7   C  Y N 78  
BJZ C8   C  Y N 79  
BJZ CL10 CL N N 80  
BJZ N11  N  N N 81  
BJZ C12  C  N N 82  
BJZ N13  N  N N 83  
BJZ C14  C  N S 84  
BJZ C15  C  N N 85  
BJZ O16  O  N N 86  
BJZ C17  C  N N 87  
BJZ N20  N  N N 88  
BJZ C21  C  N N 89  
BJZ C24  C  N R 90  
BJZ C26  C  Y N 91  
BJZ C27  C  Y N 92  
BJZ C29  C  Y N 93  
BJZ C31  C  Y N 94  
BJZ C32  C  Y N 95  
BJZ C34  C  Y N 96  
BJZ C36  C  N N 97  
BJZ N37  N  N N 98  
BJZ C38  C  Y N 99  
BJZ N39  N  Y N 100 
BJZ C40  C  Y N 101 
BJZ C42  C  Y N 102 
BJZ C43  C  Y N 103 
BJZ C45  C  Y N 104 
BJZ C47  C  N N 105 
BJZ O48  O  N N 106 
BJZ O49  O  N N 107 
BJZ C51  C  N N 108 
BJZ O55  O  N N 109 
BJZ CL56 CL N N 110 
BJZ H2   H  N N 111 
BJZ H5   H  N N 112 
BJZ H8   H  N N 113 
BJZ H17  H  N N 114 
BJZ H17A H  N N 115 
BJZ H21  H  N N 116 
BJZ H21A H  N N 117 
BJZ H24  H  N N 118 
BJZ H27  H  N N 119 
BJZ H29  H  N N 120 
BJZ H32  H  N N 121 
BJZ H34  H  N N 122 
BJZ H40  H  N N 123 
BJZ H43  H  N N 124 
BJZ H45  H  N N 125 
BJZ HO49 H  N N 126 
BJZ H51  H  N N 127 
BJZ H51A H  N N 128 
BJZ H51B H  N N 129 
GLN N    N  N N 130 
GLN CA   C  N S 131 
GLN C    C  N N 132 
GLN O    O  N N 133 
GLN CB   C  N N 134 
GLN CG   C  N N 135 
GLN CD   C  N N 136 
GLN OE1  O  N N 137 
GLN NE2  N  N N 138 
GLN OXT  O  N N 139 
GLN H    H  N N 140 
GLN H2   H  N N 141 
GLN HA   H  N N 142 
GLN HB2  H  N N 143 
GLN HB3  H  N N 144 
GLN HG2  H  N N 145 
GLN HG3  H  N N 146 
GLN HE21 H  N N 147 
GLN HE22 H  N N 148 
GLN HXT  H  N N 149 
GLU N    N  N N 150 
GLU CA   C  N S 151 
GLU C    C  N N 152 
GLU O    O  N N 153 
GLU CB   C  N N 154 
GLU CG   C  N N 155 
GLU CD   C  N N 156 
GLU OE1  O  N N 157 
GLU OE2  O  N N 158 
GLU OXT  O  N N 159 
GLU H    H  N N 160 
GLU H2   H  N N 161 
GLU HA   H  N N 162 
GLU HB2  H  N N 163 
GLU HB3  H  N N 164 
GLU HG2  H  N N 165 
GLU HG3  H  N N 166 
GLU HE2  H  N N 167 
GLU HXT  H  N N 168 
GLY N    N  N N 169 
GLY CA   C  N N 170 
GLY C    C  N N 171 
GLY O    O  N N 172 
GLY OXT  O  N N 173 
GLY H    H  N N 174 
GLY H2   H  N N 175 
GLY HA2  H  N N 176 
GLY HA3  H  N N 177 
GLY HXT  H  N N 178 
HIS N    N  N N 179 
HIS CA   C  N S 180 
HIS C    C  N N 181 
HIS O    O  N N 182 
HIS CB   C  N N 183 
HIS CG   C  Y N 184 
HIS ND1  N  Y N 185 
HIS CD2  C  Y N 186 
HIS CE1  C  Y N 187 
HIS NE2  N  Y N 188 
HIS OXT  O  N N 189 
HIS H    H  N N 190 
HIS H2   H  N N 191 
HIS HA   H  N N 192 
HIS HB2  H  N N 193 
HIS HB3  H  N N 194 
HIS HD1  H  N N 195 
HIS HD2  H  N N 196 
HIS HE1  H  N N 197 
HIS HE2  H  N N 198 
HIS HXT  H  N N 199 
HOH O    O  N N 200 
HOH H1   H  N N 201 
HOH H2   H  N N 202 
ILE N    N  N N 203 
ILE CA   C  N S 204 
ILE C    C  N N 205 
ILE O    O  N N 206 
ILE CB   C  N S 207 
ILE CG1  C  N N 208 
ILE CG2  C  N N 209 
ILE CD1  C  N N 210 
ILE OXT  O  N N 211 
ILE H    H  N N 212 
ILE H2   H  N N 213 
ILE HA   H  N N 214 
ILE HB   H  N N 215 
ILE HG12 H  N N 216 
ILE HG13 H  N N 217 
ILE HG21 H  N N 218 
ILE HG22 H  N N 219 
ILE HG23 H  N N 220 
ILE HD11 H  N N 221 
ILE HD12 H  N N 222 
ILE HD13 H  N N 223 
ILE HXT  H  N N 224 
LEU N    N  N N 225 
LEU CA   C  N S 226 
LEU C    C  N N 227 
LEU O    O  N N 228 
LEU CB   C  N N 229 
LEU CG   C  N N 230 
LEU CD1  C  N N 231 
LEU CD2  C  N N 232 
LEU OXT  O  N N 233 
LEU H    H  N N 234 
LEU H2   H  N N 235 
LEU HA   H  N N 236 
LEU HB2  H  N N 237 
LEU HB3  H  N N 238 
LEU HG   H  N N 239 
LEU HD11 H  N N 240 
LEU HD12 H  N N 241 
LEU HD13 H  N N 242 
LEU HD21 H  N N 243 
LEU HD22 H  N N 244 
LEU HD23 H  N N 245 
LEU HXT  H  N N 246 
LYS N    N  N N 247 
LYS CA   C  N S 248 
LYS C    C  N N 249 
LYS O    O  N N 250 
LYS CB   C  N N 251 
LYS CG   C  N N 252 
LYS CD   C  N N 253 
LYS CE   C  N N 254 
LYS NZ   N  N N 255 
LYS OXT  O  N N 256 
LYS H    H  N N 257 
LYS H2   H  N N 258 
LYS HA   H  N N 259 
LYS HB2  H  N N 260 
LYS HB3  H  N N 261 
LYS HG2  H  N N 262 
LYS HG3  H  N N 263 
LYS HD2  H  N N 264 
LYS HD3  H  N N 265 
LYS HE2  H  N N 266 
LYS HE3  H  N N 267 
LYS HZ1  H  N N 268 
LYS HZ2  H  N N 269 
LYS HZ3  H  N N 270 
LYS HXT  H  N N 271 
MET N    N  N N 272 
MET CA   C  N S 273 
MET C    C  N N 274 
MET O    O  N N 275 
MET CB   C  N N 276 
MET CG   C  N N 277 
MET SD   S  N N 278 
MET CE   C  N N 279 
MET OXT  O  N N 280 
MET H    H  N N 281 
MET H2   H  N N 282 
MET HA   H  N N 283 
MET HB2  H  N N 284 
MET HB3  H  N N 285 
MET HG2  H  N N 286 
MET HG3  H  N N 287 
MET HE1  H  N N 288 
MET HE2  H  N N 289 
MET HE3  H  N N 290 
MET HXT  H  N N 291 
NO3 N    N  N N 292 
NO3 O1   O  N N 293 
NO3 O2   O  N N 294 
NO3 O3   O  N N 295 
PHE N    N  N N 296 
PHE CA   C  N S 297 
PHE C    C  N N 298 
PHE O    O  N N 299 
PHE CB   C  N N 300 
PHE CG   C  Y N 301 
PHE CD1  C  Y N 302 
PHE CD2  C  Y N 303 
PHE CE1  C  Y N 304 
PHE CE2  C  Y N 305 
PHE CZ   C  Y N 306 
PHE OXT  O  N N 307 
PHE H    H  N N 308 
PHE H2   H  N N 309 
PHE HA   H  N N 310 
PHE HB2  H  N N 311 
PHE HB3  H  N N 312 
PHE HD1  H  N N 313 
PHE HD2  H  N N 314 
PHE HE1  H  N N 315 
PHE HE2  H  N N 316 
PHE HZ   H  N N 317 
PHE HXT  H  N N 318 
PRO N    N  N N 319 
PRO CA   C  N S 320 
PRO C    C  N N 321 
PRO O    O  N N 322 
PRO CB   C  N N 323 
PRO CG   C  N N 324 
PRO CD   C  N N 325 
PRO OXT  O  N N 326 
PRO H    H  N N 327 
PRO HA   H  N N 328 
PRO HB2  H  N N 329 
PRO HB3  H  N N 330 
PRO HG2  H  N N 331 
PRO HG3  H  N N 332 
PRO HD2  H  N N 333 
PRO HD3  H  N N 334 
PRO HXT  H  N N 335 
SER N    N  N N 336 
SER CA   C  N S 337 
SER C    C  N N 338 
SER O    O  N N 339 
SER CB   C  N N 340 
SER OG   O  N N 341 
SER OXT  O  N N 342 
SER H    H  N N 343 
SER H2   H  N N 344 
SER HA   H  N N 345 
SER HB2  H  N N 346 
SER HB3  H  N N 347 
SER HG   H  N N 348 
SER HXT  H  N N 349 
THR N    N  N N 350 
THR CA   C  N S 351 
THR C    C  N N 352 
THR O    O  N N 353 
THR CB   C  N R 354 
THR OG1  O  N N 355 
THR CG2  C  N N 356 
THR OXT  O  N N 357 
THR H    H  N N 358 
THR H2   H  N N 359 
THR HA   H  N N 360 
THR HB   H  N N 361 
THR HG1  H  N N 362 
THR HG21 H  N N 363 
THR HG22 H  N N 364 
THR HG23 H  N N 365 
THR HXT  H  N N 366 
TYR N    N  N N 367 
TYR CA   C  N S 368 
TYR C    C  N N 369 
TYR O    O  N N 370 
TYR CB   C  N N 371 
TYR CG   C  Y N 372 
TYR CD1  C  Y N 373 
TYR CD2  C  Y N 374 
TYR CE1  C  Y N 375 
TYR CE2  C  Y N 376 
TYR CZ   C  Y N 377 
TYR OH   O  N N 378 
TYR OXT  O  N N 379 
TYR H    H  N N 380 
TYR H2   H  N N 381 
TYR HA   H  N N 382 
TYR HB2  H  N N 383 
TYR HB3  H  N N 384 
TYR HD1  H  N N 385 
TYR HD2  H  N N 386 
TYR HE1  H  N N 387 
TYR HE2  H  N N 388 
TYR HH   H  N N 389 
TYR HXT  H  N N 390 
VAL N    N  N N 391 
VAL CA   C  N S 392 
VAL C    C  N N 393 
VAL O    O  N N 394 
VAL CB   C  N N 395 
VAL CG1  C  N N 396 
VAL CG2  C  N N 397 
VAL OXT  O  N N 398 
VAL H    H  N N 399 
VAL H2   H  N N 400 
VAL HA   H  N N 401 
VAL HB   H  N N 402 
VAL HG11 H  N N 403 
VAL HG12 H  N N 404 
VAL HG13 H  N N 405 
VAL HG21 H  N N 406 
VAL HG22 H  N N 407 
VAL HG23 H  N N 408 
VAL HXT  H  N N 409 
# 
loop_
_chem_comp_bond.comp_id 
_chem_comp_bond.atom_id_1 
_chem_comp_bond.atom_id_2 
_chem_comp_bond.value_order 
_chem_comp_bond.pdbx_aromatic_flag 
_chem_comp_bond.pdbx_stereo_config 
_chem_comp_bond.pdbx_ordinal 
ALA N    CA   sing N N 1   
ALA N    H    sing N N 2   
ALA N    H2   sing N N 3   
ALA CA   C    sing N N 4   
ALA CA   CB   sing N N 5   
ALA CA   HA   sing N N 6   
ALA C    O    doub N N 7   
ALA C    OXT  sing N N 8   
ALA CB   HB1  sing N N 9   
ALA CB   HB2  sing N N 10  
ALA CB   HB3  sing N N 11  
ALA OXT  HXT  sing N N 12  
ARG N    CA   sing N N 13  
ARG N    H    sing N N 14  
ARG N    H2   sing N N 15  
ARG CA   C    sing N N 16  
ARG CA   CB   sing N N 17  
ARG CA   HA   sing N N 18  
ARG C    O    doub N N 19  
ARG C    OXT  sing N N 20  
ARG CB   CG   sing N N 21  
ARG CB   HB2  sing N N 22  
ARG CB   HB3  sing N N 23  
ARG CG   CD   sing N N 24  
ARG CG   HG2  sing N N 25  
ARG CG   HG3  sing N N 26  
ARG CD   NE   sing N N 27  
ARG CD   HD2  sing N N 28  
ARG CD   HD3  sing N N 29  
ARG NE   CZ   sing N N 30  
ARG NE   HE   sing N N 31  
ARG CZ   NH1  sing N N 32  
ARG CZ   NH2  doub N N 33  
ARG NH1  HH11 sing N N 34  
ARG NH1  HH12 sing N N 35  
ARG NH2  HH21 sing N N 36  
ARG NH2  HH22 sing N N 37  
ARG OXT  HXT  sing N N 38  
ASN N    CA   sing N N 39  
ASN N    H    sing N N 40  
ASN N    H2   sing N N 41  
ASN CA   C    sing N N 42  
ASN CA   CB   sing N N 43  
ASN CA   HA   sing N N 44  
ASN C    O    doub N N 45  
ASN C    OXT  sing N N 46  
ASN CB   CG   sing N N 47  
ASN CB   HB2  sing N N 48  
ASN CB   HB3  sing N N 49  
ASN CG   OD1  doub N N 50  
ASN CG   ND2  sing N N 51  
ASN ND2  HD21 sing N N 52  
ASN ND2  HD22 sing N N 53  
ASN OXT  HXT  sing N N 54  
ASP N    CA   sing N N 55  
ASP N    H    sing N N 56  
ASP N    H2   sing N N 57  
ASP CA   C    sing N N 58  
ASP CA   CB   sing N N 59  
ASP CA   HA   sing N N 60  
ASP C    O    doub N N 61  
ASP C    OXT  sing N N 62  
ASP CB   CG   sing N N 63  
ASP CB   HB2  sing N N 64  
ASP CB   HB3  sing N N 65  
ASP CG   OD1  doub N N 66  
ASP CG   OD2  sing N N 67  
ASP OD2  HD2  sing N N 68  
ASP OXT  HXT  sing N N 69  
BJZ CL56 C1   sing N N 70  
BJZ C2   C1   doub Y N 71  
BJZ C1   C8   sing Y N 72  
BJZ C2   C4   sing Y N 73  
BJZ C2   H2   sing N N 74  
BJZ N11  C4   sing N N 75  
BJZ C4   C5   doub Y N 76  
BJZ C5   C7   sing Y N 77  
BJZ C5   H5   sing N N 78  
BJZ C8   C7   doub Y N 79  
BJZ C7   CL10 sing N N 80  
BJZ C8   H8   sing N N 81  
BJZ C15  N11  sing N N 82  
BJZ N11  C12  sing N N 83  
BJZ N13  C12  sing N N 84  
BJZ C12  O55  doub N N 85  
BJZ C14  N13  sing N N 86  
BJZ N13  C51  sing N N 87  
BJZ C24  C14  sing N N 88  
BJZ C17  C14  sing N N 89  
BJZ C14  C15  sing N N 90  
BJZ O16  C15  doub N N 91  
BJZ N20  C17  sing N N 92  
BJZ C17  H17  sing N N 93  
BJZ C17  H17A sing N N 94  
BJZ C38  N20  sing N N 95  
BJZ C21  N20  sing N N 96  
BJZ C21  C24  sing N N 97  
BJZ C21  H21  sing N N 98  
BJZ C21  H21A sing N N 99  
BJZ C26  C24  sing N N 100 
BJZ C24  H24  sing N N 101 
BJZ C34  C26  doub Y N 102 
BJZ C26  C27  sing Y N 103 
BJZ C27  C29  doub Y N 104 
BJZ C27  H27  sing N N 105 
BJZ C31  C29  sing Y N 106 
BJZ C29  H29  sing N N 107 
BJZ C32  C31  doub Y N 108 
BJZ C31  C36  sing N N 109 
BJZ C34  C32  sing Y N 110 
BJZ C32  H32  sing N N 111 
BJZ C34  H34  sing N N 112 
BJZ C36  N37  trip N N 113 
BJZ C45  C38  doub Y N 114 
BJZ C38  N39  sing Y N 115 
BJZ C40  N39  doub Y N 116 
BJZ C42  C40  sing Y N 117 
BJZ C40  H40  sing N N 118 
BJZ C47  C42  sing N N 119 
BJZ C43  C42  doub Y N 120 
BJZ C43  C45  sing Y N 121 
BJZ C43  H43  sing N N 122 
BJZ C45  H45  sing N N 123 
BJZ O48  C47  doub N N 124 
BJZ C47  O49  sing N N 125 
BJZ O49  HO49 sing N N 126 
BJZ C51  H51  sing N N 127 
BJZ C51  H51A sing N N 128 
BJZ C51  H51B sing N N 129 
GLN N    CA   sing N N 130 
GLN N    H    sing N N 131 
GLN N    H2   sing N N 132 
GLN CA   C    sing N N 133 
GLN CA   CB   sing N N 134 
GLN CA   HA   sing N N 135 
GLN C    O    doub N N 136 
GLN C    OXT  sing N N 137 
GLN CB   CG   sing N N 138 
GLN CB   HB2  sing N N 139 
GLN CB   HB3  sing N N 140 
GLN CG   CD   sing N N 141 
GLN CG   HG2  sing N N 142 
GLN CG   HG3  sing N N 143 
GLN CD   OE1  doub N N 144 
GLN CD   NE2  sing N N 145 
GLN NE2  HE21 sing N N 146 
GLN NE2  HE22 sing N N 147 
GLN OXT  HXT  sing N N 148 
GLU N    CA   sing N N 149 
GLU N    H    sing N N 150 
GLU N    H2   sing N N 151 
GLU CA   C    sing N N 152 
GLU CA   CB   sing N N 153 
GLU CA   HA   sing N N 154 
GLU C    O    doub N N 155 
GLU C    OXT  sing N N 156 
GLU CB   CG   sing N N 157 
GLU CB   HB2  sing N N 158 
GLU CB   HB3  sing N N 159 
GLU CG   CD   sing N N 160 
GLU CG   HG2  sing N N 161 
GLU CG   HG3  sing N N 162 
GLU CD   OE1  doub N N 163 
GLU CD   OE2  sing N N 164 
GLU OE2  HE2  sing N N 165 
GLU OXT  HXT  sing N N 166 
GLY N    CA   sing N N 167 
GLY N    H    sing N N 168 
GLY N    H2   sing N N 169 
GLY CA   C    sing N N 170 
GLY CA   HA2  sing N N 171 
GLY CA   HA3  sing N N 172 
GLY C    O    doub N N 173 
GLY C    OXT  sing N N 174 
GLY OXT  HXT  sing N N 175 
HIS N    CA   sing N N 176 
HIS N    H    sing N N 177 
HIS N    H2   sing N N 178 
HIS CA   C    sing N N 179 
HIS CA   CB   sing N N 180 
HIS CA   HA   sing N N 181 
HIS C    O    doub N N 182 
HIS C    OXT  sing N N 183 
HIS CB   CG   sing N N 184 
HIS CB   HB2  sing N N 185 
HIS CB   HB3  sing N N 186 
HIS CG   ND1  sing Y N 187 
HIS CG   CD2  doub Y N 188 
HIS ND1  CE1  doub Y N 189 
HIS ND1  HD1  sing N N 190 
HIS CD2  NE2  sing Y N 191 
HIS CD2  HD2  sing N N 192 
HIS CE1  NE2  sing Y N 193 
HIS CE1  HE1  sing N N 194 
HIS NE2  HE2  sing N N 195 
HIS OXT  HXT  sing N N 196 
HOH O    H1   sing N N 197 
HOH O    H2   sing N N 198 
ILE N    CA   sing N N 199 
ILE N    H    sing N N 200 
ILE N    H2   sing N N 201 
ILE CA   C    sing N N 202 
ILE CA   CB   sing N N 203 
ILE CA   HA   sing N N 204 
ILE C    O    doub N N 205 
ILE C    OXT  sing N N 206 
ILE CB   CG1  sing N N 207 
ILE CB   CG2  sing N N 208 
ILE CB   HB   sing N N 209 
ILE CG1  CD1  sing N N 210 
ILE CG1  HG12 sing N N 211 
ILE CG1  HG13 sing N N 212 
ILE CG2  HG21 sing N N 213 
ILE CG2  HG22 sing N N 214 
ILE CG2  HG23 sing N N 215 
ILE CD1  HD11 sing N N 216 
ILE CD1  HD12 sing N N 217 
ILE CD1  HD13 sing N N 218 
ILE OXT  HXT  sing N N 219 
LEU N    CA   sing N N 220 
LEU N    H    sing N N 221 
LEU N    H2   sing N N 222 
LEU CA   C    sing N N 223 
LEU CA   CB   sing N N 224 
LEU CA   HA   sing N N 225 
LEU C    O    doub N N 226 
LEU C    OXT  sing N N 227 
LEU CB   CG   sing N N 228 
LEU CB   HB2  sing N N 229 
LEU CB   HB3  sing N N 230 
LEU CG   CD1  sing N N 231 
LEU CG   CD2  sing N N 232 
LEU CG   HG   sing N N 233 
LEU CD1  HD11 sing N N 234 
LEU CD1  HD12 sing N N 235 
LEU CD1  HD13 sing N N 236 
LEU CD2  HD21 sing N N 237 
LEU CD2  HD22 sing N N 238 
LEU CD2  HD23 sing N N 239 
LEU OXT  HXT  sing N N 240 
LYS N    CA   sing N N 241 
LYS N    H    sing N N 242 
LYS N    H2   sing N N 243 
LYS CA   C    sing N N 244 
LYS CA   CB   sing N N 245 
LYS CA   HA   sing N N 246 
LYS C    O    doub N N 247 
LYS C    OXT  sing N N 248 
LYS CB   CG   sing N N 249 
LYS CB   HB2  sing N N 250 
LYS CB   HB3  sing N N 251 
LYS CG   CD   sing N N 252 
LYS CG   HG2  sing N N 253 
LYS CG   HG3  sing N N 254 
LYS CD   CE   sing N N 255 
LYS CD   HD2  sing N N 256 
LYS CD   HD3  sing N N 257 
LYS CE   NZ   sing N N 258 
LYS CE   HE2  sing N N 259 
LYS CE   HE3  sing N N 260 
LYS NZ   HZ1  sing N N 261 
LYS NZ   HZ2  sing N N 262 
LYS NZ   HZ3  sing N N 263 
LYS OXT  HXT  sing N N 264 
MET N    CA   sing N N 265 
MET N    H    sing N N 266 
MET N    H2   sing N N 267 
MET CA   C    sing N N 268 
MET CA   CB   sing N N 269 
MET CA   HA   sing N N 270 
MET C    O    doub N N 271 
MET C    OXT  sing N N 272 
MET CB   CG   sing N N 273 
MET CB   HB2  sing N N 274 
MET CB   HB3  sing N N 275 
MET CG   SD   sing N N 276 
MET CG   HG2  sing N N 277 
MET CG   HG3  sing N N 278 
MET SD   CE   sing N N 279 
MET CE   HE1  sing N N 280 
MET CE   HE2  sing N N 281 
MET CE   HE3  sing N N 282 
MET OXT  HXT  sing N N 283 
NO3 N    O1   doub N N 284 
NO3 N    O2   sing N N 285 
NO3 N    O3   sing N N 286 
PHE N    CA   sing N N 287 
PHE N    H    sing N N 288 
PHE N    H2   sing N N 289 
PHE CA   C    sing N N 290 
PHE CA   CB   sing N N 291 
PHE CA   HA   sing N N 292 
PHE C    O    doub N N 293 
PHE C    OXT  sing N N 294 
PHE CB   CG   sing N N 295 
PHE CB   HB2  sing N N 296 
PHE CB   HB3  sing N N 297 
PHE CG   CD1  doub Y N 298 
PHE CG   CD2  sing Y N 299 
PHE CD1  CE1  sing Y N 300 
PHE CD1  HD1  sing N N 301 
PHE CD2  CE2  doub Y N 302 
PHE CD2  HD2  sing N N 303 
PHE CE1  CZ   doub Y N 304 
PHE CE1  HE1  sing N N 305 
PHE CE2  CZ   sing Y N 306 
PHE CE2  HE2  sing N N 307 
PHE CZ   HZ   sing N N 308 
PHE OXT  HXT  sing N N 309 
PRO N    CA   sing N N 310 
PRO N    CD   sing N N 311 
PRO N    H    sing N N 312 
PRO CA   C    sing N N 313 
PRO CA   CB   sing N N 314 
PRO CA   HA   sing N N 315 
PRO C    O    doub N N 316 
PRO C    OXT  sing N N 317 
PRO CB   CG   sing N N 318 
PRO CB   HB2  sing N N 319 
PRO CB   HB3  sing N N 320 
PRO CG   CD   sing N N 321 
PRO CG   HG2  sing N N 322 
PRO CG   HG3  sing N N 323 
PRO CD   HD2  sing N N 324 
PRO CD   HD3  sing N N 325 
PRO OXT  HXT  sing N N 326 
SER N    CA   sing N N 327 
SER N    H    sing N N 328 
SER N    H2   sing N N 329 
SER CA   C    sing N N 330 
SER CA   CB   sing N N 331 
SER CA   HA   sing N N 332 
SER C    O    doub N N 333 
SER C    OXT  sing N N 334 
SER CB   OG   sing N N 335 
SER CB   HB2  sing N N 336 
SER CB   HB3  sing N N 337 
SER OG   HG   sing N N 338 
SER OXT  HXT  sing N N 339 
THR N    CA   sing N N 340 
THR N    H    sing N N 341 
THR N    H2   sing N N 342 
THR CA   C    sing N N 343 
THR CA   CB   sing N N 344 
THR CA   HA   sing N N 345 
THR C    O    doub N N 346 
THR C    OXT  sing N N 347 
THR CB   OG1  sing N N 348 
THR CB   CG2  sing N N 349 
THR CB   HB   sing N N 350 
THR OG1  HG1  sing N N 351 
THR CG2  HG21 sing N N 352 
THR CG2  HG22 sing N N 353 
THR CG2  HG23 sing N N 354 
THR OXT  HXT  sing N N 355 
TYR N    CA   sing N N 356 
TYR N    H    sing N N 357 
TYR N    H2   sing N N 358 
TYR CA   C    sing N N 359 
TYR CA   CB   sing N N 360 
TYR CA   HA   sing N N 361 
TYR C    O    doub N N 362 
TYR C    OXT  sing N N 363 
TYR CB   CG   sing N N 364 
TYR CB   HB2  sing N N 365 
TYR CB   HB3  sing N N 366 
TYR CG   CD1  doub Y N 367 
TYR CG   CD2  sing Y N 368 
TYR CD1  CE1  sing Y N 369 
TYR CD1  HD1  sing N N 370 
TYR CD2  CE2  doub Y N 371 
TYR CD2  HD2  sing N N 372 
TYR CE1  CZ   doub Y N 373 
TYR CE1  HE1  sing N N 374 
TYR CE2  CZ   sing Y N 375 
TYR CE2  HE2  sing N N 376 
TYR CZ   OH   sing N N 377 
TYR OH   HH   sing N N 378 
TYR OXT  HXT  sing N N 379 
VAL N    CA   sing N N 380 
VAL N    H    sing N N 381 
VAL N    H2   sing N N 382 
VAL CA   C    sing N N 383 
VAL CA   CB   sing N N 384 
VAL CA   HA   sing N N 385 
VAL C    O    doub N N 386 
VAL C    OXT  sing N N 387 
VAL CB   CG1  sing N N 388 
VAL CB   CG2  sing N N 389 
VAL CB   HB   sing N N 390 
VAL CG1  HG11 sing N N 391 
VAL CG1  HG12 sing N N 392 
VAL CG1  HG13 sing N N 393 
VAL CG2  HG21 sing N N 394 
VAL CG2  HG22 sing N N 395 
VAL CG2  HG23 sing N N 396 
VAL OXT  HXT  sing N N 397 
# 
loop_
_pdbx_entity_nonpoly.entity_id 
_pdbx_entity_nonpoly.name 
_pdbx_entity_nonpoly.comp_id 
2 
'6-[(5S,9R)-9-(4-cyanophenyl)-3-(3,5-dichlorophenyl)-1-methyl-2,4-dioxo-1,3,7-triazaspiro[4.4]non-7-yl]pyridine-3-carboxylic acid' 
BJZ 
3 'NITRATE ION' NO3 
4 water HOH 
# 
_pdbx_initial_refinement_model.id               1 
_pdbx_initial_refinement_model.entity_id_list   ? 
_pdbx_initial_refinement_model.type             'experimental model' 
_pdbx_initial_refinement_model.source_name      PDB 
_pdbx_initial_refinement_model.accession_code   1LFA 
_pdbx_initial_refinement_model.details          'PDB ENTRY 1LFA' 
# 
